data_2R3V
#
_entry.id   2R3V
#
_cell.length_a   102.030
_cell.length_b   78.200
_cell.length_c   109.450
_cell.angle_alpha   90.00
_cell.angle_beta   113.33
_cell.angle_gamma   90.00
#
_symmetry.space_group_name_H-M   'P 1 21 1'
#
loop_
_entity.id
_entity.type
_entity.pdbx_description
1 polymer 'Mevalonate kinase'
2 water water
#
_entity_poly.entity_id   1
_entity_poly.type   'polypeptide(L)'
_entity_poly.pdbx_seq_one_letter_code
;MLSEVLLVSAPGKVILHGEHAVVHGKVALAVSLNLRTFLRLQPHSNGKVDLSLPNIGIKRAWDVARLQSLDTSFLEQGDV
TTPTSEQVEKLKEVAGLPDDCAVTERLAVLAFLYLYLSICRKQRALPSLDIVVWSELPPGAGLGSSAAYSVCLAAALLTV
CEEIPNPLKDGDCVNRWTKEDLELINKWAFQGERMIHGNPSGVDNAVSTWGGALRYHQGKISSLKRSPALQILLTNTKVP
RNTRALVAGVRNRLLKFPEIVAPLLTSIDAISLECERVLGEMGEAPAPEQYLVLEELIDMNQHHLNALGVGHASLDQLCQ
VTRARGLHSKLTGAGGGGCGITLLKPGLEQPEVEATKQALTSCGFDCLETSIGAPGVSIHSATSLDSRVQQALDGL
;
_entity_poly.pdbx_strand_id   A,B,C,D
#
# COMPACT_ATOMS: atom_id res chain seq x y z
N LEU A 2 28.75 -47.15 17.57
CA LEU A 2 29.23 -48.30 16.76
C LEU A 2 28.20 -48.72 15.70
N SER A 3 28.29 -48.09 14.53
CA SER A 3 27.41 -48.41 13.41
C SER A 3 27.63 -47.54 12.19
N GLU A 4 27.71 -48.19 11.04
CA GLU A 4 27.93 -47.50 9.78
C GLU A 4 26.66 -46.82 9.32
N VAL A 5 25.53 -47.45 9.60
CA VAL A 5 24.23 -46.90 9.23
C VAL A 5 23.93 -45.70 10.13
N LEU A 6 23.55 -44.58 9.52
CA LEU A 6 23.24 -43.36 10.26
C LEU A 6 21.76 -42.95 10.31
N LEU A 7 21.28 -42.66 11.53
CA LEU A 7 19.91 -42.21 11.77
C LEU A 7 19.89 -40.84 12.45
N VAL A 8 19.69 -39.78 11.67
CA VAL A 8 19.67 -38.42 12.19
C VAL A 8 18.32 -37.71 12.08
N SER A 9 18.04 -36.85 13.07
CA SER A 9 16.80 -36.08 13.11
C SER A 9 17.07 -34.63 13.50
N ALA A 10 16.19 -33.73 13.05
CA ALA A 10 16.25 -32.30 13.34
C ALA A 10 14.82 -31.81 13.37
N PRO A 11 14.52 -30.83 14.24
CA PRO A 11 13.19 -30.23 14.41
C PRO A 11 12.93 -29.03 13.51
N GLY A 12 11.65 -28.76 13.26
CA GLY A 12 11.28 -27.61 12.45
C GLY A 12 11.16 -26.43 13.39
N LYS A 13 10.81 -25.26 12.89
CA LYS A 13 10.73 -24.08 13.75
C LYS A 13 9.42 -23.32 13.69
N VAL A 14 9.13 -22.61 14.77
CA VAL A 14 7.94 -21.76 14.85
C VAL A 14 8.31 -20.53 15.68
N ILE A 15 7.66 -19.40 15.38
CA ILE A 15 7.90 -18.15 16.09
C ILE A 15 6.99 -18.03 17.30
N LEU A 16 7.56 -17.92 18.50
CA LEU A 16 6.74 -17.81 19.71
C LEU A 16 6.22 -16.36 19.92
N HIS A 17 7.08 -15.38 19.62
CA HIS A 17 6.73 -13.96 19.75
C HIS A 17 7.60 -13.24 18.76
N GLY A 18 7.06 -12.21 18.10
CA GLY A 18 7.84 -11.47 17.13
C GLY A 18 7.26 -11.38 15.73
N GLU A 19 6.50 -12.39 15.33
CA GLU A 19 5.89 -12.44 14.00
C GLU A 19 6.11 -11.31 13.00
N HIS A 20 5.58 -10.12 13.24
CA HIS A 20 5.81 -9.07 12.24
C HIS A 20 6.59 -7.86 12.73
N ALA A 21 6.94 -7.87 13.99
CA ALA A 21 7.68 -6.78 14.60
C ALA A 21 9.10 -6.77 14.07
N VAL A 22 9.80 -7.90 14.19
CA VAL A 22 11.19 -8.03 13.72
C VAL A 22 11.44 -7.35 12.39
N VAL A 23 10.50 -7.50 11.45
CA VAL A 23 10.64 -6.88 10.14
C VAL A 23 10.84 -5.37 10.33
N HIS A 24 10.60 -4.92 11.56
CA HIS A 24 10.69 -3.51 11.91
C HIS A 24 11.62 -3.20 13.08
N GLY A 25 12.64 -4.04 13.25
CA GLY A 25 13.60 -3.80 14.30
C GLY A 25 13.26 -4.33 15.67
N LYS A 26 12.27 -5.21 15.74
CA LYS A 26 11.89 -5.77 17.03
C LYS A 26 12.46 -7.16 17.26
N VAL A 27 12.26 -7.68 18.46
CA VAL A 27 12.79 -8.99 18.84
C VAL A 27 11.82 -10.15 18.68
N ALA A 28 12.24 -11.15 17.93
CA ALA A 28 11.43 -12.34 17.73
C ALA A 28 12.06 -13.49 18.51
N LEU A 29 11.25 -14.47 18.89
CA LEU A 29 11.74 -15.63 19.59
C LEU A 29 11.35 -16.83 18.79
N ALA A 30 12.35 -17.45 18.16
CA ALA A 30 12.16 -18.64 17.36
C ALA A 30 12.47 -19.87 18.20
N VAL A 31 11.53 -20.80 18.27
CA VAL A 31 11.70 -22.02 19.03
C VAL A 31 11.65 -23.20 18.09
N SER A 32 12.21 -24.33 18.53
CA SER A 32 12.21 -25.53 17.70
C SER A 32 10.89 -26.23 17.94
N LEU A 33 10.34 -26.80 16.88
CA LEU A 33 9.08 -27.52 16.94
C LEU A 33 9.42 -29.00 16.87
N ASN A 34 9.26 -29.69 17.97
CA ASN A 34 9.59 -31.10 18.00
C ASN A 34 8.74 -32.03 17.16
N LEU A 35 8.40 -31.57 15.96
CA LEU A 35 7.68 -32.35 15.00
C LEU A 35 8.84 -32.62 14.06
N ARG A 36 9.77 -33.45 14.55
CA ARG A 36 11.03 -33.85 13.88
C ARG A 36 11.01 -34.46 12.48
N THR A 37 12.14 -34.29 11.79
CA THR A 37 12.36 -34.82 10.46
C THR A 37 13.51 -35.84 10.55
N PHE A 38 13.38 -36.97 9.86
CA PHE A 38 14.44 -37.98 9.93
C PHE A 38 15.19 -38.28 8.63
N LEU A 39 16.43 -38.74 8.78
CA LEU A 39 17.25 -39.12 7.65
C LEU A 39 17.97 -40.42 7.96
N ARG A 40 17.78 -41.41 7.10
CA ARG A 40 18.39 -42.73 7.22
C ARG A 40 19.51 -42.83 6.19
N LEU A 41 20.76 -42.87 6.63
CA LEU A 41 21.90 -42.95 5.71
C LEU A 41 22.68 -44.24 5.83
N GLN A 42 22.88 -44.94 4.71
CA GLN A 42 23.61 -46.20 4.73
C GLN A 42 24.51 -46.45 3.52
N PRO A 43 25.80 -46.74 3.76
CA PRO A 43 26.77 -47.00 2.69
C PRO A 43 26.56 -48.35 2.02
N HIS A 44 26.55 -48.34 0.69
CA HIS A 44 26.36 -49.55 -0.11
C HIS A 44 27.59 -49.99 -0.89
N SER A 45 27.57 -51.24 -1.35
CA SER A 45 28.67 -51.79 -2.15
C SER A 45 28.33 -51.46 -3.61
N ASN A 46 27.03 -51.33 -3.87
CA ASN A 46 26.52 -51.01 -5.20
C ASN A 46 26.77 -49.56 -5.57
N GLY A 47 27.44 -49.34 -6.70
CA GLY A 47 27.76 -48.00 -7.13
C GLY A 47 26.57 -47.12 -7.47
N LYS A 48 25.71 -46.90 -6.48
CA LYS A 48 24.52 -46.09 -6.71
C LYS A 48 24.09 -45.32 -5.46
N VAL A 49 23.80 -44.04 -5.67
CA VAL A 49 23.34 -43.15 -4.60
C VAL A 49 21.87 -42.91 -4.93
N ASP A 50 20.98 -43.29 -4.03
CA ASP A 50 19.55 -43.12 -4.25
C ASP A 50 18.83 -42.45 -3.07
N LEU A 51 17.93 -41.52 -3.42
CA LEU A 51 17.14 -40.74 -2.48
C LEU A 51 15.67 -41.12 -2.44
N SER A 52 15.18 -41.43 -1.24
CA SER A 52 13.78 -41.82 -1.06
C SER A 52 13.05 -40.90 -0.07
N LEU A 53 12.02 -40.22 -0.57
CA LEU A 53 11.23 -39.33 0.27
C LEU A 53 9.78 -39.76 0.21
N PRO A 54 9.40 -40.76 1.02
CA PRO A 54 8.03 -41.28 1.08
C PRO A 54 6.98 -40.19 1.24
N ASN A 55 7.23 -39.25 2.14
CA ASN A 55 6.32 -38.14 2.40
C ASN A 55 5.83 -37.48 1.11
N ILE A 56 6.71 -37.39 0.12
CA ILE A 56 6.35 -36.79 -1.17
C ILE A 56 6.10 -37.85 -2.23
N GLY A 57 6.52 -39.07 -1.95
CA GLY A 57 6.32 -40.16 -2.90
C GLY A 57 7.24 -40.12 -4.10
N ILE A 58 8.47 -39.67 -3.90
CA ILE A 58 9.43 -39.58 -4.99
C ILE A 58 10.71 -40.34 -4.67
N LYS A 59 11.32 -40.96 -5.68
CA LYS A 59 12.55 -41.70 -5.48
C LYS A 59 13.45 -41.59 -6.70
N ARG A 60 14.68 -41.14 -6.46
CA ARG A 60 15.67 -40.93 -7.53
C ARG A 60 17.00 -41.60 -7.18
N ALA A 61 17.75 -42.04 -8.20
CA ALA A 61 19.06 -42.67 -7.98
C ALA A 61 20.08 -42.20 -9.00
N TRP A 62 21.36 -42.39 -8.67
CA TRP A 62 22.45 -41.97 -9.54
C TRP A 62 23.60 -42.98 -9.53
N ASP A 63 24.21 -43.17 -10.70
CA ASP A 63 25.33 -44.09 -10.87
C ASP A 63 26.57 -43.39 -10.31
N VAL A 64 27.00 -43.77 -9.12
CA VAL A 64 28.16 -43.14 -8.51
C VAL A 64 29.25 -42.92 -9.55
N ALA A 65 29.44 -43.91 -10.43
CA ALA A 65 30.45 -43.84 -11.49
C ALA A 65 30.17 -42.64 -12.36
N ARG A 66 28.91 -42.47 -12.71
CA ARG A 66 28.44 -41.38 -13.56
C ARG A 66 28.64 -40.03 -12.87
N LEU A 67 28.58 -40.03 -11.54
CA LEU A 67 28.75 -38.79 -10.79
C LEU A 67 30.22 -38.47 -10.61
N GLN A 68 31.01 -39.48 -10.24
CA GLN A 68 32.44 -39.30 -10.05
C GLN A 68 33.09 -38.71 -11.29
N SER A 69 32.61 -39.13 -12.46
CA SER A 69 33.14 -38.67 -13.75
C SER A 69 33.25 -37.16 -13.86
N LEU A 70 32.12 -36.47 -13.65
CA LEU A 70 32.04 -35.03 -13.73
C LEU A 70 33.18 -34.33 -13.01
N ASP A 71 33.69 -33.25 -13.59
CA ASP A 71 34.75 -32.50 -12.93
C ASP A 71 34.04 -31.56 -11.98
N THR A 72 33.44 -32.17 -10.96
CA THR A 72 32.70 -31.45 -9.94
C THR A 72 33.65 -30.61 -9.10
N SER A 73 34.40 -29.73 -9.77
CA SER A 73 35.37 -28.86 -9.11
C SER A 73 34.81 -27.46 -8.96
N PHE A 74 33.68 -27.22 -9.61
CA PHE A 74 33.00 -25.93 -9.57
C PHE A 74 32.20 -25.81 -8.28
N LEU A 75 32.82 -26.21 -7.18
CA LEU A 75 32.15 -26.16 -5.88
C LEU A 75 32.99 -25.50 -4.81
N VAL A 80 30.89 -16.36 0.96
CA VAL A 80 31.33 -17.18 -0.22
C VAL A 80 30.27 -17.16 -1.32
N THR A 81 29.00 -17.06 -0.93
CA THR A 81 27.90 -17.04 -1.88
C THR A 81 28.03 -18.18 -2.90
N THR A 82 28.25 -19.38 -2.38
CA THR A 82 28.40 -20.57 -3.20
C THR A 82 27.28 -20.77 -4.22
N PRO A 83 26.06 -20.29 -3.90
CA PRO A 83 24.98 -20.48 -4.88
C PRO A 83 25.29 -19.64 -6.13
N THR A 84 25.74 -20.31 -7.19
CA THR A 84 26.08 -19.64 -8.44
C THR A 84 25.10 -20.05 -9.53
N SER A 85 24.89 -19.16 -10.49
CA SER A 85 24.00 -19.43 -11.61
C SER A 85 24.63 -20.55 -12.42
N GLU A 86 25.97 -20.55 -12.48
CA GLU A 86 26.72 -21.58 -13.19
C GLU A 86 26.58 -22.90 -12.44
N GLN A 87 26.76 -22.83 -11.13
CA GLN A 87 26.64 -24.02 -10.29
C GLN A 87 25.25 -24.60 -10.39
N VAL A 88 24.26 -23.88 -9.89
CA VAL A 88 22.88 -24.36 -9.94
C VAL A 88 22.51 -24.92 -11.31
N GLU A 89 23.08 -24.32 -12.34
CA GLU A 89 22.82 -24.74 -13.72
C GLU A 89 23.40 -26.12 -13.95
N LYS A 90 24.72 -26.25 -13.77
CA LYS A 90 25.41 -27.52 -13.94
C LYS A 90 24.74 -28.62 -13.10
N LEU A 91 24.40 -28.26 -11.87
CA LEU A 91 23.78 -29.18 -10.96
C LEU A 91 22.48 -29.75 -11.54
N LYS A 92 21.72 -28.91 -12.23
CA LYS A 92 20.46 -29.38 -12.82
C LYS A 92 20.75 -30.39 -13.90
N GLU A 93 21.88 -30.19 -14.58
CA GLU A 93 22.27 -31.10 -15.64
C GLU A 93 22.53 -32.44 -14.97
N VAL A 94 23.33 -32.43 -13.92
CA VAL A 94 23.63 -33.65 -13.17
C VAL A 94 22.34 -34.24 -12.66
N ALA A 95 21.45 -33.36 -12.22
CA ALA A 95 20.15 -33.75 -11.68
C ALA A 95 19.45 -34.82 -12.50
N GLY A 96 18.63 -34.38 -13.45
CA GLY A 96 17.89 -35.32 -14.27
C GLY A 96 16.40 -35.16 -13.99
N LEU A 97 16.03 -33.98 -13.50
CA LEU A 97 14.64 -33.69 -13.19
C LEU A 97 13.85 -33.52 -14.48
N PRO A 98 12.98 -34.48 -14.79
CA PRO A 98 12.16 -34.46 -16.00
C PRO A 98 11.53 -33.11 -16.30
N ASP A 99 11.89 -32.55 -17.46
CA ASP A 99 11.40 -31.26 -17.95
C ASP A 99 10.41 -30.63 -16.97
N ASP A 100 9.12 -30.87 -17.24
CA ASP A 100 8.04 -30.36 -16.39
C ASP A 100 8.05 -31.21 -15.11
N CYS A 101 8.60 -30.66 -14.03
CA CYS A 101 8.65 -31.38 -12.77
C CYS A 101 8.14 -30.56 -11.59
N ALA A 102 7.54 -31.25 -10.63
CA ALA A 102 6.99 -30.63 -9.44
C ALA A 102 8.01 -29.78 -8.73
N VAL A 103 7.63 -28.54 -8.46
CA VAL A 103 8.49 -27.59 -7.78
C VAL A 103 9.08 -28.12 -6.49
N THR A 104 8.25 -28.76 -5.67
CA THR A 104 8.69 -29.29 -4.39
C THR A 104 9.86 -30.26 -4.42
N GLU A 105 9.82 -31.22 -5.34
CA GLU A 105 10.87 -32.21 -5.40
C GLU A 105 12.08 -31.74 -6.20
N ARG A 106 11.89 -30.71 -7.01
CA ARG A 106 12.98 -30.19 -7.81
C ARG A 106 13.96 -29.49 -6.87
N LEU A 107 13.42 -29.00 -5.75
CA LEU A 107 14.19 -28.30 -4.73
C LEU A 107 14.74 -29.34 -3.76
N ALA A 108 13.97 -30.40 -3.55
CA ALA A 108 14.37 -31.47 -2.64
C ALA A 108 15.60 -32.21 -3.17
N VAL A 109 15.67 -32.35 -4.49
CA VAL A 109 16.75 -33.04 -5.13
C VAL A 109 17.99 -32.18 -5.31
N LEU A 110 17.80 -30.96 -5.81
CA LEU A 110 18.95 -30.07 -6.03
C LEU A 110 19.67 -29.70 -4.74
N ALA A 111 18.99 -29.79 -3.61
CA ALA A 111 19.59 -29.47 -2.31
C ALA A 111 20.43 -30.65 -1.84
N PHE A 112 19.98 -31.85 -2.22
CA PHE A 112 20.68 -33.08 -1.89
C PHE A 112 21.97 -33.15 -2.69
N LEU A 113 21.82 -33.11 -4.01
CA LEU A 113 22.95 -33.16 -4.92
C LEU A 113 23.99 -32.12 -4.56
N TYR A 114 23.55 -30.88 -4.44
CA TYR A 114 24.47 -29.82 -4.08
C TYR A 114 25.28 -30.23 -2.85
N LEU A 115 24.62 -30.72 -1.82
CA LEU A 115 25.30 -31.10 -0.59
C LEU A 115 26.12 -32.36 -0.73
N TYR A 116 25.53 -33.39 -1.32
CA TYR A 116 26.25 -34.64 -1.53
C TYR A 116 27.61 -34.30 -2.14
N LEU A 117 27.57 -33.74 -3.34
CA LEU A 117 28.77 -33.37 -4.08
C LEU A 117 29.70 -32.33 -3.42
N SER A 118 29.19 -31.56 -2.48
CA SER A 118 30.00 -30.53 -1.84
C SER A 118 30.84 -31.08 -0.71
N ILE A 119 30.32 -32.10 -0.05
CA ILE A 119 31.01 -32.72 1.08
C ILE A 119 31.73 -34.00 0.67
N CYS A 120 31.01 -34.86 -0.04
CA CYS A 120 31.59 -36.10 -0.50
C CYS A 120 32.62 -35.77 -1.56
N ARG A 121 32.80 -34.47 -1.77
CA ARG A 121 33.74 -33.90 -2.73
C ARG A 121 35.17 -34.21 -2.32
N LYS A 122 35.51 -33.87 -1.08
CA LYS A 122 36.85 -34.10 -0.58
C LYS A 122 37.14 -35.58 -0.38
N GLN A 123 36.12 -36.41 -0.56
CA GLN A 123 36.29 -37.85 -0.41
C GLN A 123 37.02 -38.40 -1.63
N ARG A 124 38.07 -39.19 -1.37
CA ARG A 124 38.86 -39.76 -2.45
C ARG A 124 37.99 -40.37 -3.54
N ALA A 125 36.77 -40.74 -3.20
CA ALA A 125 35.82 -41.31 -4.15
C ALA A 125 34.38 -41.14 -3.66
N LEU A 126 33.46 -40.82 -4.57
CA LEU A 126 32.06 -40.62 -4.20
C LEU A 126 31.40 -41.86 -3.60
N PRO A 127 31.07 -41.80 -2.30
CA PRO A 127 30.44 -42.94 -1.63
C PRO A 127 29.10 -43.28 -2.27
N SER A 128 28.67 -44.53 -2.11
CA SER A 128 27.40 -44.98 -2.66
C SER A 128 26.51 -45.23 -1.46
N LEU A 129 25.45 -44.44 -1.32
CA LEU A 129 24.54 -44.57 -0.17
C LEU A 129 23.05 -44.47 -0.50
N ASP A 130 22.25 -45.18 0.30
CA ASP A 130 20.80 -45.21 0.17
C ASP A 130 20.21 -44.17 1.13
N ILE A 131 19.75 -43.04 0.59
CA ILE A 131 19.18 -41.98 1.43
C ILE A 131 17.66 -41.98 1.49
N VAL A 132 17.14 -41.87 2.70
CA VAL A 132 15.71 -41.83 2.89
C VAL A 132 15.37 -40.81 3.97
N VAL A 133 14.47 -39.89 3.63
CA VAL A 133 14.06 -38.87 4.59
C VAL A 133 12.55 -38.76 4.70
N TRP A 134 12.04 -38.92 5.92
CA TRP A 134 10.62 -38.80 6.19
C TRP A 134 10.47 -37.80 7.33
N SER A 135 9.40 -37.02 7.31
CA SER A 135 9.17 -36.01 8.34
C SER A 135 7.82 -36.02 9.01
N GLU A 136 7.79 -35.48 10.24
CA GLU A 136 6.58 -35.37 11.04
C GLU A 136 6.03 -33.96 10.79
N LEU A 137 6.86 -33.14 10.13
CA LEU A 137 6.56 -31.74 9.82
C LEU A 137 5.63 -31.40 8.66
N PRO A 138 4.43 -30.86 8.98
CA PRO A 138 3.47 -30.49 7.93
C PRO A 138 4.20 -29.66 6.88
N PRO A 139 4.19 -30.10 5.63
CA PRO A 139 4.87 -29.40 4.53
C PRO A 139 4.21 -28.09 4.09
N GLY A 140 5.04 -27.07 3.90
CA GLY A 140 4.56 -25.77 3.44
C GLY A 140 3.62 -25.01 4.35
N ALA A 141 4.01 -24.82 5.61
CA ALA A 141 3.19 -24.06 6.55
C ALA A 141 4.07 -23.07 7.30
N GLY A 142 5.22 -22.76 6.71
CA GLY A 142 6.14 -21.84 7.32
C GLY A 142 6.66 -22.43 8.63
N LEU A 143 6.90 -23.73 8.60
CA LEU A 143 7.38 -24.45 9.77
C LEU A 143 8.87 -24.83 9.63
N GLY A 144 9.48 -24.43 8.52
CA GLY A 144 10.89 -24.70 8.28
C GLY A 144 11.30 -26.11 7.87
N SER A 145 10.35 -26.87 7.32
CA SER A 145 10.59 -28.24 6.91
C SER A 145 11.79 -28.36 5.99
N SER A 146 12.08 -27.29 5.27
CA SER A 146 13.20 -27.27 4.36
C SER A 146 14.53 -27.34 5.10
N ALA A 147 14.76 -26.41 6.02
CA ALA A 147 16.00 -26.38 6.78
C ALA A 147 16.13 -27.55 7.75
N ALA A 148 15.03 -28.22 8.06
CA ALA A 148 15.16 -29.35 8.96
C ALA A 148 15.88 -30.39 8.09
N TYR A 149 15.39 -30.47 6.86
CA TYR A 149 15.90 -31.36 5.83
C TYR A 149 17.38 -31.01 5.64
N SER A 150 17.63 -29.87 5.01
CA SER A 150 18.99 -29.41 4.78
C SER A 150 19.94 -29.55 5.98
N VAL A 151 19.40 -29.63 7.19
CA VAL A 151 20.26 -29.79 8.36
C VAL A 151 20.62 -31.26 8.54
N CYS A 152 19.68 -32.13 8.27
CA CYS A 152 19.92 -33.56 8.39
C CYS A 152 20.88 -34.03 7.31
N LEU A 153 20.60 -33.66 6.07
CA LEU A 153 21.47 -34.08 4.97
C LEU A 153 22.85 -33.55 5.22
N ALA A 154 22.94 -32.57 6.12
CA ALA A 154 24.21 -31.97 6.46
C ALA A 154 24.88 -32.86 7.49
N ALA A 155 24.34 -32.91 8.68
CA ALA A 155 24.93 -33.73 9.71
C ALA A 155 25.29 -35.14 9.22
N ALA A 156 24.38 -35.79 8.50
CA ALA A 156 24.66 -37.15 8.04
C ALA A 156 25.88 -37.19 7.12
N LEU A 157 25.87 -36.36 6.09
CA LEU A 157 26.98 -36.33 5.15
C LEU A 157 28.33 -35.95 5.79
N LEU A 158 28.31 -35.13 6.84
CA LEU A 158 29.57 -34.76 7.49
C LEU A 158 30.09 -35.99 8.22
N THR A 159 29.20 -36.66 8.94
CA THR A 159 29.54 -37.87 9.70
C THR A 159 30.14 -38.95 8.81
N VAL A 160 29.48 -39.27 7.70
CA VAL A 160 29.99 -40.29 6.78
C VAL A 160 31.41 -39.95 6.40
N CYS A 161 31.57 -38.90 5.61
CA CYS A 161 32.88 -38.47 5.17
C CYS A 161 33.89 -38.25 6.30
N GLU A 162 33.49 -38.50 7.53
CA GLU A 162 34.35 -38.35 8.70
C GLU A 162 34.87 -36.92 8.97
N GLU A 163 34.34 -35.94 8.25
CA GLU A 163 34.72 -34.54 8.46
C GLU A 163 34.30 -34.21 9.89
N ILE A 164 33.38 -35.01 10.41
CA ILE A 164 32.85 -34.87 11.75
C ILE A 164 32.66 -36.25 12.37
N PRO A 165 32.96 -36.39 13.67
CA PRO A 165 32.81 -37.68 14.35
C PRO A 165 31.35 -38.03 14.68
N ASN A 166 31.09 -39.32 14.82
CA ASN A 166 29.76 -39.82 15.16
C ASN A 166 29.68 -39.79 16.68
N PRO A 167 28.77 -38.97 17.24
CA PRO A 167 28.62 -38.86 18.69
C PRO A 167 27.99 -40.07 19.39
N LEU A 168 27.40 -40.98 18.62
CA LEU A 168 26.77 -42.16 19.22
C LEU A 168 27.80 -43.16 19.76
N LYS A 169 29.00 -43.09 19.17
CA LYS A 169 30.17 -43.92 19.47
C LYS A 169 30.24 -44.60 20.84
N ASP A 170 29.36 -44.20 21.74
CA ASP A 170 29.34 -44.72 23.09
C ASP A 170 28.40 -45.89 23.37
N GLY A 171 27.11 -45.61 23.44
CA GLY A 171 26.14 -46.65 23.72
C GLY A 171 24.86 -46.07 24.31
N ASP A 172 24.35 -45.03 23.64
CA ASP A 172 23.13 -44.36 24.06
C ASP A 172 22.09 -44.56 22.96
N CYS A 173 21.00 -43.80 23.04
CA CYS A 173 19.95 -43.89 22.04
C CYS A 173 19.98 -42.64 21.18
N VAL A 174 20.52 -41.56 21.75
CA VAL A 174 20.63 -40.29 21.05
C VAL A 174 21.89 -39.61 21.55
N ASN A 175 22.30 -38.56 20.85
CA ASN A 175 23.49 -37.83 21.23
C ASN A 175 23.67 -36.72 20.21
N ARG A 176 24.41 -35.69 20.58
CA ARG A 176 24.61 -34.55 19.70
C ARG A 176 26.08 -34.24 19.46
N TRP A 177 26.39 -33.72 18.28
CA TRP A 177 27.76 -33.35 17.95
C TRP A 177 28.29 -32.29 18.90
N THR A 178 29.57 -31.97 18.79
CA THR A 178 30.12 -30.96 19.69
C THR A 178 29.71 -29.60 19.16
N LYS A 179 30.01 -28.56 19.92
CA LYS A 179 29.69 -27.19 19.53
C LYS A 179 30.33 -26.83 18.19
N GLU A 180 31.57 -27.25 17.96
CA GLU A 180 32.27 -26.93 16.72
C GLU A 180 31.66 -27.60 15.51
N ASP A 181 31.35 -28.88 15.62
CA ASP A 181 30.75 -29.62 14.51
C ASP A 181 29.39 -29.04 14.12
N LEU A 182 28.56 -28.74 15.13
CA LEU A 182 27.24 -28.16 14.89
C LEU A 182 27.34 -26.87 14.06
N GLU A 183 28.39 -26.09 14.30
CA GLU A 183 28.59 -24.87 13.53
C GLU A 183 28.84 -25.23 12.07
N LEU A 184 29.62 -26.30 11.88
CA LEU A 184 29.94 -26.78 10.53
C LEU A 184 28.64 -27.30 9.92
N ILE A 185 27.86 -28.02 10.72
CA ILE A 185 26.60 -28.52 10.22
C ILE A 185 25.74 -27.34 9.79
N ASN A 186 25.70 -26.31 10.63
CA ASN A 186 24.91 -25.14 10.34
C ASN A 186 25.34 -24.46 9.06
N LYS A 187 26.58 -24.00 9.01
CA LYS A 187 27.04 -23.32 7.80
C LYS A 187 26.67 -24.10 6.54
N TRP A 188 26.77 -25.43 6.59
CA TRP A 188 26.44 -26.23 5.42
C TRP A 188 24.98 -26.22 5.06
N ALA A 189 24.11 -26.53 6.01
CA ALA A 189 22.67 -26.53 5.72
C ALA A 189 22.28 -25.18 5.13
N PHE A 190 22.64 -24.11 5.83
CA PHE A 190 22.35 -22.75 5.39
C PHE A 190 22.62 -22.58 3.91
N GLN A 191 23.59 -23.36 3.42
CA GLN A 191 23.99 -23.31 2.02
C GLN A 191 22.92 -23.86 1.10
N GLY A 192 22.39 -25.04 1.43
CA GLY A 192 21.34 -25.63 0.62
C GLY A 192 20.18 -24.65 0.64
N GLU A 193 19.91 -24.12 1.83
CA GLU A 193 18.85 -23.14 2.04
C GLU A 193 19.00 -21.98 1.08
N ARG A 194 20.24 -21.57 0.81
CA ARG A 194 20.49 -20.49 -0.13
C ARG A 194 20.33 -21.08 -1.53
N MET A 195 20.63 -22.37 -1.64
CA MET A 195 20.51 -23.07 -2.91
C MET A 195 19.04 -23.09 -3.32
N ILE A 196 18.14 -22.98 -2.36
CA ILE A 196 16.73 -23.01 -2.70
C ILE A 196 15.94 -21.71 -2.47
N HIS A 197 16.07 -21.11 -1.30
CA HIS A 197 15.35 -19.89 -0.96
C HIS A 197 16.09 -18.58 -1.15
N GLY A 198 16.47 -18.26 -2.37
CA GLY A 198 17.16 -17.01 -2.65
C GLY A 198 18.00 -16.44 -1.52
N ASN A 199 17.39 -15.63 -0.66
CA ASN A 199 18.10 -15.02 0.46
C ASN A 199 17.46 -15.27 1.82
N PRO A 200 17.59 -16.49 2.34
CA PRO A 200 17.02 -16.84 3.64
C PRO A 200 17.77 -16.12 4.75
N SER A 201 17.16 -16.03 5.93
CA SER A 201 17.79 -15.33 7.06
C SER A 201 18.78 -16.25 7.77
N GLY A 202 18.38 -17.50 7.96
CA GLY A 202 19.24 -18.45 8.64
C GLY A 202 18.65 -18.81 9.99
N VAL A 203 17.42 -18.36 10.22
CA VAL A 203 16.75 -18.66 11.47
C VAL A 203 16.32 -20.13 11.51
N ASP A 204 15.79 -20.59 10.38
CA ASP A 204 15.30 -21.96 10.28
C ASP A 204 16.38 -22.99 10.52
N ASN A 205 17.54 -22.85 9.85
CA ASN A 205 18.60 -23.83 10.06
C ASN A 205 19.20 -23.75 11.47
N ALA A 206 19.43 -22.54 11.95
CA ALA A 206 19.95 -22.38 13.29
C ALA A 206 19.06 -23.10 14.29
N VAL A 207 17.75 -22.92 14.18
CA VAL A 207 16.80 -23.58 15.09
C VAL A 207 16.88 -25.10 14.95
N SER A 208 16.89 -25.59 13.72
CA SER A 208 16.99 -27.02 13.46
C SER A 208 18.30 -27.58 13.98
N THR A 209 19.36 -26.79 13.86
CA THR A 209 20.67 -27.22 14.33
C THR A 209 20.78 -27.22 15.85
N TRP A 210 20.66 -26.03 16.44
CA TRP A 210 20.80 -25.86 17.88
C TRP A 210 19.62 -26.21 18.76
N GLY A 211 18.43 -26.29 18.17
CA GLY A 211 17.24 -26.61 18.95
C GLY A 211 16.96 -25.54 19.98
N GLY A 212 16.20 -25.89 21.02
CA GLY A 212 15.88 -24.94 22.07
C GLY A 212 15.33 -23.60 21.58
N ALA A 213 15.80 -22.52 22.21
CA ALA A 213 15.33 -21.19 21.88
C ALA A 213 16.39 -20.25 21.32
N LEU A 214 16.03 -19.59 20.22
CA LEU A 214 16.85 -18.63 19.52
C LEU A 214 16.22 -17.24 19.58
N ARG A 215 17.06 -16.22 19.63
CA ARG A 215 16.63 -14.84 19.69
C ARG A 215 17.00 -14.22 18.36
N TYR A 216 16.08 -13.46 17.77
CA TYR A 216 16.39 -12.85 16.49
C TYR A 216 16.12 -11.36 16.52
N HIS A 217 17.17 -10.58 16.29
CA HIS A 217 17.07 -9.13 16.30
C HIS A 217 17.28 -8.57 14.91
N GLN A 218 18.15 -7.58 14.80
CA GLN A 218 18.38 -6.96 13.51
C GLN A 218 19.45 -7.62 12.65
N GLY A 219 19.12 -8.80 12.13
CA GLY A 219 20.04 -9.54 11.29
C GLY A 219 20.86 -10.58 12.04
N LYS A 220 20.98 -10.42 13.36
CA LYS A 220 21.76 -11.34 14.21
C LYS A 220 20.89 -12.36 14.92
N ILE A 221 21.46 -13.50 15.23
CA ILE A 221 20.75 -14.56 15.92
C ILE A 221 21.48 -14.91 17.21
N SER A 222 20.75 -15.26 18.27
CA SER A 222 21.37 -15.63 19.55
C SER A 222 20.57 -16.70 20.27
N SER A 223 21.29 -17.68 20.82
CA SER A 223 20.64 -18.76 21.54
C SER A 223 20.26 -18.23 22.89
N LEU A 224 19.26 -18.85 23.50
CA LEU A 224 18.82 -18.42 24.82
C LEU A 224 19.31 -19.39 25.89
N LYS A 225 19.57 -18.85 27.07
CA LYS A 225 20.01 -19.64 28.19
C LYS A 225 19.01 -20.79 28.31
N ARG A 226 19.53 -22.00 28.43
CA ARG A 226 18.69 -23.18 28.55
C ARG A 226 17.45 -23.01 29.42
N SER A 227 16.32 -23.30 28.80
CA SER A 227 15.02 -23.25 29.43
C SER A 227 14.31 -24.50 28.94
N PRO A 228 13.79 -25.31 29.87
CA PRO A 228 13.10 -26.54 29.47
C PRO A 228 12.15 -26.39 28.28
N ALA A 229 11.85 -27.53 27.66
CA ALA A 229 10.97 -27.55 26.50
C ALA A 229 9.52 -27.55 27.00
N LEU A 230 8.71 -26.70 26.38
CA LEU A 230 7.32 -26.58 26.77
C LEU A 230 6.43 -27.44 25.87
N GLN A 231 5.43 -28.05 26.48
CA GLN A 231 4.45 -28.88 25.77
C GLN A 231 3.43 -27.94 25.13
N ILE A 232 3.23 -28.06 23.82
CA ILE A 232 2.24 -27.22 23.15
C ILE A 232 1.27 -28.04 22.33
N LEU A 233 0.52 -27.35 21.48
CA LEU A 233 -0.45 -27.98 20.62
C LEU A 233 -0.30 -27.25 19.32
N LEU A 234 0.24 -27.91 18.30
CA LEU A 234 0.35 -27.22 17.01
C LEU A 234 -0.96 -27.38 16.28
N THR A 235 -1.49 -26.28 15.77
CA THR A 235 -2.77 -26.26 15.09
C THR A 235 -2.63 -25.64 13.73
N ASN A 236 -3.06 -26.38 12.73
CA ASN A 236 -3.01 -25.94 11.34
C ASN A 236 -4.46 -25.68 11.00
N THR A 237 -4.75 -24.49 10.45
CA THR A 237 -6.11 -24.12 10.11
C THR A 237 -6.34 -24.45 8.65
N LYS A 238 -5.30 -25.00 8.02
CA LYS A 238 -5.37 -25.35 6.61
C LYS A 238 -5.90 -24.19 5.78
N VAL A 239 -5.98 -23.01 6.37
CA VAL A 239 -6.46 -21.86 5.61
C VAL A 239 -5.27 -21.27 4.89
N PRO A 240 -5.28 -21.32 3.56
CA PRO A 240 -4.16 -20.77 2.76
C PRO A 240 -3.90 -19.30 3.10
N ARG A 241 -2.74 -18.78 2.71
CA ARG A 241 -2.39 -17.38 2.97
C ARG A 241 -1.14 -16.93 2.23
N ASN A 242 -1.02 -15.64 1.96
CA ASN A 242 0.13 -15.10 1.24
C ASN A 242 1.07 -14.23 2.09
N THR A 243 2.02 -14.89 2.76
CA THR A 243 2.99 -14.20 3.62
C THR A 243 3.46 -12.84 3.10
N ARG A 244 3.82 -12.79 1.82
CA ARG A 244 4.30 -11.55 1.26
C ARG A 244 3.25 -10.44 1.38
N ALA A 245 2.00 -10.78 1.11
CA ALA A 245 0.90 -9.81 1.20
C ALA A 245 0.73 -9.41 2.66
N LEU A 246 0.59 -10.39 3.55
CA LEU A 246 0.45 -10.14 4.98
C LEU A 246 1.50 -9.14 5.49
N VAL A 247 2.74 -9.26 5.03
CA VAL A 247 3.81 -8.36 5.47
C VAL A 247 3.67 -6.97 4.89
N ALA A 248 3.01 -6.86 3.74
CA ALA A 248 2.83 -5.56 3.11
C ALA A 248 1.69 -4.82 3.80
N GLY A 249 0.70 -5.56 4.26
CA GLY A 249 -0.43 -4.96 4.95
C GLY A 249 -0.01 -4.27 6.23
N VAL A 250 1.07 -4.75 6.84
CA VAL A 250 1.56 -4.16 8.06
C VAL A 250 2.48 -2.99 7.76
N ARG A 251 3.15 -3.04 6.61
CA ARG A 251 4.06 -1.97 6.24
C ARG A 251 3.22 -0.77 5.86
N ASN A 252 2.15 -1.03 5.13
CA ASN A 252 1.26 0.04 4.71
C ASN A 252 0.49 0.59 5.91
N ARG A 253 0.01 -0.29 6.75
CA ARG A 253 -0.73 0.13 7.92
C ARG A 253 0.16 0.94 8.86
N LEU A 254 1.47 0.77 8.75
CA LEU A 254 2.38 1.49 9.61
C LEU A 254 2.63 2.91 9.08
N LEU A 255 2.68 3.02 7.75
CA LEU A 255 2.88 4.33 7.11
C LEU A 255 1.68 5.25 7.37
N LYS A 256 0.50 4.67 7.24
CA LYS A 256 -0.76 5.35 7.41
C LYS A 256 -0.92 5.78 8.87
N PHE A 257 -0.68 4.86 9.80
CA PHE A 257 -0.87 5.15 11.22
C PHE A 257 0.38 5.06 12.11
N PRO A 258 1.44 5.81 11.79
CA PRO A 258 2.68 5.81 12.56
C PRO A 258 2.59 6.02 14.07
N GLU A 259 1.96 7.09 14.51
CA GLU A 259 1.86 7.34 15.96
C GLU A 259 1.11 6.25 16.69
N ILE A 260 0.41 5.42 15.92
CA ILE A 260 -0.39 4.34 16.48
C ILE A 260 0.32 2.99 16.43
N VAL A 261 0.84 2.64 15.27
CA VAL A 261 1.49 1.36 15.12
C VAL A 261 2.85 1.30 15.81
N ALA A 262 3.69 2.30 15.57
CA ALA A 262 5.02 2.31 16.21
C ALA A 262 4.93 1.77 17.63
N PRO A 263 4.16 2.45 18.50
CA PRO A 263 4.04 1.97 19.88
C PRO A 263 3.68 0.50 19.94
N LEU A 264 2.72 0.10 19.11
CA LEU A 264 2.23 -1.28 19.04
C LEU A 264 3.38 -2.23 18.85
N LEU A 265 4.24 -1.89 17.91
CA LEU A 265 5.40 -2.72 17.68
C LEU A 265 6.16 -2.82 18.99
N THR A 266 6.39 -1.67 19.62
CA THR A 266 7.12 -1.61 20.89
C THR A 266 6.50 -2.44 22.00
N SER A 267 5.20 -2.69 21.91
CA SER A 267 4.58 -3.48 22.93
C SER A 267 4.85 -4.93 22.62
N ILE A 268 4.91 -5.28 21.33
CA ILE A 268 5.20 -6.68 20.96
C ILE A 268 6.63 -7.00 21.41
N ASP A 269 7.52 -6.07 21.08
CA ASP A 269 8.91 -6.12 21.46
C ASP A 269 9.02 -6.42 22.95
N ALA A 270 8.31 -5.65 23.76
CA ALA A 270 8.32 -5.85 25.19
C ALA A 270 7.86 -7.26 25.52
N ILE A 271 6.99 -7.80 24.68
CA ILE A 271 6.49 -9.14 24.94
C ILE A 271 7.60 -10.15 24.77
N SER A 272 8.34 -10.08 23.66
CA SER A 272 9.41 -11.05 23.49
C SER A 272 10.38 -10.88 24.68
N LEU A 273 10.78 -9.62 24.93
CA LEU A 273 11.69 -9.38 26.03
C LEU A 273 11.19 -10.07 27.29
N GLU A 274 9.96 -9.79 27.68
CA GLU A 274 9.43 -10.43 28.88
C GLU A 274 9.42 -11.96 28.78
N CYS A 275 8.98 -12.52 27.65
CA CYS A 275 8.96 -13.98 27.53
C CYS A 275 10.37 -14.52 27.76
N GLU A 276 11.33 -13.93 27.08
CA GLU A 276 12.73 -14.32 27.24
C GLU A 276 13.08 -14.38 28.74
N ARG A 277 12.78 -13.30 29.45
CA ARG A 277 13.04 -13.28 30.89
C ARG A 277 12.44 -14.51 31.55
N VAL A 278 11.11 -14.58 31.59
CA VAL A 278 10.44 -15.72 32.22
C VAL A 278 10.96 -17.07 31.79
N LEU A 279 11.23 -17.26 30.50
CA LEU A 279 11.78 -18.54 30.06
C LEU A 279 13.02 -18.79 30.90
N GLY A 280 13.97 -17.87 30.80
CA GLY A 280 15.19 -18.00 31.57
C GLY A 280 14.93 -18.34 33.02
N GLU A 281 14.53 -17.37 33.81
CA GLU A 281 14.30 -17.62 35.22
C GLU A 281 13.56 -18.94 35.43
N MET A 282 12.79 -19.34 34.44
CA MET A 282 12.02 -20.58 34.52
C MET A 282 12.92 -21.78 34.50
N GLY A 283 13.92 -21.74 33.62
CA GLY A 283 14.87 -22.83 33.46
C GLY A 283 14.97 -23.66 34.71
N GLU A 284 15.04 -22.96 35.83
CA GLU A 284 15.13 -23.58 37.15
C GLU A 284 13.85 -24.39 37.43
N ALA A 285 12.96 -23.85 38.27
CA ALA A 285 11.71 -24.53 38.62
C ALA A 285 10.48 -23.84 38.03
N PRO A 286 9.90 -24.41 36.95
CA PRO A 286 8.71 -23.82 36.32
C PRO A 286 7.54 -23.74 37.29
N ALA A 287 7.39 -22.59 37.94
CA ALA A 287 6.31 -22.37 38.89
C ALA A 287 5.07 -21.88 38.16
N PRO A 288 3.89 -22.27 38.64
CA PRO A 288 2.62 -21.87 38.04
C PRO A 288 2.59 -20.42 37.58
N GLU A 289 3.12 -19.52 38.40
CA GLU A 289 3.14 -18.11 38.05
C GLU A 289 3.80 -17.93 36.70
N GLN A 290 4.85 -18.69 36.45
CA GLN A 290 5.59 -18.61 35.20
C GLN A 290 4.73 -18.96 33.99
N TYR A 291 3.88 -19.97 34.14
CA TYR A 291 3.00 -20.36 33.02
C TYR A 291 1.95 -19.31 32.86
N LEU A 292 1.35 -18.91 33.96
CA LEU A 292 0.33 -17.86 33.95
C LEU A 292 0.87 -16.76 33.04
N VAL A 293 1.96 -16.15 33.50
CA VAL A 293 2.65 -15.08 32.77
C VAL A 293 2.79 -15.42 31.30
N LEU A 294 3.09 -16.68 31.01
CA LEU A 294 3.25 -17.15 29.64
C LEU A 294 1.92 -17.05 28.89
N GLU A 295 0.86 -17.66 29.43
CA GLU A 295 -0.46 -17.60 28.79
C GLU A 295 -0.83 -16.12 28.60
N GLU A 296 -0.44 -15.34 29.61
CA GLU A 296 -0.70 -13.92 29.64
C GLU A 296 -0.08 -13.22 28.44
N LEU A 297 1.15 -13.58 28.11
CA LEU A 297 1.85 -12.95 26.99
C LEU A 297 1.29 -13.33 25.65
N ILE A 298 0.86 -14.58 25.56
CA ILE A 298 0.28 -15.13 24.34
C ILE A 298 -0.98 -14.34 23.99
N ASP A 299 -1.84 -14.13 24.97
CA ASP A 299 -3.07 -13.37 24.72
C ASP A 299 -2.78 -12.01 24.11
N MET A 300 -1.93 -11.24 24.79
CA MET A 300 -1.56 -9.91 24.34
C MET A 300 -0.94 -9.88 22.96
N ASN A 301 -0.08 -10.86 22.68
CA ASN A 301 0.59 -10.90 21.37
C ASN A 301 -0.45 -11.15 20.29
N GLN A 302 -1.33 -12.11 20.54
CA GLN A 302 -2.39 -12.47 19.62
C GLN A 302 -3.20 -11.20 19.27
N HIS A 303 -3.77 -10.58 20.29
CA HIS A 303 -4.55 -9.35 20.07
C HIS A 303 -3.72 -8.28 19.36
N HIS A 304 -2.44 -8.14 19.71
CA HIS A 304 -1.60 -7.14 19.02
C HIS A 304 -1.50 -7.51 17.58
N LEU A 305 -1.29 -8.78 17.32
CA LEU A 305 -1.19 -9.22 15.93
C LEU A 305 -2.52 -8.90 15.23
N ASN A 306 -3.62 -9.02 15.97
CA ASN A 306 -4.91 -8.69 15.36
C ASN A 306 -4.99 -7.20 15.06
N ALA A 307 -4.48 -6.38 15.96
CA ALA A 307 -4.50 -4.95 15.72
C ALA A 307 -3.72 -4.62 14.47
N LEU A 308 -2.71 -5.43 14.16
CA LEU A 308 -1.92 -5.20 12.96
C LEU A 308 -2.70 -5.66 11.74
N GLY A 309 -3.83 -6.32 12.00
CA GLY A 309 -4.66 -6.79 10.92
C GLY A 309 -4.08 -7.99 10.21
N VAL A 310 -3.56 -8.95 10.97
CA VAL A 310 -2.97 -10.15 10.39
C VAL A 310 -3.62 -11.40 10.98
N GLY A 311 -4.75 -11.20 11.65
CA GLY A 311 -5.48 -12.32 12.22
C GLY A 311 -6.44 -12.91 11.18
N HIS A 312 -7.32 -13.79 11.64
CA HIS A 312 -8.29 -14.43 10.75
C HIS A 312 -9.37 -15.22 11.51
N ALA A 313 -10.52 -15.38 10.86
CA ALA A 313 -11.64 -16.10 11.45
C ALA A 313 -11.21 -17.42 12.07
N SER A 314 -10.41 -18.17 11.33
CA SER A 314 -9.93 -19.46 11.80
C SER A 314 -9.21 -19.32 13.14
N LEU A 315 -8.28 -18.36 13.19
CA LEU A 315 -7.50 -18.15 14.41
C LEU A 315 -8.40 -17.71 15.55
N ASP A 316 -9.35 -16.81 15.26
CA ASP A 316 -10.23 -16.40 16.34
C ASP A 316 -10.91 -17.66 16.85
N GLN A 317 -11.22 -18.59 15.95
CA GLN A 317 -11.88 -19.82 16.39
C GLN A 317 -10.90 -20.68 17.15
N LEU A 318 -9.69 -20.77 16.62
CA LEU A 318 -8.67 -21.53 17.32
C LEU A 318 -8.57 -20.99 18.74
N CYS A 319 -8.44 -19.67 18.87
CA CYS A 319 -8.32 -19.05 20.19
C CYS A 319 -9.55 -19.18 21.08
N GLN A 320 -10.72 -19.19 20.46
CA GLN A 320 -11.93 -19.30 21.26
C GLN A 320 -12.16 -20.70 21.82
N VAL A 321 -11.95 -21.72 20.99
CA VAL A 321 -12.18 -23.10 21.40
C VAL A 321 -11.24 -23.51 22.53
N THR A 322 -10.03 -22.97 22.46
CA THR A 322 -8.98 -23.24 23.43
C THR A 322 -9.18 -22.49 24.75
N ARG A 323 -9.55 -21.23 24.62
CA ARG A 323 -9.78 -20.35 25.75
C ARG A 323 -10.93 -20.81 26.64
N ALA A 324 -11.94 -21.40 26.02
CA ALA A 324 -13.11 -21.88 26.76
C ALA A 324 -12.70 -23.00 27.68
N ARG A 325 -11.51 -23.51 27.46
CA ARG A 325 -11.02 -24.62 28.27
C ARG A 325 -9.83 -24.27 29.16
N GLY A 326 -9.48 -22.99 29.24
CA GLY A 326 -8.38 -22.59 30.09
C GLY A 326 -7.01 -22.84 29.49
N LEU A 327 -6.93 -22.66 28.17
CA LEU A 327 -5.70 -22.85 27.45
C LEU A 327 -5.55 -21.63 26.57
N HIS A 328 -4.32 -21.22 26.25
CA HIS A 328 -4.16 -20.02 25.44
C HIS A 328 -3.39 -20.27 24.17
N SER A 329 -3.85 -19.62 23.10
CA SER A 329 -3.27 -19.81 21.79
C SER A 329 -2.99 -18.52 21.07
N LYS A 330 -2.08 -18.57 20.11
CA LYS A 330 -1.75 -17.37 19.35
C LYS A 330 -1.17 -17.82 18.03
N LEU A 331 -1.59 -17.18 16.96
CA LEU A 331 -1.08 -17.56 15.67
C LEU A 331 0.44 -17.39 15.68
N THR A 332 1.11 -18.13 14.82
CA THR A 332 2.56 -18.04 14.67
C THR A 332 2.81 -18.02 13.20
N GLY A 333 3.67 -17.11 12.75
CA GLY A 333 3.96 -17.02 11.34
C GLY A 333 3.33 -15.79 10.76
N ALA A 334 3.12 -15.82 9.45
CA ALA A 334 2.53 -14.69 8.76
C ALA A 334 1.12 -14.32 9.25
N GLY A 335 0.43 -15.29 9.86
CA GLY A 335 -0.93 -15.05 10.31
C GLY A 335 -1.88 -15.35 9.15
N GLY A 336 -2.94 -14.55 9.01
CA GLY A 336 -3.91 -14.73 7.93
C GLY A 336 -4.31 -16.16 7.61
N GLY A 337 -4.27 -17.03 8.61
CA GLY A 337 -4.59 -18.43 8.41
C GLY A 337 -3.42 -19.22 8.98
N GLY A 338 -2.92 -20.21 8.22
CA GLY A 338 -1.79 -20.99 8.67
C GLY A 338 -1.90 -21.70 10.00
N CYS A 339 -0.81 -21.75 10.75
CA CYS A 339 -0.83 -22.44 12.03
C CYS A 339 -0.86 -21.55 13.26
N GLY A 340 -1.18 -22.17 14.39
CA GLY A 340 -1.26 -21.47 15.66
C GLY A 340 -0.54 -22.27 16.73
N ILE A 341 -0.45 -21.70 17.93
CA ILE A 341 0.24 -22.31 19.05
C ILE A 341 -0.66 -22.21 20.26
N THR A 342 -0.69 -23.28 21.05
CA THR A 342 -1.47 -23.34 22.27
C THR A 342 -0.54 -23.92 23.33
N LEU A 343 -0.58 -23.36 24.53
CA LEU A 343 0.30 -23.81 25.60
C LEU A 343 -0.35 -24.67 26.66
N LEU A 344 0.23 -25.83 26.91
CA LEU A 344 -0.26 -26.75 27.92
C LEU A 344 0.71 -26.70 29.10
N LYS A 345 0.22 -26.29 30.27
CA LYS A 345 1.08 -26.23 31.44
C LYS A 345 0.82 -27.51 32.21
N PRO A 346 1.72 -27.89 33.15
CA PRO A 346 1.51 -29.12 33.92
C PRO A 346 0.30 -29.06 34.83
N GLY A 347 -0.34 -30.22 35.01
CA GLY A 347 -1.52 -30.25 35.86
C GLY A 347 -2.79 -30.66 35.16
N LEU A 348 -3.08 -30.00 34.05
CA LEU A 348 -4.29 -30.29 33.27
C LEU A 348 -4.48 -31.76 32.94
N GLU A 349 -5.66 -32.27 33.26
CA GLU A 349 -6.03 -33.67 33.02
C GLU A 349 -5.80 -34.03 31.55
N GLN A 350 -5.01 -35.08 31.32
CA GLN A 350 -4.69 -35.52 29.97
C GLN A 350 -5.89 -35.59 29.02
N PRO A 351 -7.01 -36.19 29.46
CA PRO A 351 -8.17 -36.26 28.58
C PRO A 351 -8.63 -34.89 28.12
N GLU A 352 -8.77 -33.95 29.07
CA GLU A 352 -9.20 -32.60 28.72
C GLU A 352 -8.23 -31.93 27.74
N VAL A 353 -7.02 -32.47 27.64
CA VAL A 353 -6.05 -31.93 26.71
C VAL A 353 -6.41 -32.61 25.38
N GLU A 354 -6.93 -33.82 25.49
CA GLU A 354 -7.34 -34.56 24.30
C GLU A 354 -8.63 -33.97 23.74
N ALA A 355 -9.59 -33.70 24.62
CA ALA A 355 -10.85 -33.12 24.18
C ALA A 355 -10.60 -31.83 23.40
N THR A 356 -9.77 -30.95 23.99
CA THR A 356 -9.43 -29.70 23.34
C THR A 356 -8.86 -30.01 21.95
N LYS A 357 -7.99 -31.00 21.90
CA LYS A 357 -7.35 -31.45 20.65
C LYS A 357 -8.43 -31.84 19.65
N GLN A 358 -9.43 -32.59 20.12
CA GLN A 358 -10.52 -33.06 19.28
C GLN A 358 -11.43 -31.93 18.78
N ALA A 359 -11.74 -30.97 19.65
CA ALA A 359 -12.58 -29.83 19.27
C ALA A 359 -11.96 -29.09 18.12
N LEU A 360 -10.65 -28.84 18.24
CA LEU A 360 -9.97 -28.13 17.17
C LEU A 360 -10.09 -28.93 15.88
N THR A 361 -9.99 -30.25 15.96
CA THR A 361 -10.11 -31.09 14.76
C THR A 361 -11.53 -31.06 14.18
N SER A 362 -12.54 -31.03 15.04
CA SER A 362 -13.93 -30.96 14.59
C SER A 362 -14.23 -29.56 14.10
N CYS A 363 -13.32 -29.00 13.31
CA CYS A 363 -13.46 -27.65 12.73
C CYS A 363 -12.85 -27.76 11.35
N GLY A 364 -12.20 -28.89 11.09
CA GLY A 364 -11.56 -29.08 9.81
C GLY A 364 -10.13 -28.60 9.98
N PHE A 365 -9.66 -28.70 11.21
CA PHE A 365 -8.31 -28.27 11.60
C PHE A 365 -7.40 -29.48 11.87
N ASP A 366 -6.10 -29.27 11.64
CA ASP A 366 -5.11 -30.30 11.94
C ASP A 366 -4.57 -29.91 13.30
N CYS A 367 -4.44 -30.87 14.20
CA CYS A 367 -3.95 -30.53 15.53
C CYS A 367 -3.11 -31.64 16.13
N LEU A 368 -1.80 -31.45 16.12
CA LEU A 368 -0.87 -32.43 16.69
C LEU A 368 -0.36 -31.92 18.02
N GLU A 369 -0.18 -32.81 18.98
CA GLU A 369 0.35 -32.43 20.28
C GLU A 369 1.85 -32.69 20.25
N THR A 370 2.63 -31.63 20.39
CA THR A 370 4.07 -31.76 20.36
C THR A 370 4.69 -30.95 21.47
N SER A 371 5.95 -30.56 21.29
CA SER A 371 6.65 -29.75 22.28
C SER A 371 7.47 -28.73 21.53
N ILE A 372 7.74 -27.62 22.20
CA ILE A 372 8.49 -26.55 21.59
C ILE A 372 9.79 -26.38 22.40
N GLY A 373 10.86 -26.01 21.72
CA GLY A 373 12.14 -25.82 22.40
C GLY A 373 12.84 -27.13 22.71
N ALA A 374 12.68 -28.09 21.80
CA ALA A 374 13.26 -29.42 21.92
C ALA A 374 14.72 -29.47 21.48
N PRO A 375 15.40 -30.61 21.72
CA PRO A 375 16.80 -30.87 21.39
C PRO A 375 17.49 -30.21 20.21
N GLY A 376 17.28 -30.72 19.00
CA GLY A 376 17.97 -30.13 17.87
C GLY A 376 18.66 -31.26 17.13
N VAL A 377 19.23 -30.99 15.96
CA VAL A 377 19.84 -32.07 15.19
C VAL A 377 20.53 -33.14 16.05
N SER A 378 20.15 -34.39 15.81
CA SER A 378 20.71 -35.48 16.58
C SER A 378 20.90 -36.77 15.79
N ILE A 379 21.37 -37.80 16.49
CA ILE A 379 21.59 -39.10 15.86
C ILE A 379 21.09 -40.16 16.82
N HIS A 380 20.52 -41.22 16.26
CA HIS A 380 19.94 -42.29 17.07
C HIS A 380 20.44 -43.68 16.71
N SER A 381 20.20 -44.61 17.63
CA SER A 381 20.55 -46.01 17.46
C SER A 381 19.35 -46.59 16.72
N ALA A 382 19.58 -47.09 15.51
CA ALA A 382 18.51 -47.65 14.68
C ALA A 382 17.65 -48.73 15.36
N THR A 383 17.13 -48.43 16.55
CA THR A 383 16.30 -49.37 17.31
C THR A 383 15.40 -48.62 18.28
N SER A 384 15.65 -47.32 18.44
CA SER A 384 14.84 -46.51 19.34
C SER A 384 13.80 -45.74 18.52
N LEU A 385 13.07 -44.86 19.19
CA LEU A 385 12.04 -44.05 18.53
C LEU A 385 10.73 -44.84 18.41
N ASP A 386 9.80 -44.29 17.65
CA ASP A 386 8.51 -44.95 17.43
C ASP A 386 8.71 -45.98 16.31
N SER A 387 7.83 -46.97 16.24
CA SER A 387 7.92 -48.00 15.20
C SER A 387 7.34 -47.49 13.89
N ARG A 388 6.30 -46.65 13.98
CA ARG A 388 5.67 -46.09 12.79
C ARG A 388 6.65 -45.15 12.11
N VAL A 389 7.78 -44.90 12.77
CA VAL A 389 8.79 -44.01 12.22
C VAL A 389 9.65 -44.75 11.19
N GLN A 390 10.44 -45.72 11.65
CA GLN A 390 11.29 -46.45 10.72
C GLN A 390 10.47 -47.27 9.74
N GLN A 391 9.22 -47.53 10.07
CA GLN A 391 8.35 -48.28 9.17
C GLN A 391 8.17 -47.37 7.95
N ALA A 392 7.97 -46.08 8.22
CA ALA A 392 7.79 -45.10 7.16
C ALA A 392 9.14 -44.93 6.48
N LEU A 393 10.19 -45.33 7.18
CA LEU A 393 11.56 -45.24 6.66
C LEU A 393 12.02 -46.61 6.17
N ASP A 394 11.07 -47.51 5.96
CA ASP A 394 11.36 -48.88 5.49
C ASP A 394 10.39 -49.34 4.39
N GLY A 395 9.11 -49.44 4.74
CA GLY A 395 8.08 -49.88 3.81
C GLY A 395 8.12 -49.33 2.39
N LEU B 2 -44.10 30.87 20.75
CA LEU B 2 -44.16 31.34 22.16
C LEU B 2 -44.90 30.33 23.03
N SER B 3 -44.63 30.33 24.33
CA SER B 3 -45.30 29.41 25.25
C SER B 3 -44.71 29.33 26.66
N GLU B 4 -45.50 28.78 27.56
CA GLU B 4 -45.09 28.62 28.95
C GLU B 4 -44.78 27.14 29.16
N VAL B 5 -45.27 26.31 28.25
CA VAL B 5 -45.06 24.85 28.28
C VAL B 5 -43.69 24.54 27.68
N LEU B 6 -42.84 23.89 28.45
CA LEU B 6 -41.51 23.57 27.96
C LEU B 6 -41.31 22.10 27.58
N LEU B 7 -40.79 21.90 26.36
CA LEU B 7 -40.49 20.58 25.82
C LEU B 7 -39.01 20.54 25.49
N VAL B 8 -38.21 19.92 26.35
CA VAL B 8 -36.77 19.86 26.09
C VAL B 8 -36.25 18.44 26.13
N SER B 9 -35.20 18.18 25.35
CA SER B 9 -34.60 16.86 25.32
C SER B 9 -33.07 16.92 25.27
N ALA B 10 -32.45 15.82 25.70
CA ALA B 10 -31.00 15.69 25.72
C ALA B 10 -30.59 14.27 25.35
N PRO B 11 -29.42 14.11 24.72
CA PRO B 11 -28.89 12.81 24.32
C PRO B 11 -27.98 12.23 25.39
N GLY B 12 -27.90 10.91 25.45
CA GLY B 12 -27.01 10.26 26.40
C GLY B 12 -25.62 10.31 25.79
N LYS B 13 -24.73 9.43 26.24
CA LYS B 13 -23.39 9.46 25.68
C LYS B 13 -22.65 8.14 25.74
N VAL B 14 -21.83 7.90 24.73
CA VAL B 14 -21.03 6.69 24.67
C VAL B 14 -19.58 7.07 24.41
N ILE B 15 -18.64 6.31 24.97
CA ILE B 15 -17.24 6.61 24.71
C ILE B 15 -16.86 6.01 23.36
N LEU B 16 -16.44 6.85 22.42
CA LEU B 16 -16.05 6.37 21.10
C LEU B 16 -14.60 5.84 21.07
N HIS B 17 -13.68 6.50 21.76
CA HIS B 17 -12.27 6.07 21.81
C HIS B 17 -11.60 6.50 23.12
N GLY B 18 -10.94 5.55 23.77
CA GLY B 18 -10.22 5.80 25.01
C GLY B 18 -10.81 5.24 26.30
N GLU B 19 -11.87 4.44 26.23
CA GLU B 19 -12.49 3.92 27.45
C GLU B 19 -11.60 3.67 28.65
N HIS B 20 -10.69 2.72 28.59
CA HIS B 20 -9.88 2.45 29.77
C HIS B 20 -8.56 3.25 29.84
N ALA B 21 -8.09 3.69 28.69
CA ALA B 21 -6.85 4.46 28.60
C ALA B 21 -6.87 5.77 29.38
N VAL B 22 -8.04 6.40 29.49
CA VAL B 22 -8.17 7.67 30.21
C VAL B 22 -7.82 7.61 31.68
N VAL B 23 -8.24 6.53 32.34
CA VAL B 23 -7.96 6.40 33.75
C VAL B 23 -6.49 6.65 34.00
N HIS B 24 -5.68 6.32 33.01
CA HIS B 24 -4.25 6.47 33.14
C HIS B 24 -3.78 7.65 32.33
N GLY B 25 -4.47 8.77 32.55
CA GLY B 25 -4.15 10.05 31.91
C GLY B 25 -4.20 10.20 30.40
N LYS B 26 -4.62 9.18 29.68
CA LYS B 26 -4.66 9.28 28.23
C LYS B 26 -5.91 10.01 27.70
N VAL B 27 -5.93 10.29 26.41
CA VAL B 27 -7.05 11.00 25.79
C VAL B 27 -8.18 10.11 25.31
N ALA B 28 -9.41 10.58 25.56
CA ALA B 28 -10.62 9.89 25.15
C ALA B 28 -11.50 10.85 24.37
N LEU B 29 -12.52 10.30 23.73
CA LEU B 29 -13.47 11.08 22.96
C LEU B 29 -14.86 10.59 23.32
N ALA B 30 -15.61 11.40 24.06
CA ALA B 30 -16.96 11.03 24.43
C ALA B 30 -17.86 11.67 23.36
N VAL B 31 -18.89 10.96 22.95
CA VAL B 31 -19.78 11.51 21.92
C VAL B 31 -21.25 11.28 22.25
N SER B 32 -22.13 12.13 21.72
CA SER B 32 -23.55 11.97 22.02
C SER B 32 -24.21 10.77 21.33
N LEU B 33 -25.04 10.09 22.09
CA LEU B 33 -25.80 8.93 21.64
C LEU B 33 -27.21 9.52 21.43
N ASN B 34 -27.76 9.39 20.21
CA ASN B 34 -29.07 9.98 19.98
C ASN B 34 -30.34 9.27 20.46
N LEU B 35 -30.23 8.50 21.55
CA LEU B 35 -31.42 7.92 22.14
C LEU B 35 -31.76 8.94 23.25
N ARG B 36 -32.30 10.09 22.85
CA ARG B 36 -32.65 11.19 23.76
C ARG B 36 -33.62 10.97 24.91
N THR B 37 -33.60 11.91 25.85
CA THR B 37 -34.48 11.88 26.99
C THR B 37 -35.41 13.08 26.80
N PHE B 38 -36.69 12.93 27.15
CA PHE B 38 -37.63 14.04 26.95
C PHE B 38 -38.34 14.50 28.19
N LEU B 39 -38.43 15.82 28.32
CA LEU B 39 -39.06 16.43 29.47
C LEU B 39 -40.12 17.44 29.03
N ARG B 40 -41.25 17.42 29.72
CA ARG B 40 -42.37 18.32 29.44
C ARG B 40 -42.78 19.02 30.72
N LEU B 41 -42.44 20.31 30.81
CA LEU B 41 -42.75 21.14 31.97
C LEU B 41 -43.86 22.13 31.64
N GLN B 42 -44.87 22.18 32.51
CA GLN B 42 -46.01 23.08 32.33
C GLN B 42 -46.38 23.82 33.61
N PRO B 43 -46.53 25.16 33.55
CA PRO B 43 -46.90 25.97 34.71
C PRO B 43 -48.29 25.59 35.20
N HIS B 44 -48.57 25.90 36.46
CA HIS B 44 -49.86 25.60 37.06
C HIS B 44 -50.38 26.76 37.91
N SER B 45 -51.28 26.45 38.84
CA SER B 45 -51.84 27.46 39.73
C SER B 45 -52.42 26.78 40.96
N ASN B 46 -52.74 25.51 40.80
CA ASN B 46 -53.31 24.70 41.88
C ASN B 46 -52.27 24.34 42.93
N GLY B 47 -51.20 25.12 43.00
CA GLY B 47 -50.13 24.89 43.96
C GLY B 47 -49.73 23.46 44.27
N LYS B 48 -49.27 22.72 43.26
CA LYS B 48 -48.84 21.33 43.42
C LYS B 48 -47.84 20.93 42.33
N VAL B 49 -46.77 20.24 42.72
CA VAL B 49 -45.74 19.77 41.78
C VAL B 49 -46.06 18.32 41.42
N ASP B 50 -45.95 17.99 40.14
CA ASP B 50 -46.27 16.63 39.68
C ASP B 50 -45.20 15.99 38.76
N LEU B 51 -44.68 14.85 39.19
CA LEU B 51 -43.66 14.13 38.43
C LEU B 51 -44.24 12.89 37.74
N SER B 52 -44.02 12.75 36.44
CA SER B 52 -44.51 11.60 35.71
C SER B 52 -43.35 10.89 35.02
N LEU B 53 -42.99 9.70 35.53
CA LEU B 53 -41.90 8.91 34.99
C LEU B 53 -42.47 7.62 34.41
N PRO B 54 -43.05 7.69 33.20
CA PRO B 54 -43.64 6.56 32.49
C PRO B 54 -42.75 5.34 32.30
N ASN B 55 -41.54 5.55 31.77
CA ASN B 55 -40.62 4.43 31.56
C ASN B 55 -40.68 3.47 32.74
N ILE B 56 -40.77 4.03 33.95
CA ILE B 56 -40.84 3.25 35.17
C ILE B 56 -42.30 3.14 35.63
N GLY B 57 -43.17 3.88 34.96
CA GLY B 57 -44.59 3.86 35.30
C GLY B 57 -44.85 4.41 36.69
N ILE B 58 -43.91 5.22 37.18
CA ILE B 58 -44.04 5.81 38.49
C ILE B 58 -44.23 7.32 38.40
N LYS B 59 -45.19 7.83 39.16
CA LYS B 59 -45.46 9.26 39.21
C LYS B 59 -45.79 9.68 40.64
N ARG B 60 -45.12 10.73 41.11
CA ARG B 60 -45.32 11.24 42.44
C ARG B 60 -45.90 12.66 42.42
N ALA B 61 -46.09 13.23 43.60
CA ALA B 61 -46.63 14.58 43.73
C ALA B 61 -46.41 15.11 45.14
N TRP B 62 -46.26 16.43 45.22
CA TRP B 62 -46.05 17.11 46.49
C TRP B 62 -46.83 18.42 46.46
N ASP B 63 -47.39 18.81 47.61
CA ASP B 63 -48.13 20.06 47.69
C ASP B 63 -47.11 21.16 47.94
N VAL B 64 -47.12 22.18 47.08
CA VAL B 64 -46.18 23.29 47.22
C VAL B 64 -46.15 23.77 48.66
N ALA B 65 -47.19 23.42 49.41
CA ALA B 65 -47.33 23.79 50.82
C ALA B 65 -46.10 23.35 51.58
N ARG B 66 -46.07 22.07 51.96
CA ARG B 66 -44.94 21.49 52.69
C ARG B 66 -43.64 21.90 52.04
N LEU B 67 -43.50 21.59 50.76
CA LEU B 67 -42.29 21.94 50.04
C LEU B 67 -41.92 23.38 50.33
N GLN B 68 -42.92 24.22 50.56
CA GLN B 68 -42.70 25.63 50.82
C GLN B 68 -42.25 25.91 52.26
N SER B 69 -42.94 25.33 53.23
CA SER B 69 -42.58 25.54 54.63
C SER B 69 -41.23 24.89 54.89
N LEU B 70 -40.68 24.30 53.83
CA LEU B 70 -39.39 23.61 53.84
C LEU B 70 -38.35 24.14 54.83
N ASP B 71 -37.51 23.24 55.34
CA ASP B 71 -36.43 23.61 56.27
C ASP B 71 -35.29 24.18 55.41
N THR B 72 -34.70 23.29 54.62
CA THR B 72 -33.62 23.52 53.67
C THR B 72 -32.54 24.61 53.78
N SER B 73 -31.36 24.17 54.20
CA SER B 73 -30.19 25.01 54.44
C SER B 73 -28.99 24.68 53.52
N PHE B 74 -29.13 24.88 52.21
CA PHE B 74 -28.04 24.59 51.29
C PHE B 74 -28.32 25.08 49.86
N THR B 81 -22.72 18.09 60.77
CA THR B 81 -21.36 18.54 60.35
C THR B 81 -20.95 17.82 59.04
N THR B 82 -21.94 17.24 58.37
CA THR B 82 -21.72 16.49 57.13
C THR B 82 -21.84 17.35 55.86
N PRO B 83 -21.13 16.97 54.78
CA PRO B 83 -21.15 17.69 53.50
C PRO B 83 -22.24 17.25 52.52
N THR B 84 -21.88 16.33 51.61
CA THR B 84 -22.84 15.84 50.62
C THR B 84 -23.67 14.72 51.23
N SER B 85 -22.99 13.80 51.92
CA SER B 85 -23.65 12.67 52.57
C SER B 85 -24.83 13.19 53.38
N GLU B 86 -24.67 14.44 53.84
CA GLU B 86 -25.65 15.16 54.64
C GLU B 86 -26.95 15.40 53.86
N GLN B 87 -26.86 16.35 52.94
CA GLN B 87 -27.98 16.73 52.12
C GLN B 87 -28.73 15.56 51.51
N VAL B 88 -28.04 14.43 51.34
CA VAL B 88 -28.69 13.25 50.75
C VAL B 88 -29.73 12.62 51.68
N GLU B 89 -29.29 11.87 52.68
CA GLU B 89 -30.23 11.25 53.60
C GLU B 89 -31.24 12.30 54.05
N LYS B 90 -30.78 13.55 54.10
CA LYS B 90 -31.65 14.66 54.48
C LYS B 90 -32.75 14.86 53.44
N LEU B 91 -32.35 15.06 52.18
CA LEU B 91 -33.33 15.27 51.12
C LEU B 91 -34.26 14.07 51.07
N LYS B 92 -33.84 12.96 51.66
CA LYS B 92 -34.67 11.75 51.67
C LYS B 92 -35.83 11.99 52.64
N GLU B 93 -35.57 12.79 53.68
CA GLU B 93 -36.59 13.12 54.67
C GLU B 93 -37.66 13.96 53.97
N VAL B 94 -37.22 14.88 53.12
CA VAL B 94 -38.11 15.76 52.37
C VAL B 94 -38.60 15.06 51.10
N ALA B 95 -38.17 13.82 50.91
CA ALA B 95 -38.53 13.06 49.73
C ALA B 95 -39.77 12.20 49.94
N GLY B 96 -39.95 11.74 51.18
CA GLY B 96 -41.10 10.91 51.48
C GLY B 96 -40.92 9.53 50.86
N LEU B 97 -39.69 9.23 50.44
CA LEU B 97 -39.34 7.96 49.85
C LEU B 97 -39.12 6.97 50.97
N PRO B 98 -39.79 5.82 50.91
CA PRO B 98 -39.65 4.79 51.95
C PRO B 98 -38.35 4.00 51.82
N ASP B 99 -38.15 3.05 52.73
CA ASP B 99 -36.96 2.20 52.71
C ASP B 99 -37.11 1.24 51.54
N ASP B 100 -35.98 0.83 50.97
CA ASP B 100 -35.97 -0.07 49.82
C ASP B 100 -36.33 0.77 48.59
N CYS B 101 -37.59 0.72 48.17
CA CYS B 101 -38.06 1.48 47.02
C CYS B 101 -37.11 1.42 45.81
N ALA B 102 -37.62 0.86 44.72
CA ALA B 102 -36.87 0.73 43.48
C ALA B 102 -35.79 1.81 43.37
N VAL B 103 -34.54 1.38 43.28
CA VAL B 103 -33.42 2.30 43.18
C VAL B 103 -33.60 3.37 42.09
N THR B 104 -34.11 2.97 40.92
CA THR B 104 -34.32 3.93 39.86
C THR B 104 -35.25 5.01 40.38
N GLU B 105 -36.35 4.59 40.99
CA GLU B 105 -37.32 5.52 41.54
C GLU B 105 -36.61 6.46 42.48
N ARG B 106 -35.86 5.90 43.42
CA ARG B 106 -35.12 6.71 44.39
C ARG B 106 -34.27 7.74 43.66
N LEU B 107 -33.48 7.28 42.69
CA LEU B 107 -32.64 8.19 41.93
C LEU B 107 -33.48 9.20 41.15
N ALA B 108 -34.53 8.69 40.51
CA ALA B 108 -35.42 9.54 39.74
C ALA B 108 -35.87 10.74 40.56
N VAL B 109 -36.40 10.46 41.77
CA VAL B 109 -36.88 11.52 42.64
C VAL B 109 -35.81 12.38 43.29
N LEU B 110 -34.93 11.79 44.10
CA LEU B 110 -33.88 12.56 44.75
C LEU B 110 -33.25 13.58 43.78
N ALA B 111 -33.33 13.28 42.49
CA ALA B 111 -32.76 14.14 41.46
C ALA B 111 -33.71 15.29 41.12
N PHE B 112 -34.97 14.93 40.89
CA PHE B 112 -36.01 15.89 40.56
C PHE B 112 -36.09 16.95 41.65
N LEU B 113 -36.30 16.51 42.90
CA LEU B 113 -36.38 17.42 44.01
C LEU B 113 -35.14 18.30 44.11
N TYR B 114 -33.98 17.69 44.36
CA TYR B 114 -32.74 18.46 44.48
C TYR B 114 -32.68 19.59 43.47
N LEU B 115 -33.09 19.29 42.25
CA LEU B 115 -33.03 20.28 41.19
C LEU B 115 -34.15 21.32 41.28
N TYR B 116 -35.36 20.87 41.61
CA TYR B 116 -36.50 21.78 41.74
C TYR B 116 -36.26 22.75 42.92
N LEU B 117 -35.94 22.18 44.09
CA LEU B 117 -35.69 22.94 45.30
C LEU B 117 -34.41 23.78 45.25
N SER B 118 -33.64 23.64 44.19
CA SER B 118 -32.40 24.39 44.07
C SER B 118 -32.53 25.63 43.20
N ILE B 119 -32.81 25.42 41.91
CA ILE B 119 -32.95 26.51 40.97
C ILE B 119 -34.13 27.43 41.32
N CYS B 120 -35.17 26.87 41.90
CA CYS B 120 -36.35 27.63 42.24
C CYS B 120 -36.29 28.29 43.61
N ARG B 121 -35.12 28.74 44.00
CA ARG B 121 -34.97 29.38 45.30
C ARG B 121 -35.03 30.90 45.17
N LYS B 122 -34.52 31.41 44.06
CA LYS B 122 -34.53 32.85 43.82
C LYS B 122 -35.93 33.31 43.43
N GLN B 123 -36.94 32.56 43.87
CA GLN B 123 -38.33 32.88 43.55
C GLN B 123 -39.11 33.23 44.80
N ARG B 124 -40.12 34.08 44.63
CA ARG B 124 -40.96 34.49 45.76
C ARG B 124 -41.58 33.27 46.40
N ALA B 125 -41.65 32.18 45.65
CA ALA B 125 -42.23 30.96 46.18
C ALA B 125 -41.99 29.84 45.19
N LEU B 126 -42.11 28.61 45.68
CA LEU B 126 -41.94 27.43 44.84
C LEU B 126 -43.10 27.39 43.87
N PRO B 127 -42.79 27.28 42.57
CA PRO B 127 -43.84 27.24 41.55
C PRO B 127 -44.56 25.90 41.50
N SER B 128 -45.82 25.93 41.10
CA SER B 128 -46.58 24.71 40.96
C SER B 128 -46.23 24.27 39.54
N LEU B 129 -45.83 23.02 39.40
CA LEU B 129 -45.45 22.49 38.09
C LEU B 129 -46.02 21.13 37.81
N ASP B 130 -45.86 20.74 36.56
CA ASP B 130 -46.30 19.43 36.08
C ASP B 130 -45.21 18.96 35.15
N ILE B 131 -44.34 18.10 35.68
CA ILE B 131 -43.24 17.57 34.91
C ILE B 131 -43.45 16.10 34.56
N VAL B 132 -43.00 15.73 33.37
CA VAL B 132 -43.10 14.36 32.88
C VAL B 132 -41.92 14.13 31.94
N VAL B 133 -41.17 13.06 32.19
CA VAL B 133 -40.00 12.69 31.39
C VAL B 133 -40.06 11.25 30.86
N TRP B 134 -39.75 11.08 29.57
CA TRP B 134 -39.73 9.75 28.94
C TRP B 134 -38.43 9.58 28.16
N SER B 135 -37.71 8.48 28.38
CA SER B 135 -36.44 8.29 27.68
C SER B 135 -36.30 7.04 26.82
N GLU B 136 -35.48 7.18 25.77
CA GLU B 136 -35.16 6.12 24.79
C GLU B 136 -33.91 5.36 25.21
N LEU B 137 -33.17 5.93 26.16
CA LEU B 137 -31.95 5.32 26.66
C LEU B 137 -32.24 4.23 27.66
N PRO B 138 -31.67 3.03 27.44
CA PRO B 138 -31.90 1.94 28.38
C PRO B 138 -31.24 2.34 29.70
N PRO B 139 -31.85 2.00 30.84
CA PRO B 139 -31.29 2.37 32.13
C PRO B 139 -30.09 1.52 32.50
N GLY B 140 -29.19 2.09 33.29
CA GLY B 140 -28.00 1.39 33.73
C GLY B 140 -27.25 0.64 32.64
N ALA B 141 -26.82 1.36 31.63
CA ALA B 141 -26.07 0.74 30.53
C ALA B 141 -24.76 1.50 30.31
N GLY B 142 -24.42 2.36 31.25
CA GLY B 142 -23.20 3.15 31.14
C GLY B 142 -23.38 4.20 30.08
N LEU B 143 -24.64 4.54 29.81
CA LEU B 143 -24.95 5.53 28.78
C LEU B 143 -25.29 6.95 29.25
N GLY B 144 -24.98 7.25 30.51
CA GLY B 144 -25.25 8.59 31.04
C GLY B 144 -26.71 8.99 31.11
N SER B 145 -27.57 8.04 31.45
CA SER B 145 -28.99 8.31 31.53
C SER B 145 -29.31 9.37 32.58
N SER B 146 -28.71 9.26 33.76
CA SER B 146 -28.97 10.23 34.82
C SER B 146 -28.51 11.64 34.43
N ALA B 147 -27.44 11.74 33.66
CA ALA B 147 -27.00 13.06 33.23
C ALA B 147 -28.11 13.72 32.41
N ALA B 148 -28.39 13.11 31.26
CA ALA B 148 -29.43 13.61 30.36
C ALA B 148 -30.60 14.07 31.19
N TYR B 149 -31.05 13.19 32.08
CA TYR B 149 -32.17 13.49 32.95
C TYR B 149 -31.96 14.81 33.71
N SER B 150 -31.01 14.84 34.65
CA SER B 150 -30.80 16.06 35.41
C SER B 150 -30.37 17.23 34.51
N VAL B 151 -30.14 16.94 33.24
CA VAL B 151 -29.78 18.00 32.31
C VAL B 151 -31.03 18.56 31.65
N CYS B 152 -32.03 17.71 31.42
CA CYS B 152 -33.26 18.17 30.81
C CYS B 152 -33.91 19.06 31.86
N LEU B 153 -34.00 18.53 33.07
CA LEU B 153 -34.58 19.22 34.20
C LEU B 153 -33.94 20.59 34.33
N ALA B 154 -32.67 20.61 34.71
CA ALA B 154 -31.94 21.86 34.87
C ALA B 154 -32.26 22.83 33.75
N ALA B 155 -32.26 22.35 32.52
CA ALA B 155 -32.56 23.23 31.40
C ALA B 155 -33.98 23.80 31.54
N ALA B 156 -34.95 22.91 31.74
CA ALA B 156 -36.35 23.32 31.88
C ALA B 156 -36.55 24.30 33.04
N LEU B 157 -36.36 23.82 34.26
CA LEU B 157 -36.52 24.68 35.43
C LEU B 157 -35.86 26.05 35.25
N LEU B 158 -34.60 26.06 34.79
CA LEU B 158 -33.87 27.29 34.60
C LEU B 158 -34.61 28.34 33.76
N THR B 159 -35.38 27.87 32.78
CA THR B 159 -36.10 28.80 31.92
C THR B 159 -37.43 29.21 32.55
N VAL B 160 -38.17 28.25 33.09
CA VAL B 160 -39.45 28.57 33.72
C VAL B 160 -39.16 29.62 34.80
N CYS B 161 -38.18 29.35 35.66
CA CYS B 161 -37.80 30.31 36.69
C CYS B 161 -37.13 31.51 36.01
N GLU B 162 -37.39 31.67 34.73
CA GLU B 162 -36.83 32.76 33.94
C GLU B 162 -35.43 33.20 34.33
N GLU B 163 -34.63 32.30 34.92
CA GLU B 163 -33.27 32.65 35.27
C GLU B 163 -32.43 32.51 33.99
N ILE B 164 -33.07 31.98 32.95
CA ILE B 164 -32.45 31.79 31.64
C ILE B 164 -33.57 31.98 30.61
N PRO B 165 -33.29 32.70 29.51
CA PRO B 165 -34.25 32.98 28.44
C PRO B 165 -34.66 31.84 27.51
N ASN B 166 -35.96 31.60 27.38
CA ASN B 166 -36.46 30.54 26.50
C ASN B 166 -36.10 30.86 25.04
N PRO B 167 -35.08 30.18 24.48
CA PRO B 167 -34.65 30.41 23.10
C PRO B 167 -35.76 30.20 22.09
N LEU B 168 -36.41 29.04 22.16
CA LEU B 168 -37.50 28.71 21.25
C LEU B 168 -38.81 29.26 21.80
N LYS B 169 -39.28 30.32 21.17
CA LYS B 169 -40.53 30.97 21.54
C LYS B 169 -40.95 31.74 20.28
N ASP B 170 -40.13 31.61 19.26
CA ASP B 170 -40.32 32.27 17.97
C ASP B 170 -41.30 31.56 17.05
N GLY B 171 -41.69 30.35 17.44
CA GLY B 171 -42.62 29.59 16.61
C GLY B 171 -41.92 28.95 15.43
N ASP B 172 -40.66 28.56 15.62
CA ASP B 172 -39.90 27.90 14.56
C ASP B 172 -39.94 26.36 14.72
N CYS B 173 -38.83 25.73 15.06
CA CYS B 173 -38.82 24.27 15.21
C CYS B 173 -38.00 23.71 16.37
N VAL B 174 -36.72 24.05 16.44
CA VAL B 174 -35.87 23.55 17.51
C VAL B 174 -35.21 24.69 18.28
N ASN B 175 -33.99 25.04 17.87
CA ASN B 175 -33.21 26.10 18.49
C ASN B 175 -32.74 25.96 19.96
N ARG B 176 -31.44 25.81 20.14
CA ARG B 176 -30.81 25.66 21.46
C ARG B 176 -30.35 26.95 22.16
N TRP B 177 -30.10 26.85 23.47
CA TRP B 177 -29.63 27.96 24.30
C TRP B 177 -28.25 28.51 23.92
N THR B 178 -27.96 29.72 24.40
CA THR B 178 -26.70 30.41 24.13
C THR B 178 -25.55 29.90 24.99
N LYS B 179 -24.32 30.05 24.48
CA LYS B 179 -23.14 29.60 25.21
C LYS B 179 -23.20 29.94 26.69
N GLU B 180 -23.39 31.22 27.00
CA GLU B 180 -23.49 31.68 28.38
C GLU B 180 -24.55 30.89 29.16
N ASP B 181 -25.67 30.60 28.50
CA ASP B 181 -26.78 29.90 29.12
C ASP B 181 -26.53 28.39 29.30
N LEU B 182 -25.92 27.77 28.29
CA LEU B 182 -25.59 26.35 28.33
C LEU B 182 -24.61 26.11 29.45
N GLU B 183 -23.67 27.05 29.60
CA GLU B 183 -22.67 26.97 30.65
C GLU B 183 -23.40 26.75 31.96
N LEU B 184 -24.45 27.53 32.16
CA LEU B 184 -25.25 27.45 33.37
C LEU B 184 -26.00 26.12 33.45
N ILE B 185 -26.46 25.65 32.29
CA ILE B 185 -27.17 24.39 32.26
C ILE B 185 -26.23 23.27 32.75
N ASN B 186 -25.05 23.18 32.15
CA ASN B 186 -24.11 22.14 32.57
C ASN B 186 -23.87 22.31 34.06
N LYS B 187 -23.52 23.52 34.48
CA LYS B 187 -23.25 23.80 35.89
C LYS B 187 -24.27 23.28 36.89
N TRP B 188 -25.56 23.42 36.58
CA TRP B 188 -26.58 22.95 37.52
C TRP B 188 -26.79 21.44 37.50
N ALA B 189 -26.69 20.85 36.31
CA ALA B 189 -26.86 19.40 36.16
C ALA B 189 -25.72 18.63 36.82
N PHE B 190 -24.52 19.19 36.79
CA PHE B 190 -23.36 18.54 37.41
C PHE B 190 -23.63 18.44 38.90
N GLN B 191 -24.15 19.52 39.50
CA GLN B 191 -24.49 19.49 40.92
C GLN B 191 -25.48 18.33 41.01
N GLY B 192 -26.37 18.27 40.04
CA GLY B 192 -27.36 17.21 40.02
C GLY B 192 -26.65 15.89 40.05
N GLU B 193 -25.68 15.70 39.16
CA GLU B 193 -24.94 14.46 39.11
C GLU B 193 -24.11 14.19 40.36
N ARG B 194 -23.51 15.23 40.94
CA ARG B 194 -22.73 15.04 42.16
C ARG B 194 -23.61 14.47 43.28
N MET B 195 -24.92 14.57 43.11
CA MET B 195 -25.86 14.08 44.12
C MET B 195 -26.19 12.61 44.04
N ILE B 196 -26.27 12.10 42.83
CA ILE B 196 -26.63 10.70 42.62
C ILE B 196 -25.42 9.78 42.61
N HIS B 197 -24.43 10.13 41.80
CA HIS B 197 -23.22 9.33 41.65
C HIS B 197 -22.05 9.73 42.53
N GLY B 198 -22.29 10.60 43.50
CA GLY B 198 -21.23 11.02 44.39
C GLY B 198 -20.21 11.95 43.75
N ASN B 199 -19.27 11.41 42.98
CA ASN B 199 -18.28 12.24 42.33
C ASN B 199 -18.07 11.89 40.86
N PRO B 200 -18.92 12.44 39.99
CA PRO B 200 -18.83 12.19 38.55
C PRO B 200 -17.72 12.99 37.93
N SER B 201 -17.17 12.50 36.82
CA SER B 201 -16.10 13.19 36.13
C SER B 201 -16.71 14.37 35.40
N GLY B 202 -18.03 14.33 35.27
CA GLY B 202 -18.74 15.41 34.61
C GLY B 202 -18.80 15.30 33.11
N VAL B 203 -18.19 14.27 32.53
CA VAL B 203 -18.19 14.09 31.08
C VAL B 203 -19.61 13.90 30.51
N ASP B 204 -20.44 13.16 31.25
CA ASP B 204 -21.79 12.90 30.80
C ASP B 204 -22.61 14.18 30.69
N ASN B 205 -22.83 14.85 31.82
CA ASN B 205 -23.62 16.06 31.76
C ASN B 205 -23.13 16.96 30.64
N ALA B 206 -21.83 17.02 30.38
CA ALA B 206 -21.36 17.89 29.31
C ALA B 206 -21.73 17.38 27.94
N VAL B 207 -21.73 16.07 27.75
CA VAL B 207 -22.06 15.54 26.45
C VAL B 207 -23.54 15.77 26.19
N SER B 208 -24.36 15.49 27.21
CA SER B 208 -25.79 15.69 27.06
C SER B 208 -26.10 17.18 26.90
N THR B 209 -25.28 18.02 27.53
CA THR B 209 -25.45 19.45 27.46
C THR B 209 -25.06 19.97 26.09
N TRP B 210 -23.76 19.95 25.81
CA TRP B 210 -23.22 20.45 24.54
C TRP B 210 -23.42 19.58 23.32
N GLY B 211 -23.40 18.26 23.49
CA GLY B 211 -23.56 17.38 22.36
C GLY B 211 -22.35 17.42 21.46
N GLY B 212 -22.46 16.83 20.27
CA GLY B 212 -21.35 16.78 19.34
C GLY B 212 -20.36 15.74 19.84
N ALA B 213 -19.09 16.10 19.86
CA ALA B 213 -18.00 15.24 20.31
C ALA B 213 -17.13 15.96 21.33
N LEU B 214 -16.82 15.28 22.42
CA LEU B 214 -16.00 15.86 23.49
C LEU B 214 -14.66 15.16 23.69
N ARG B 215 -13.62 15.96 23.66
CA ARG B 215 -12.28 15.45 23.88
C ARG B 215 -11.98 15.72 25.35
N TYR B 216 -11.89 14.65 26.14
CA TYR B 216 -11.61 14.80 27.55
C TYR B 216 -10.24 14.22 27.92
N HIS B 217 -9.33 15.07 28.37
CA HIS B 217 -8.01 14.61 28.76
C HIS B 217 -7.94 14.40 30.27
N GLN B 218 -6.83 14.80 30.89
CA GLN B 218 -6.70 14.62 32.32
C GLN B 218 -7.48 15.68 33.08
N GLY B 219 -8.81 15.59 33.01
CA GLY B 219 -9.66 16.56 33.69
C GLY B 219 -10.16 17.70 32.82
N LYS B 220 -9.48 17.99 31.72
CA LYS B 220 -9.91 19.07 30.84
C LYS B 220 -10.88 18.56 29.79
N ILE B 221 -12.02 19.22 29.69
CA ILE B 221 -13.06 18.84 28.75
C ILE B 221 -13.29 19.88 27.66
N SER B 222 -12.56 19.76 26.55
CA SER B 222 -12.75 20.67 25.44
C SER B 222 -13.74 20.08 24.41
N SER B 223 -13.82 20.68 23.24
CA SER B 223 -14.73 20.18 22.21
C SER B 223 -14.12 20.38 20.85
N LEU B 224 -14.64 19.68 19.85
CA LEU B 224 -14.10 19.81 18.50
C LEU B 224 -14.93 20.85 17.76
N LYS B 225 -14.31 21.92 17.29
CA LYS B 225 -15.09 22.94 16.58
C LYS B 225 -16.20 22.27 15.76
N ARG B 226 -15.80 21.43 14.82
CA ARG B 226 -16.76 20.74 13.98
C ARG B 226 -16.53 19.24 14.08
N SER B 227 -17.61 18.47 13.89
CA SER B 227 -17.57 17.02 13.98
C SER B 227 -18.87 16.47 13.41
N PRO B 228 -18.79 15.54 12.45
CA PRO B 228 -20.00 14.98 11.86
C PRO B 228 -20.73 14.01 12.75
N ALA B 229 -22.03 13.90 12.52
CA ALA B 229 -22.87 12.98 13.27
C ALA B 229 -22.78 11.73 12.42
N LEU B 230 -22.60 10.57 13.04
CA LEU B 230 -22.46 9.32 12.28
C LEU B 230 -23.51 8.31 12.72
N GLN B 231 -24.10 7.61 11.75
CA GLN B 231 -25.11 6.60 12.05
C GLN B 231 -24.39 5.42 12.67
N ILE B 232 -24.98 4.81 13.68
CA ILE B 232 -24.33 3.68 14.32
C ILE B 232 -25.33 2.66 14.82
N LEU B 233 -24.82 1.53 15.29
CA LEU B 233 -25.66 0.48 15.85
C LEU B 233 -25.29 0.30 17.30
N LEU B 234 -26.23 0.65 18.17
CA LEU B 234 -26.03 0.52 19.58
C LEU B 234 -26.51 -0.85 20.00
N THR B 235 -25.57 -1.75 20.21
CA THR B 235 -25.87 -3.10 20.61
C THR B 235 -25.60 -3.31 22.11
N ASN B 236 -26.52 -3.94 22.79
CA ASN B 236 -26.37 -4.23 24.21
C ASN B 236 -26.41 -5.76 24.36
N THR B 237 -25.27 -6.32 24.74
CA THR B 237 -25.11 -7.76 24.91
C THR B 237 -25.90 -8.35 26.07
N LYS B 238 -26.54 -7.50 26.86
CA LYS B 238 -27.31 -7.96 28.01
C LYS B 238 -26.40 -8.49 29.12
N VAL B 239 -25.17 -8.88 28.75
CA VAL B 239 -24.20 -9.42 29.71
C VAL B 239 -23.78 -8.45 30.79
N PRO B 240 -23.98 -8.82 32.07
CA PRO B 240 -23.63 -7.99 33.21
C PRO B 240 -22.12 -7.93 33.45
N ARG B 241 -21.66 -6.84 34.08
CA ARG B 241 -20.25 -6.66 34.34
C ARG B 241 -19.98 -5.79 35.55
N ASN B 242 -18.79 -5.94 36.13
CA ASN B 242 -18.38 -5.16 37.30
C ASN B 242 -17.31 -4.14 36.89
N THR B 243 -17.75 -2.95 36.56
CA THR B 243 -16.84 -1.91 36.12
C THR B 243 -15.66 -1.66 37.04
N ARG B 244 -15.86 -1.77 38.34
CA ARG B 244 -14.77 -1.56 39.26
C ARG B 244 -13.71 -2.63 39.00
N ALA B 245 -14.16 -3.87 38.90
CA ALA B 245 -13.27 -5.00 38.64
C ALA B 245 -12.48 -4.73 37.38
N LEU B 246 -13.21 -4.57 36.28
CA LEU B 246 -12.60 -4.29 35.00
C LEU B 246 -11.47 -3.29 35.17
N VAL B 247 -11.80 -2.15 35.75
CA VAL B 247 -10.81 -1.09 35.94
C VAL B 247 -9.57 -1.57 36.70
N ALA B 248 -9.79 -2.22 37.85
CA ALA B 248 -8.69 -2.74 38.64
C ALA B 248 -7.87 -3.68 37.76
N GLY B 249 -8.57 -4.54 37.03
CA GLY B 249 -7.87 -5.47 36.17
C GLY B 249 -6.80 -4.78 35.33
N VAL B 250 -7.21 -3.78 34.57
CA VAL B 250 -6.28 -3.03 33.74
C VAL B 250 -5.21 -2.44 34.64
N ARG B 251 -5.60 -2.05 35.85
CA ARG B 251 -4.67 -1.46 36.80
C ARG B 251 -3.53 -2.44 37.03
N ASN B 252 -3.83 -3.53 37.73
CA ASN B 252 -2.84 -4.55 38.02
C ASN B 252 -2.05 -4.96 36.79
N ARG B 253 -2.73 -5.06 35.66
CA ARG B 253 -2.04 -5.44 34.44
C ARG B 253 -0.96 -4.43 34.08
N LEU B 254 -1.22 -3.14 34.29
CA LEU B 254 -0.22 -2.11 33.98
C LEU B 254 0.96 -2.30 34.92
N LEU B 255 0.63 -2.56 36.18
CA LEU B 255 1.60 -2.76 37.22
C LEU B 255 2.50 -3.95 36.93
N LYS B 256 1.89 -5.04 36.47
CA LYS B 256 2.61 -6.27 36.19
C LYS B 256 3.40 -6.35 34.88
N PHE B 257 3.11 -5.49 33.90
CA PHE B 257 3.80 -5.53 32.61
C PHE B 257 3.93 -4.11 32.05
N PRO B 258 4.40 -3.18 32.90
CA PRO B 258 4.59 -1.77 32.52
C PRO B 258 5.17 -1.53 31.15
N GLU B 259 6.21 -2.28 30.83
CA GLU B 259 6.88 -2.09 29.56
C GLU B 259 6.07 -2.52 28.36
N ILE B 260 5.15 -3.47 28.55
CA ILE B 260 4.30 -3.93 27.43
C ILE B 260 3.06 -3.05 27.32
N VAL B 261 2.33 -2.93 28.42
CA VAL B 261 1.11 -2.13 28.45
C VAL B 261 1.28 -0.62 28.18
N ALA B 262 2.17 0.04 28.91
CA ALA B 262 2.38 1.48 28.70
C ALA B 262 2.31 1.84 27.21
N PRO B 263 3.17 1.21 26.38
CA PRO B 263 3.15 1.52 24.95
C PRO B 263 1.73 1.33 24.40
N LEU B 264 1.05 0.29 24.88
CA LEU B 264 -0.29 0.00 24.44
C LEU B 264 -1.19 1.19 24.72
N LEU B 265 -1.34 1.52 26.00
CA LEU B 265 -2.16 2.65 26.41
C LEU B 265 -1.81 3.84 25.54
N THR B 266 -0.60 3.82 25.01
CA THR B 266 -0.19 4.90 24.14
C THR B 266 -0.85 4.78 22.76
N SER B 267 -1.03 3.56 22.25
CA SER B 267 -1.67 3.42 20.93
C SER B 267 -3.12 3.90 21.00
N ILE B 268 -3.76 3.60 22.12
CA ILE B 268 -5.13 4.02 22.30
C ILE B 268 -5.20 5.53 22.17
N ASP B 269 -4.37 6.19 22.95
CA ASP B 269 -4.29 7.65 22.96
C ASP B 269 -4.13 8.15 21.55
N ALA B 270 -3.28 7.48 20.78
CA ALA B 270 -3.03 7.91 19.42
C ALA B 270 -4.24 7.67 18.51
N ILE B 271 -5.08 6.71 18.88
CA ILE B 271 -6.27 6.43 18.09
C ILE B 271 -7.18 7.63 18.28
N SER B 272 -7.41 8.00 19.53
CA SER B 272 -8.24 9.17 19.80
C SER B 272 -7.74 10.40 19.02
N LEU B 273 -6.51 10.85 19.29
CA LEU B 273 -5.97 12.00 18.57
C LEU B 273 -6.11 11.88 17.06
N GLU B 274 -6.07 10.65 16.55
CA GLU B 274 -6.20 10.44 15.11
C GLU B 274 -7.66 10.56 14.67
N CYS B 275 -8.55 9.91 15.41
CA CYS B 275 -9.98 9.96 15.12
C CYS B 275 -10.38 11.42 14.99
N GLU B 276 -10.14 12.15 16.07
CA GLU B 276 -10.42 13.57 16.16
C GLU B 276 -9.92 14.27 14.90
N ARG B 277 -8.64 14.13 14.61
CA ARG B 277 -8.08 14.77 13.43
C ARG B 277 -8.87 14.43 12.16
N VAL B 278 -9.53 13.27 12.11
CA VAL B 278 -10.27 12.92 10.91
C VAL B 278 -11.67 13.53 10.90
N LEU B 279 -12.31 13.54 12.06
CA LEU B 279 -13.64 14.13 12.18
C LEU B 279 -13.61 15.57 11.71
N GLY B 280 -12.59 16.31 12.17
CA GLY B 280 -12.47 17.70 11.77
C GLY B 280 -11.75 17.82 10.45
N GLU B 281 -12.32 17.20 9.41
CA GLU B 281 -11.69 17.22 8.09
C GLU B 281 -12.62 16.60 7.07
N MET B 282 -13.63 15.89 7.53
CA MET B 282 -14.55 15.24 6.62
C MET B 282 -15.48 16.24 5.94
N GLY B 283 -16.06 17.14 6.71
CA GLY B 283 -16.96 18.11 6.11
C GLY B 283 -18.32 17.52 5.79
N GLU B 284 -19.13 18.25 5.03
CA GLU B 284 -20.48 17.81 4.67
C GLU B 284 -20.60 16.81 3.55
N ALA B 285 -19.51 16.59 2.81
CA ALA B 285 -19.49 15.62 1.71
C ALA B 285 -18.33 14.63 1.90
N PRO B 286 -18.40 13.80 2.97
CA PRO B 286 -17.40 12.80 3.35
C PRO B 286 -16.74 12.01 2.22
N ALA B 287 -15.90 11.05 2.59
CA ALA B 287 -15.21 10.23 1.62
C ALA B 287 -15.07 8.78 2.09
N PRO B 288 -15.32 7.81 1.18
CA PRO B 288 -15.19 6.41 1.58
C PRO B 288 -13.91 6.23 2.38
N GLU B 289 -12.82 6.74 1.83
CA GLU B 289 -11.52 6.64 2.47
C GLU B 289 -11.56 7.01 3.95
N GLN B 290 -12.18 8.14 4.25
CA GLN B 290 -12.26 8.63 5.62
C GLN B 290 -13.04 7.69 6.53
N TYR B 291 -14.16 7.16 6.05
CA TYR B 291 -14.89 6.23 6.88
C TYR B 291 -14.04 4.98 7.10
N LEU B 292 -13.23 4.64 6.11
CA LEU B 292 -12.35 3.48 6.21
C LEU B 292 -11.43 3.74 7.37
N VAL B 293 -10.73 4.89 7.32
CA VAL B 293 -9.82 5.31 8.39
C VAL B 293 -10.53 5.15 9.71
N LEU B 294 -11.76 5.64 9.76
CA LEU B 294 -12.55 5.52 10.96
C LEU B 294 -12.83 4.08 11.34
N GLU B 295 -13.03 3.22 10.36
CA GLU B 295 -13.31 1.82 10.65
C GLU B 295 -12.06 1.10 11.14
N GLU B 296 -10.91 1.45 10.58
CA GLU B 296 -9.66 0.84 11.02
C GLU B 296 -9.40 1.27 12.47
N LEU B 297 -9.63 2.55 12.76
CA LEU B 297 -9.45 3.04 14.11
C LEU B 297 -10.32 2.23 15.07
N ILE B 298 -11.57 2.00 14.69
CA ILE B 298 -12.46 1.20 15.55
C ILE B 298 -11.83 -0.15 15.81
N ASP B 299 -11.48 -0.86 14.73
CA ASP B 299 -10.90 -2.21 14.82
C ASP B 299 -9.75 -2.27 15.77
N MET B 300 -8.78 -1.40 15.53
CA MET B 300 -7.59 -1.31 16.35
C MET B 300 -7.94 -1.13 17.82
N ASN B 301 -8.77 -0.13 18.13
CA ASN B 301 -9.13 0.08 19.52
C ASN B 301 -9.71 -1.19 20.14
N GLN B 302 -10.56 -1.90 19.41
CA GLN B 302 -11.17 -3.09 20.00
C GLN B 302 -10.13 -4.08 20.44
N HIS B 303 -9.20 -4.37 19.54
CA HIS B 303 -8.14 -5.30 19.85
C HIS B 303 -7.34 -4.84 21.07
N HIS B 304 -6.91 -3.57 21.07
CA HIS B 304 -6.16 -3.04 22.22
C HIS B 304 -6.93 -3.25 23.51
N LEU B 305 -8.26 -3.12 23.44
CA LEU B 305 -9.08 -3.30 24.65
C LEU B 305 -9.16 -4.75 25.03
N ASN B 306 -8.87 -5.62 24.08
CA ASN B 306 -8.88 -7.04 24.40
C ASN B 306 -7.56 -7.33 25.07
N ALA B 307 -6.51 -6.64 24.61
CA ALA B 307 -5.18 -6.80 25.18
C ALA B 307 -5.22 -6.39 26.66
N LEU B 308 -5.82 -5.24 26.96
CA LEU B 308 -5.90 -4.80 28.35
C LEU B 308 -6.63 -5.83 29.19
N GLY B 309 -7.39 -6.66 28.51
CA GLY B 309 -8.14 -7.70 29.19
C GLY B 309 -9.56 -7.33 29.56
N VAL B 310 -10.20 -6.46 28.80
CA VAL B 310 -11.58 -6.09 29.14
C VAL B 310 -12.59 -6.56 28.11
N GLY B 311 -12.19 -7.50 27.26
CA GLY B 311 -13.10 -8.00 26.24
C GLY B 311 -14.02 -9.08 26.78
N HIS B 312 -14.85 -9.64 25.92
CA HIS B 312 -15.75 -10.68 26.39
C HIS B 312 -16.28 -11.53 25.26
N ALA B 313 -16.60 -12.76 25.59
CA ALA B 313 -17.15 -13.69 24.63
C ALA B 313 -18.14 -13.00 23.70
N SER B 314 -19.20 -12.47 24.29
CA SER B 314 -20.26 -11.77 23.56
C SER B 314 -19.77 -10.63 22.73
N LEU B 315 -18.89 -9.82 23.29
CA LEU B 315 -18.34 -8.68 22.56
C LEU B 315 -17.58 -9.20 21.36
N ASP B 316 -17.03 -10.39 21.44
CA ASP B 316 -16.32 -10.91 20.26
C ASP B 316 -17.33 -11.33 19.21
N GLN B 317 -18.36 -12.05 19.65
CA GLN B 317 -19.40 -12.49 18.74
C GLN B 317 -20.00 -11.25 18.06
N LEU B 318 -20.24 -10.20 18.82
CA LEU B 318 -20.79 -8.99 18.24
C LEU B 318 -19.92 -8.49 17.08
N CYS B 319 -18.61 -8.37 17.28
CA CYS B 319 -17.73 -7.88 16.22
C CYS B 319 -17.64 -8.87 15.05
N GLN B 320 -17.87 -10.15 15.33
CA GLN B 320 -17.83 -11.19 14.30
C GLN B 320 -19.03 -11.01 13.37
N VAL B 321 -20.22 -11.09 13.95
CA VAL B 321 -21.46 -10.93 13.20
C VAL B 321 -21.40 -9.74 12.27
N THR B 322 -21.11 -8.58 12.86
CA THR B 322 -21.03 -7.33 12.11
C THR B 322 -19.90 -7.32 11.09
N ARG B 323 -18.76 -7.94 11.43
CA ARG B 323 -17.63 -7.93 10.51
C ARG B 323 -17.95 -8.79 9.29
N ALA B 324 -18.61 -9.92 9.52
CA ALA B 324 -18.99 -10.81 8.43
C ALA B 324 -19.71 -9.99 7.38
N ARG B 325 -20.53 -9.03 7.84
CA ARG B 325 -21.30 -8.15 6.95
C ARG B 325 -20.48 -6.96 6.43
N GLY B 326 -19.26 -6.80 6.92
CA GLY B 326 -18.43 -5.69 6.47
C GLY B 326 -18.60 -4.44 7.29
N LEU B 327 -19.07 -4.59 8.52
CA LEU B 327 -19.28 -3.46 9.41
C LEU B 327 -18.40 -3.63 10.64
N HIS B 328 -17.61 -2.59 10.93
CA HIS B 328 -16.70 -2.64 12.06
C HIS B 328 -17.33 -2.06 13.31
N SER B 329 -17.17 -2.74 14.44
CA SER B 329 -17.74 -2.27 15.69
C SER B 329 -16.82 -2.47 16.90
N LYS B 330 -17.19 -1.90 18.03
CA LYS B 330 -16.35 -2.04 19.23
C LYS B 330 -17.11 -1.82 20.51
N LEU B 331 -16.65 -2.44 21.57
CA LEU B 331 -17.29 -2.24 22.85
C LEU B 331 -17.08 -0.77 23.24
N THR B 332 -18.05 -0.20 23.93
CA THR B 332 -17.87 1.16 24.37
C THR B 332 -18.01 1.17 25.88
N GLY B 333 -17.03 1.75 26.57
CA GLY B 333 -17.12 1.77 28.02
C GLY B 333 -16.29 0.75 28.74
N ALA B 334 -16.76 0.33 29.91
CA ALA B 334 -16.03 -0.63 30.73
C ALA B 334 -15.57 -1.87 30.00
N GLY B 335 -16.49 -2.48 29.26
CA GLY B 335 -16.19 -3.71 28.56
C GLY B 335 -16.71 -4.85 29.40
N GLY B 336 -16.12 -6.04 29.24
CA GLY B 336 -16.57 -7.19 30.02
C GLY B 336 -18.06 -7.47 29.84
N GLY B 337 -18.59 -7.00 28.72
CA GLY B 337 -20.00 -7.15 28.45
C GLY B 337 -20.53 -5.77 28.09
N GLY B 338 -21.67 -5.40 28.68
CA GLY B 338 -22.22 -4.09 28.42
C GLY B 338 -22.57 -3.89 26.97
N CYS B 339 -22.37 -2.67 26.47
CA CYS B 339 -22.71 -2.38 25.10
C CYS B 339 -21.55 -2.24 24.13
N GLY B 340 -21.91 -2.30 22.87
CA GLY B 340 -20.98 -2.14 21.79
C GLY B 340 -21.55 -1.07 20.89
N ILE B 341 -20.81 -0.75 19.85
CA ILE B 341 -21.17 0.27 18.90
C ILE B 341 -20.72 -0.21 17.55
N THR B 342 -21.53 0.01 16.52
CA THR B 342 -21.17 -0.39 15.16
C THR B 342 -21.36 0.83 14.29
N LEU B 343 -20.35 1.18 13.52
CA LEU B 343 -20.46 2.36 12.67
C LEU B 343 -21.19 1.97 11.37
N LEU B 344 -21.81 2.94 10.72
CA LEU B 344 -22.55 2.68 9.48
C LEU B 344 -22.20 3.67 8.37
N LYS B 345 -21.15 3.38 7.63
CA LYS B 345 -20.72 4.22 6.52
C LYS B 345 -21.92 4.62 5.64
N PRO B 346 -21.92 5.85 5.14
CA PRO B 346 -23.00 6.35 4.29
C PRO B 346 -23.07 5.54 3.01
N GLY B 347 -24.03 4.62 2.93
CA GLY B 347 -24.13 3.83 1.71
C GLY B 347 -25.08 2.65 1.81
N LEU B 348 -24.84 1.76 2.77
CA LEU B 348 -25.68 0.58 2.92
C LEU B 348 -27.14 0.97 2.83
N GLU B 349 -27.89 0.25 2.01
CA GLU B 349 -29.31 0.54 1.82
C GLU B 349 -30.12 -0.02 2.98
N GLN B 350 -31.42 -0.08 2.77
CA GLN B 350 -32.39 -0.58 3.75
C GLN B 350 -32.01 -1.95 4.32
N PRO B 351 -32.01 -3.00 3.47
CA PRO B 351 -31.69 -4.36 3.91
C PRO B 351 -30.48 -4.55 4.82
N GLU B 352 -29.29 -4.64 4.23
CA GLU B 352 -28.03 -4.87 4.95
C GLU B 352 -28.05 -4.52 6.45
N VAL B 353 -28.18 -3.24 6.77
CA VAL B 353 -28.21 -2.82 8.15
C VAL B 353 -29.28 -3.57 8.94
N GLU B 354 -30.48 -3.65 8.38
CA GLU B 354 -31.58 -4.34 9.03
C GLU B 354 -31.32 -5.82 9.24
N ALA B 355 -30.56 -6.42 8.34
CA ALA B 355 -30.22 -7.84 8.42
C ALA B 355 -29.18 -8.08 9.53
N THR B 356 -28.17 -7.21 9.60
CA THR B 356 -27.16 -7.36 10.64
C THR B 356 -27.87 -7.13 11.97
N LYS B 357 -28.78 -6.16 11.94
CA LYS B 357 -29.55 -5.80 13.12
C LYS B 357 -30.25 -7.04 13.66
N GLN B 358 -30.78 -7.86 12.76
CA GLN B 358 -31.44 -9.07 13.20
C GLN B 358 -30.40 -10.10 13.64
N ALA B 359 -29.33 -10.24 12.86
CA ALA B 359 -28.27 -11.19 13.19
C ALA B 359 -27.72 -10.93 14.60
N LEU B 360 -27.57 -9.66 14.95
CA LEU B 360 -27.06 -9.35 16.28
C LEU B 360 -28.17 -9.58 17.30
N THR B 361 -29.42 -9.39 16.88
CA THR B 361 -30.53 -9.62 17.78
C THR B 361 -30.65 -11.10 18.12
N SER B 362 -30.30 -11.96 17.18
CA SER B 362 -30.37 -13.39 17.42
C SER B 362 -29.46 -13.83 18.56
N CYS B 363 -28.23 -13.33 18.54
CA CYS B 363 -27.25 -13.66 19.57
C CYS B 363 -27.81 -13.33 20.94
N GLY B 364 -28.99 -12.73 20.95
CA GLY B 364 -29.64 -12.40 22.20
C GLY B 364 -29.26 -11.05 22.74
N PHE B 365 -29.11 -10.07 21.86
CA PHE B 365 -28.74 -8.72 22.26
C PHE B 365 -29.79 -7.68 21.87
N ASP B 366 -29.93 -6.64 22.70
CA ASP B 366 -30.85 -5.56 22.36
C ASP B 366 -30.04 -4.70 21.40
N CYS B 367 -30.47 -4.60 20.15
CA CYS B 367 -29.73 -3.80 19.19
C CYS B 367 -30.64 -2.71 18.63
N LEU B 368 -30.12 -1.50 18.51
CA LEU B 368 -30.88 -0.36 18.03
C LEU B 368 -30.12 0.36 16.94
N GLU B 369 -30.83 1.19 16.19
CA GLU B 369 -30.17 1.95 15.16
C GLU B 369 -30.33 3.41 15.45
N THR B 370 -29.45 3.94 16.29
CA THR B 370 -29.49 5.34 16.65
C THR B 370 -28.41 6.09 15.88
N SER B 371 -27.91 7.18 16.44
CA SER B 371 -26.85 7.96 15.78
C SER B 371 -25.96 8.55 16.85
N ILE B 372 -24.80 9.03 16.41
CA ILE B 372 -23.81 9.56 17.32
C ILE B 372 -23.31 10.92 16.87
N GLY B 373 -23.01 11.79 17.84
CA GLY B 373 -22.54 13.12 17.54
C GLY B 373 -23.71 14.07 17.43
N ALA B 374 -24.86 13.63 17.94
CA ALA B 374 -26.07 14.42 17.92
C ALA B 374 -25.88 15.69 18.75
N PRO B 375 -26.66 16.75 18.43
CA PRO B 375 -26.70 18.09 19.06
C PRO B 375 -26.62 18.23 20.57
N GLY B 376 -27.70 17.95 21.28
CA GLY B 376 -27.66 18.09 22.72
C GLY B 376 -28.86 18.84 23.27
N VAL B 377 -28.88 19.04 24.59
CA VAL B 377 -30.00 19.71 25.27
C VAL B 377 -30.68 20.76 24.41
N SER B 378 -31.93 20.49 24.05
CA SER B 378 -32.65 21.43 23.22
C SER B 378 -34.12 21.63 23.60
N ILE B 379 -34.66 22.75 23.16
CA ILE B 379 -36.04 23.12 23.43
C ILE B 379 -36.85 22.84 22.16
N HIS B 380 -37.95 22.11 22.31
CA HIS B 380 -38.78 21.75 21.16
C HIS B 380 -40.15 22.43 21.10
N SER B 381 -40.44 23.01 19.93
CA SER B 381 -41.71 23.70 19.66
C SER B 381 -42.90 23.03 20.36
N ALA B 382 -43.48 22.03 19.69
CA ALA B 382 -44.64 21.29 20.21
C ALA B 382 -45.17 20.43 19.06
N THR B 383 -45.43 21.07 17.93
CA THR B 383 -45.93 20.38 16.76
C THR B 383 -44.80 19.46 16.30
N SER B 384 -43.62 20.06 16.13
CA SER B 384 -42.43 19.34 15.70
C SER B 384 -41.92 18.47 16.84
N LEU B 385 -42.30 17.19 16.78
CA LEU B 385 -41.91 16.19 17.76
C LEU B 385 -42.51 14.88 17.31
N ASP B 386 -41.65 13.90 17.07
CA ASP B 386 -42.05 12.58 16.62
C ASP B 386 -43.37 12.10 17.20
N SER B 387 -43.98 11.15 16.48
CA SER B 387 -45.24 10.54 16.86
C SER B 387 -45.20 9.97 18.27
N ARG B 388 -44.47 8.87 18.44
CA ARG B 388 -44.36 8.21 19.75
C ARG B 388 -43.93 9.17 20.87
N VAL B 389 -43.50 10.37 20.50
CA VAL B 389 -43.09 11.35 21.49
C VAL B 389 -44.30 11.79 22.31
N GLN B 390 -45.30 12.39 21.64
CA GLN B 390 -46.51 12.85 22.33
C GLN B 390 -47.10 11.70 23.11
N GLN B 391 -47.17 10.53 22.47
CA GLN B 391 -47.71 9.37 23.14
C GLN B 391 -47.11 9.26 24.53
N ALA B 392 -45.84 8.85 24.59
CA ALA B 392 -45.14 8.67 25.85
C ALA B 392 -44.98 9.92 26.70
N LEU B 393 -44.68 11.04 26.05
CA LEU B 393 -44.47 12.29 26.78
C LEU B 393 -45.79 12.91 27.26
N ASP B 394 -46.82 12.81 26.44
CA ASP B 394 -48.12 13.38 26.76
C ASP B 394 -48.99 12.37 27.52
N GLY B 395 -49.76 11.57 26.79
CA GLY B 395 -50.62 10.58 27.40
C GLY B 395 -49.90 9.35 27.90
N LEU C 2 30.62 -38.97 -30.62
CA LEU C 2 32.09 -39.25 -30.56
C LEU C 2 32.70 -38.98 -31.94
N SER C 3 32.46 -37.77 -32.44
CA SER C 3 32.95 -37.35 -33.76
C SER C 3 34.30 -36.62 -33.72
N GLU C 4 34.34 -35.50 -34.43
CA GLU C 4 35.52 -34.64 -34.55
C GLU C 4 35.08 -33.30 -35.15
N VAL C 5 33.90 -33.29 -35.78
CA VAL C 5 33.35 -32.07 -36.38
C VAL C 5 32.80 -31.16 -35.29
N LEU C 6 33.24 -29.91 -35.30
CA LEU C 6 32.82 -28.97 -34.28
C LEU C 6 31.53 -28.19 -34.52
N LEU C 7 30.73 -28.18 -33.46
CA LEU C 7 29.45 -27.49 -33.43
C LEU C 7 29.48 -26.59 -32.20
N VAL C 8 29.62 -25.28 -32.42
CA VAL C 8 29.66 -24.33 -31.33
C VAL C 8 28.60 -23.25 -31.50
N SER C 9 28.20 -22.66 -30.38
CA SER C 9 27.18 -21.61 -30.40
C SER C 9 27.33 -20.61 -29.25
N ALA C 10 26.80 -19.41 -29.47
CA ALA C 10 26.83 -18.34 -28.46
C ALA C 10 25.57 -17.50 -28.54
N PRO C 11 25.12 -16.99 -27.40
CA PRO C 11 23.92 -16.16 -27.37
C PRO C 11 24.32 -14.71 -27.64
N GLY C 12 23.34 -13.86 -27.96
CA GLY C 12 23.61 -12.45 -28.20
C GLY C 12 23.42 -11.63 -26.91
N LYS C 13 23.11 -10.36 -27.04
CA LYS C 13 22.92 -9.54 -25.85
C LYS C 13 21.84 -8.49 -26.02
N VAL C 14 21.24 -8.09 -24.90
CA VAL C 14 20.24 -7.04 -24.90
C VAL C 14 20.41 -6.32 -23.58
N ILE C 15 20.31 -5.00 -23.60
CA ILE C 15 20.45 -4.23 -22.38
C ILE C 15 19.13 -4.25 -21.61
N LEU C 16 19.15 -4.75 -20.38
CA LEU C 16 17.94 -4.81 -19.59
C LEU C 16 17.63 -3.40 -19.04
N HIS C 17 18.64 -2.75 -18.45
CA HIS C 17 18.50 -1.42 -17.88
C HIS C 17 19.81 -0.64 -18.03
N GLY C 18 19.72 0.65 -18.33
CA GLY C 18 20.93 1.45 -18.46
C GLY C 18 21.15 2.13 -19.80
N GLU C 19 20.54 1.58 -20.84
CA GLU C 19 20.65 2.09 -22.19
C GLU C 19 21.40 3.39 -22.45
N HIS C 20 20.79 4.50 -22.08
CA HIS C 20 21.42 5.78 -22.33
C HIS C 20 22.06 6.42 -21.10
N ALA C 21 21.86 5.80 -19.94
CA ALA C 21 22.40 6.32 -18.69
C ALA C 21 23.90 6.09 -18.54
N VAL C 22 24.37 4.89 -18.88
CA VAL C 22 25.80 4.56 -18.81
C VAL C 22 26.60 5.65 -19.47
N VAL C 23 26.26 5.95 -20.72
CA VAL C 23 26.96 6.97 -21.48
C VAL C 23 27.33 8.13 -20.56
N HIS C 24 26.45 8.43 -19.62
CA HIS C 24 26.67 9.54 -18.71
C HIS C 24 27.09 9.05 -17.33
N GLY C 25 27.98 8.06 -17.32
CA GLY C 25 28.50 7.50 -16.08
C GLY C 25 27.61 6.67 -15.18
N LYS C 26 26.44 6.29 -15.66
CA LYS C 26 25.51 5.49 -14.86
C LYS C 26 25.70 4.00 -15.06
N VAL C 27 25.01 3.19 -14.26
CA VAL C 27 25.10 1.74 -14.36
C VAL C 27 24.05 1.09 -15.26
N ALA C 28 24.43 0.02 -15.95
CA ALA C 28 23.52 -0.70 -16.83
C ALA C 28 23.71 -2.21 -16.70
N LEU C 29 22.64 -2.97 -16.93
CA LEU C 29 22.71 -4.41 -16.87
C LEU C 29 22.51 -5.00 -18.25
N ALA C 30 23.48 -5.77 -18.72
CA ALA C 30 23.38 -6.41 -20.03
C ALA C 30 23.16 -7.88 -19.75
N VAL C 31 22.22 -8.49 -20.46
CA VAL C 31 21.94 -9.91 -20.28
C VAL C 31 22.12 -10.63 -21.60
N SER C 32 22.16 -11.96 -21.54
CA SER C 32 22.34 -12.75 -22.74
C SER C 32 21.00 -13.05 -23.39
N LEU C 33 20.91 -12.81 -24.68
CA LEU C 33 19.69 -13.09 -25.42
C LEU C 33 19.90 -14.53 -25.90
N ASN C 34 19.04 -15.47 -25.49
CA ASN C 34 19.21 -16.86 -25.90
C ASN C 34 18.74 -17.15 -27.32
N LEU C 35 19.23 -16.35 -28.27
CA LEU C 35 18.89 -16.51 -29.67
C LEU C 35 20.22 -16.71 -30.40
N ARG C 36 21.01 -17.63 -29.86
CA ARG C 36 22.36 -18.00 -30.31
C ARG C 36 22.70 -18.05 -31.80
N THR C 37 24.00 -17.98 -32.05
CA THR C 37 24.54 -18.04 -33.41
C THR C 37 25.36 -19.32 -33.48
N PHE C 38 25.04 -20.16 -34.45
CA PHE C 38 25.74 -21.43 -34.61
C PHE C 38 26.85 -21.44 -35.64
N LEU C 39 28.00 -21.92 -35.21
CA LEU C 39 29.19 -22.03 -36.05
C LEU C 39 29.50 -23.50 -36.20
N ARG C 40 29.80 -23.91 -37.44
CA ARG C 40 30.12 -25.29 -37.76
C ARG C 40 31.54 -25.38 -38.30
N LEU C 41 32.33 -26.29 -37.76
CA LEU C 41 33.70 -26.47 -38.23
C LEU C 41 34.02 -27.93 -38.49
N GLN C 42 34.73 -28.20 -39.58
CA GLN C 42 35.11 -29.57 -39.94
C GLN C 42 36.49 -29.60 -40.60
N PRO C 43 37.46 -30.31 -39.98
CA PRO C 43 38.81 -30.40 -40.53
C PRO C 43 38.89 -31.07 -41.89
N HIS C 44 39.59 -30.41 -42.81
CA HIS C 44 39.82 -30.90 -44.16
C HIS C 44 41.33 -30.84 -44.34
N SER C 45 42.03 -31.08 -43.24
CA SER C 45 43.50 -31.07 -43.15
C SER C 45 44.27 -31.57 -44.37
N ASN C 46 44.35 -30.72 -45.39
CA ASN C 46 45.06 -31.03 -46.62
C ASN C 46 45.42 -29.74 -47.35
N GLY C 47 44.63 -28.70 -47.13
CA GLY C 47 44.89 -27.43 -47.77
C GLY C 47 43.72 -26.83 -48.52
N LYS C 48 42.97 -25.97 -47.83
CA LYS C 48 41.79 -25.28 -48.36
C LYS C 48 40.87 -24.77 -47.24
N VAL C 49 40.94 -23.46 -46.98
CA VAL C 49 40.13 -22.82 -45.94
C VAL C 49 38.77 -22.43 -46.55
N ASP C 50 37.72 -23.14 -46.12
CA ASP C 50 36.36 -22.92 -46.63
C ASP C 50 35.52 -22.05 -45.69
N LEU C 51 34.51 -21.36 -46.23
CA LEU C 51 33.66 -20.51 -45.42
C LEU C 51 32.28 -20.22 -46.02
N SER C 52 31.24 -20.80 -45.43
CA SER C 52 29.87 -20.59 -45.91
C SER C 52 29.06 -19.78 -44.89
N LEU C 53 28.34 -18.78 -45.37
CA LEU C 53 27.53 -17.94 -44.49
C LEU C 53 26.09 -17.82 -44.98
N PRO C 54 25.27 -18.85 -44.71
CA PRO C 54 23.86 -18.94 -45.09
C PRO C 54 23.05 -17.69 -44.81
N ASN C 55 23.16 -17.15 -43.59
CA ASN C 55 22.42 -15.94 -43.21
C ASN C 55 22.53 -14.88 -44.30
N ILE C 56 23.56 -14.98 -45.12
CA ILE C 56 23.78 -14.02 -46.20
C ILE C 56 23.88 -14.75 -47.54
N GLY C 57 23.92 -16.08 -47.50
CA GLY C 57 24.01 -16.87 -48.70
C GLY C 57 25.36 -16.81 -49.38
N ILE C 58 26.35 -16.24 -48.70
CA ILE C 58 27.69 -16.13 -49.29
C ILE C 58 28.59 -17.29 -48.86
N LYS C 59 29.55 -17.59 -49.73
CA LYS C 59 30.52 -18.66 -49.48
C LYS C 59 31.88 -18.22 -50.05
N ARG C 60 32.90 -18.30 -49.21
CA ARG C 60 34.26 -17.93 -49.62
C ARG C 60 35.25 -19.06 -49.32
N ALA C 61 36.51 -18.84 -49.70
CA ALA C 61 37.56 -19.82 -49.47
C ALA C 61 38.91 -19.30 -49.93
N TRP C 62 39.95 -19.57 -49.13
CA TRP C 62 41.30 -19.14 -49.45
C TRP C 62 42.21 -20.35 -49.49
N ASP C 63 43.30 -20.26 -50.26
CA ASP C 63 44.23 -21.38 -50.35
C ASP C 63 45.24 -21.23 -49.22
N VAL C 64 45.38 -22.27 -48.40
CA VAL C 64 46.31 -22.26 -47.28
C VAL C 64 47.70 -21.73 -47.65
N ALA C 65 48.22 -22.14 -48.79
CA ALA C 65 49.54 -21.71 -49.25
C ALA C 65 49.72 -20.20 -49.17
N ARG C 66 48.89 -19.48 -49.93
CA ARG C 66 48.95 -18.03 -49.94
C ARG C 66 48.77 -17.47 -48.53
N LEU C 67 47.81 -18.02 -47.79
CA LEU C 67 47.56 -17.58 -46.43
C LEU C 67 48.66 -18.14 -45.54
N GLN C 68 49.58 -18.85 -46.18
CA GLN C 68 50.72 -19.47 -45.49
C GLN C 68 51.96 -18.63 -45.75
N SER C 69 52.01 -18.00 -46.92
CA SER C 69 53.11 -17.17 -47.35
C SER C 69 53.10 -15.76 -46.78
N LEU C 70 52.16 -14.93 -47.28
CA LEU C 70 52.02 -13.52 -46.86
C LEU C 70 52.60 -13.15 -45.49
N ASP C 71 53.21 -11.95 -45.41
CA ASP C 71 53.81 -11.47 -44.16
C ASP C 71 52.79 -11.05 -43.11
N THR C 72 52.00 -12.02 -42.66
CA THR C 72 50.97 -11.80 -41.65
C THR C 72 51.60 -11.29 -40.36
N SER C 73 52.38 -10.22 -40.48
CA SER C 73 53.06 -9.63 -39.35
C SER C 73 52.23 -8.50 -38.75
N PHE C 74 51.71 -7.63 -39.61
CA PHE C 74 50.90 -6.49 -39.18
C PHE C 74 49.87 -6.86 -38.12
N LEU C 75 49.73 -8.16 -37.87
CA LEU C 75 48.81 -8.66 -36.87
C LEU C 75 49.56 -8.83 -35.55
N VAL C 80 51.60 0.70 -29.10
CA VAL C 80 50.59 0.92 -30.18
C VAL C 80 49.76 -0.35 -30.43
N THR C 81 48.51 -0.33 -29.97
CA THR C 81 47.60 -1.47 -30.13
C THR C 81 46.13 -1.02 -30.23
N THR C 82 45.73 -0.63 -31.43
CA THR C 82 44.36 -0.19 -31.69
C THR C 82 43.98 -0.57 -33.11
N PRO C 83 42.70 -0.43 -33.47
CA PRO C 83 42.27 -0.78 -34.83
C PRO C 83 42.82 0.14 -35.93
N THR C 84 44.10 0.00 -36.24
CA THR C 84 44.75 0.80 -37.27
C THR C 84 44.06 0.56 -38.61
N SER C 85 43.79 1.62 -39.36
CA SER C 85 43.16 1.49 -40.66
C SER C 85 44.13 0.80 -41.62
N GLU C 86 45.39 0.68 -41.18
CA GLU C 86 46.42 0.01 -41.97
C GLU C 86 46.25 -1.49 -41.81
N GLN C 87 46.39 -1.94 -40.57
CA GLN C 87 46.22 -3.35 -40.26
C GLN C 87 44.97 -3.85 -40.98
N VAL C 88 43.96 -2.97 -41.08
CA VAL C 88 42.70 -3.28 -41.74
C VAL C 88 42.85 -3.32 -43.25
N GLU C 89 43.23 -2.19 -43.84
CA GLU C 89 43.43 -2.13 -45.28
C GLU C 89 44.26 -3.31 -45.72
N LYS C 90 45.41 -3.48 -45.07
CA LYS C 90 46.31 -4.58 -45.39
C LYS C 90 45.56 -5.89 -45.29
N LEU C 91 44.68 -6.00 -44.31
CA LEU C 91 43.91 -7.21 -44.13
C LEU C 91 42.89 -7.36 -45.24
N LYS C 92 42.52 -6.23 -45.85
CA LYS C 92 41.56 -6.26 -46.93
C LYS C 92 42.26 -6.94 -48.12
N GLU C 93 43.53 -6.59 -48.33
CA GLU C 93 44.30 -7.19 -49.40
C GLU C 93 44.40 -8.70 -49.18
N VAL C 94 44.90 -9.09 -48.02
CA VAL C 94 45.04 -10.51 -47.68
C VAL C 94 43.75 -11.27 -47.96
N ALA C 95 42.61 -10.60 -47.81
CA ALA C 95 41.34 -11.26 -48.02
C ALA C 95 40.81 -11.07 -49.44
N GLY C 96 41.47 -10.19 -50.20
CA GLY C 96 41.07 -9.94 -51.57
C GLY C 96 39.57 -9.72 -51.70
N LEU C 97 39.10 -8.57 -51.23
CA LEU C 97 37.69 -8.22 -51.28
C LEU C 97 37.47 -7.03 -52.19
N PRO C 98 36.40 -7.08 -53.01
CA PRO C 98 36.05 -6.01 -53.96
C PRO C 98 35.81 -4.66 -53.31
N ASP C 99 36.11 -3.59 -54.05
CA ASP C 99 35.94 -2.22 -53.54
C ASP C 99 34.51 -1.88 -53.14
N ASP C 100 33.53 -2.49 -53.78
CA ASP C 100 32.14 -2.18 -53.49
C ASP C 100 31.36 -3.39 -52.95
N CYS C 101 32.02 -4.17 -52.10
CA CYS C 101 31.41 -5.37 -51.52
C CYS C 101 30.11 -5.12 -50.76
N ALA C 102 29.68 -6.13 -50.01
CA ALA C 102 28.47 -6.04 -49.20
C ALA C 102 28.90 -5.80 -47.75
N VAL C 103 28.55 -4.63 -47.22
CA VAL C 103 28.90 -4.23 -45.85
C VAL C 103 28.75 -5.33 -44.80
N THR C 104 27.64 -6.06 -44.82
CA THR C 104 27.44 -7.12 -43.86
C THR C 104 28.31 -8.33 -44.22
N GLU C 105 29.03 -8.22 -45.34
CA GLU C 105 29.93 -9.29 -45.79
C GLU C 105 31.36 -8.95 -45.46
N ARG C 106 31.75 -7.71 -45.75
CA ARG C 106 33.10 -7.24 -45.50
C ARG C 106 33.51 -7.50 -44.07
N LEU C 107 32.58 -7.30 -43.14
CA LEU C 107 32.89 -7.51 -41.73
C LEU C 107 32.83 -8.97 -41.30
N ALA C 108 32.05 -9.78 -41.99
CA ALA C 108 31.95 -11.20 -41.64
C ALA C 108 33.29 -11.90 -41.90
N VAL C 109 33.93 -11.51 -43.00
CA VAL C 109 35.22 -12.08 -43.41
C VAL C 109 36.37 -11.54 -42.55
N LEU C 110 36.59 -10.22 -42.63
CA LEU C 110 37.65 -9.62 -41.84
C LEU C 110 37.72 -10.20 -40.42
N ALA C 111 36.57 -10.28 -39.76
CA ALA C 111 36.54 -10.81 -38.40
C ALA C 111 37.07 -12.24 -38.38
N PHE C 112 36.79 -12.99 -39.43
CA PHE C 112 37.23 -14.39 -39.52
C PHE C 112 38.74 -14.51 -39.81
N LEU C 113 39.20 -13.87 -40.88
CA LEU C 113 40.60 -13.95 -41.21
C LEU C 113 41.45 -13.34 -40.11
N TYR C 114 40.99 -12.27 -39.49
CA TYR C 114 41.77 -11.66 -38.43
C TYR C 114 42.11 -12.69 -37.37
N LEU C 115 41.18 -13.62 -37.14
CA LEU C 115 41.39 -14.66 -36.15
C LEU C 115 42.20 -15.84 -36.70
N TYR C 116 41.70 -16.45 -37.77
CA TYR C 116 42.35 -17.59 -38.41
C TYR C 116 43.85 -17.35 -38.55
N LEU C 117 44.21 -16.15 -39.01
CA LEU C 117 45.60 -15.77 -39.23
C LEU C 117 46.38 -15.46 -37.96
N SER C 118 45.71 -14.88 -36.97
CA SER C 118 46.39 -14.51 -35.74
C SER C 118 46.28 -15.55 -34.64
N ILE C 119 45.22 -16.36 -34.68
CA ILE C 119 45.04 -17.38 -33.66
C ILE C 119 45.91 -18.58 -33.99
N CYS C 120 45.82 -19.03 -35.24
CA CYS C 120 46.61 -20.17 -35.69
C CYS C 120 48.01 -19.65 -35.98
N ARG C 121 48.65 -19.07 -34.97
CA ARG C 121 49.99 -18.53 -35.16
C ARG C 121 51.15 -19.44 -34.76
N LYS C 122 51.36 -19.61 -33.46
CA LYS C 122 52.45 -20.48 -33.00
C LYS C 122 52.42 -21.81 -33.76
N GLN C 123 51.22 -22.27 -34.10
CA GLN C 123 51.07 -23.52 -34.84
C GLN C 123 51.84 -23.32 -36.15
N ARG C 124 52.93 -24.08 -36.30
CA ARG C 124 53.78 -23.97 -37.46
C ARG C 124 52.99 -23.73 -38.75
N ALA C 125 52.50 -24.81 -39.36
CA ALA C 125 51.74 -24.69 -40.60
C ALA C 125 50.27 -24.34 -40.36
N LEU C 126 49.75 -23.41 -41.18
CA LEU C 126 48.35 -22.98 -41.07
C LEU C 126 47.45 -24.09 -41.60
N PRO C 127 46.46 -24.53 -40.78
CA PRO C 127 45.51 -25.59 -41.16
C PRO C 127 44.41 -25.14 -42.11
N SER C 128 43.73 -26.11 -42.70
CA SER C 128 42.64 -25.82 -43.64
C SER C 128 41.34 -26.41 -43.09
N LEU C 129 40.22 -25.73 -43.37
CA LEU C 129 38.92 -26.17 -42.87
C LEU C 129 37.72 -25.50 -43.55
N ASP C 130 36.58 -26.20 -43.54
CA ASP C 130 35.33 -25.74 -44.12
C ASP C 130 34.48 -25.19 -42.98
N ILE C 131 34.29 -23.87 -42.94
CA ILE C 131 33.49 -23.27 -41.87
C ILE C 131 32.23 -22.55 -42.35
N VAL C 132 31.15 -22.74 -41.60
CA VAL C 132 29.86 -22.14 -41.91
C VAL C 132 29.25 -21.55 -40.64
N VAL C 133 28.70 -20.34 -40.75
CA VAL C 133 28.07 -19.68 -39.60
C VAL C 133 26.65 -19.22 -39.92
N TRP C 134 25.70 -19.74 -39.15
CA TRP C 134 24.28 -19.41 -39.29
C TRP C 134 23.80 -18.93 -37.93
N SER C 135 23.00 -17.87 -37.89
CA SER C 135 22.51 -17.37 -36.62
C SER C 135 21.00 -17.16 -36.54
N GLU C 136 20.51 -17.05 -35.31
CA GLU C 136 19.10 -16.83 -35.04
C GLU C 136 18.84 -15.34 -34.95
N LEU C 137 19.72 -14.65 -34.24
CA LEU C 137 19.62 -13.21 -34.06
C LEU C 137 19.35 -12.53 -35.38
N PRO C 138 18.31 -11.68 -35.43
CA PRO C 138 18.02 -10.98 -36.68
C PRO C 138 19.22 -10.11 -37.00
N PRO C 139 19.44 -9.80 -38.28
CA PRO C 139 20.59 -8.97 -38.65
C PRO C 139 20.64 -7.63 -37.89
N GLY C 140 21.69 -6.86 -38.15
CA GLY C 140 21.85 -5.57 -37.50
C GLY C 140 20.63 -5.08 -36.75
N ALA C 141 20.78 -4.96 -35.43
CA ALA C 141 19.70 -4.49 -34.58
C ALA C 141 20.25 -4.27 -33.18
N GLY C 142 21.57 -4.28 -33.08
CA GLY C 142 22.24 -4.05 -31.81
C GLY C 142 22.07 -5.18 -30.84
N LEU C 143 21.93 -6.40 -31.36
CA LEU C 143 21.75 -7.57 -30.53
C LEU C 143 23.04 -8.33 -30.23
N GLY C 144 24.17 -7.70 -30.54
CA GLY C 144 25.48 -8.28 -30.29
C GLY C 144 25.93 -9.32 -31.30
N SER C 145 25.48 -9.17 -32.54
CA SER C 145 25.85 -10.11 -33.60
C SER C 145 27.34 -10.33 -33.66
N SER C 146 28.05 -9.28 -34.07
CA SER C 146 29.50 -9.33 -34.19
C SER C 146 30.17 -10.09 -33.04
N ALA C 147 29.78 -9.80 -31.81
CA ALA C 147 30.35 -10.47 -30.66
C ALA C 147 30.09 -11.98 -30.69
N ALA C 148 28.83 -12.36 -30.89
CA ALA C 148 28.42 -13.77 -30.95
C ALA C 148 29.15 -14.50 -32.06
N TYR C 149 29.70 -13.74 -33.01
CA TYR C 149 30.45 -14.30 -34.12
C TYR C 149 31.87 -14.50 -33.58
N SER C 150 32.56 -13.40 -33.27
CA SER C 150 33.93 -13.46 -32.77
C SER C 150 34.11 -14.44 -31.62
N VAL C 151 33.03 -14.82 -30.96
CA VAL C 151 33.15 -15.76 -29.85
C VAL C 151 33.07 -17.19 -30.37
N CYS C 152 32.09 -17.46 -31.21
CA CYS C 152 31.93 -18.79 -31.78
C CYS C 152 33.21 -19.11 -32.56
N LEU C 153 33.81 -18.10 -33.18
CA LEU C 153 35.05 -18.31 -33.93
C LEU C 153 36.18 -18.66 -32.96
N ALA C 154 36.59 -17.69 -32.15
CA ALA C 154 37.66 -17.90 -31.19
C ALA C 154 37.49 -19.27 -30.53
N ALA C 155 36.25 -19.72 -30.40
CA ALA C 155 36.01 -21.02 -29.81
C ALA C 155 36.53 -22.09 -30.76
N ALA C 156 35.75 -22.38 -31.80
CA ALA C 156 36.09 -23.37 -32.80
C ALA C 156 37.54 -23.36 -33.26
N LEU C 157 38.22 -22.24 -33.00
CA LEU C 157 39.61 -22.09 -33.39
C LEU C 157 40.52 -22.72 -32.32
N LEU C 158 40.46 -22.18 -31.11
CA LEU C 158 41.26 -22.72 -30.02
C LEU C 158 41.10 -24.25 -29.93
N THR C 159 40.09 -24.78 -30.62
CA THR C 159 39.83 -26.21 -30.64
C THR C 159 40.62 -26.88 -31.76
N VAL C 160 40.53 -26.32 -32.97
CA VAL C 160 41.24 -26.86 -34.11
C VAL C 160 42.72 -26.48 -33.99
N CYS C 161 43.05 -25.79 -32.92
CA CYS C 161 44.42 -25.37 -32.66
C CYS C 161 44.86 -25.94 -31.33
N GLU C 162 43.91 -26.58 -30.65
CA GLU C 162 44.22 -27.17 -29.36
C GLU C 162 44.87 -26.19 -28.39
N GLU C 163 44.28 -25.01 -28.24
CA GLU C 163 44.81 -24.03 -27.30
C GLU C 163 43.98 -24.17 -26.03
N ILE C 164 42.82 -24.79 -26.22
CA ILE C 164 41.86 -25.06 -25.14
C ILE C 164 41.50 -26.54 -25.24
N PRO C 165 41.29 -27.22 -24.09
CA PRO C 165 40.93 -28.64 -24.03
C PRO C 165 39.74 -29.02 -24.91
N ASN C 166 38.60 -29.28 -24.27
CA ASN C 166 37.39 -29.64 -24.99
C ASN C 166 36.27 -30.13 -24.07
N PRO C 167 35.01 -29.89 -24.46
CA PRO C 167 33.82 -30.29 -23.70
C PRO C 167 33.22 -31.65 -24.06
N LEU C 168 32.91 -31.83 -25.35
CA LEU C 168 32.31 -33.07 -25.85
C LEU C 168 33.24 -34.27 -25.73
N LYS C 169 34.07 -34.25 -24.69
CA LYS C 169 35.03 -35.32 -24.43
C LYS C 169 34.38 -36.43 -23.63
N ASP C 170 33.14 -36.20 -23.18
CA ASP C 170 32.45 -37.20 -22.38
C ASP C 170 31.33 -37.93 -23.14
N GLY C 171 30.80 -37.28 -24.18
CA GLY C 171 29.72 -37.88 -24.96
C GLY C 171 28.35 -37.33 -24.60
N ASP C 172 28.31 -36.14 -24.00
CA ASP C 172 27.06 -35.49 -23.61
C ASP C 172 26.36 -34.96 -24.86
N CYS C 173 25.35 -34.13 -24.65
CA CYS C 173 24.62 -33.50 -25.75
C CYS C 173 25.17 -32.09 -25.93
N VAL C 174 25.66 -31.52 -24.82
CA VAL C 174 26.25 -30.18 -24.81
C VAL C 174 27.16 -30.04 -23.58
N ASN C 175 28.04 -29.04 -23.61
CA ASN C 175 28.93 -28.74 -22.50
C ASN C 175 29.79 -27.53 -22.83
N ARG C 176 30.01 -26.69 -21.82
CA ARG C 176 30.81 -25.49 -21.97
C ARG C 176 32.21 -25.71 -21.42
N TRP C 177 33.14 -24.88 -21.88
CA TRP C 177 34.53 -24.95 -21.43
C TRP C 177 34.63 -24.41 -20.01
N THR C 178 35.84 -24.03 -19.60
CA THR C 178 36.09 -23.53 -18.25
C THR C 178 36.64 -22.10 -18.21
N LYS C 179 36.47 -21.45 -17.07
CA LYS C 179 36.92 -20.08 -16.83
C LYS C 179 38.16 -19.67 -17.63
N GLU C 180 39.30 -20.20 -17.21
CA GLU C 180 40.59 -19.94 -17.82
C GLU C 180 40.50 -19.79 -19.33
N ASP C 181 40.09 -20.87 -19.99
CA ASP C 181 39.95 -20.91 -21.45
C ASP C 181 39.00 -19.82 -21.94
N LEU C 182 37.96 -19.54 -21.15
CA LEU C 182 36.99 -18.52 -21.50
C LEU C 182 37.66 -17.16 -21.59
N GLU C 183 38.35 -16.77 -20.52
CA GLU C 183 39.06 -15.50 -20.48
C GLU C 183 39.71 -15.29 -21.83
N LEU C 184 40.25 -16.37 -22.37
CA LEU C 184 40.93 -16.36 -23.65
C LEU C 184 39.91 -16.15 -24.76
N ILE C 185 38.81 -16.89 -24.72
CA ILE C 185 37.78 -16.74 -25.75
C ILE C 185 37.35 -15.29 -25.84
N ASN C 186 37.07 -14.68 -24.69
CA ASN C 186 36.65 -13.27 -24.66
C ASN C 186 37.78 -12.38 -25.19
N LYS C 187 38.97 -12.50 -24.60
CA LYS C 187 40.11 -11.70 -25.04
C LYS C 187 40.39 -11.78 -26.54
N TRP C 188 40.22 -12.94 -27.14
CA TRP C 188 40.48 -13.08 -28.57
C TRP C 188 39.33 -12.54 -29.40
N ALA C 189 38.11 -12.85 -28.98
CA ALA C 189 36.94 -12.35 -29.69
C ALA C 189 36.90 -10.83 -29.56
N PHE C 190 37.21 -10.34 -28.36
CA PHE C 190 37.18 -8.90 -28.12
C PHE C 190 38.12 -8.19 -29.05
N GLN C 191 39.25 -8.83 -29.32
CA GLN C 191 40.24 -8.27 -30.21
C GLN C 191 39.63 -8.25 -31.62
N GLY C 192 39.07 -9.37 -32.03
CA GLY C 192 38.44 -9.46 -33.34
C GLY C 192 37.31 -8.46 -33.44
N GLU C 193 36.85 -8.00 -32.28
CA GLU C 193 35.78 -7.01 -32.18
C GLU C 193 36.39 -5.63 -32.40
N ARG C 194 37.42 -5.32 -31.60
CA ARG C 194 38.12 -4.05 -31.67
C ARG C 194 38.52 -3.77 -33.11
N MET C 195 38.86 -4.85 -33.81
CA MET C 195 39.29 -4.77 -35.21
C MET C 195 38.22 -4.20 -36.14
N ILE C 196 36.97 -4.63 -35.96
CA ILE C 196 35.89 -4.16 -36.82
C ILE C 196 34.83 -3.27 -36.18
N HIS C 197 35.21 -2.51 -35.16
CA HIS C 197 34.29 -1.60 -34.48
C HIS C 197 35.05 -0.41 -33.91
N GLY C 198 36.38 -0.48 -33.97
CA GLY C 198 37.20 0.60 -33.47
C GLY C 198 37.44 0.59 -31.97
N ASN C 199 36.47 1.08 -31.20
CA ASN C 199 36.65 1.14 -29.75
C ASN C 199 35.52 0.52 -28.92
N PRO C 200 35.05 -0.67 -29.30
CA PRO C 200 33.97 -1.29 -28.52
C PRO C 200 34.33 -1.40 -27.04
N SER C 201 33.36 -1.80 -26.23
CA SER C 201 33.58 -1.91 -24.79
C SER C 201 33.62 -3.34 -24.25
N GLY C 202 33.82 -4.31 -25.14
CA GLY C 202 33.89 -5.69 -24.72
C GLY C 202 32.65 -6.24 -24.02
N VAL C 203 31.68 -5.38 -23.74
CA VAL C 203 30.45 -5.82 -23.08
C VAL C 203 29.72 -6.84 -23.92
N ASP C 204 29.48 -6.51 -25.18
CA ASP C 204 28.78 -7.38 -26.11
C ASP C 204 29.31 -8.79 -26.10
N ASN C 205 30.62 -8.93 -26.33
CA ASN C 205 31.25 -10.23 -26.37
C ASN C 205 31.42 -10.85 -25.01
N ALA C 206 31.57 -10.02 -23.98
CA ALA C 206 31.71 -10.57 -22.65
C ALA C 206 30.42 -11.26 -22.25
N VAL C 207 29.33 -10.92 -22.91
CA VAL C 207 28.04 -11.52 -22.59
C VAL C 207 27.88 -12.82 -23.35
N SER C 208 28.25 -12.82 -24.62
CA SER C 208 28.14 -14.03 -25.42
C SER C 208 29.10 -15.08 -24.90
N THR C 209 30.18 -14.65 -24.25
CA THR C 209 31.16 -15.58 -23.73
C THR C 209 30.64 -16.30 -22.51
N TRP C 210 30.39 -15.54 -21.44
CA TRP C 210 29.91 -16.09 -20.16
C TRP C 210 28.41 -16.29 -20.04
N GLY C 211 27.66 -15.34 -20.58
CA GLY C 211 26.21 -15.42 -20.51
C GLY C 211 25.76 -14.86 -19.19
N GLY C 212 24.58 -15.26 -18.76
CA GLY C 212 24.06 -14.77 -17.49
C GLY C 212 23.79 -13.28 -17.54
N ALA C 213 24.33 -12.56 -16.57
CA ALA C 213 24.11 -11.13 -16.51
C ALA C 213 25.39 -10.36 -16.25
N LEU C 214 25.46 -9.16 -16.81
CA LEU C 214 26.62 -8.31 -16.64
C LEU C 214 26.23 -6.91 -16.20
N ARG C 215 26.89 -6.45 -15.14
CA ARG C 215 26.69 -5.13 -14.61
C ARG C 215 27.81 -4.29 -15.21
N TYR C 216 27.46 -3.28 -15.99
CA TYR C 216 28.47 -2.43 -16.62
C TYR C 216 28.48 -1.01 -16.06
N HIS C 217 29.63 -0.60 -15.53
CA HIS C 217 29.77 0.75 -14.98
C HIS C 217 30.61 1.61 -15.91
N GLN C 218 31.54 2.38 -15.35
CA GLN C 218 32.38 3.24 -16.16
C GLN C 218 33.62 2.49 -16.65
N GLY C 219 33.51 1.88 -17.83
CA GLY C 219 34.62 1.13 -18.39
C GLY C 219 34.90 -0.19 -17.71
N LYS C 220 34.17 -0.46 -16.63
CA LYS C 220 34.33 -1.70 -15.87
C LYS C 220 33.14 -2.64 -16.13
N ILE C 221 33.41 -3.92 -16.29
CA ILE C 221 32.37 -4.90 -16.54
C ILE C 221 32.41 -5.98 -15.47
N SER C 222 31.32 -6.71 -15.29
CA SER C 222 31.27 -7.77 -14.28
C SER C 222 29.96 -8.52 -14.27
N SER C 223 30.02 -9.81 -13.95
CA SER C 223 28.85 -10.66 -13.91
C SER C 223 28.17 -10.70 -12.56
N LEU C 224 26.88 -11.00 -12.59
CA LEU C 224 26.12 -11.14 -11.36
C LEU C 224 26.31 -12.62 -11.06
N LYS C 225 26.76 -12.93 -9.85
CA LYS C 225 26.99 -14.31 -9.46
C LYS C 225 25.68 -15.06 -9.57
N ARG C 226 24.65 -14.47 -9.00
CA ARG C 226 23.31 -15.06 -9.01
C ARG C 226 22.44 -14.25 -9.96
N SER C 227 21.65 -14.95 -10.75
CA SER C 227 20.74 -14.33 -11.72
C SER C 227 20.04 -15.48 -12.40
N PRO C 228 18.72 -15.40 -12.52
CA PRO C 228 18.04 -16.50 -13.20
C PRO C 228 17.94 -16.23 -14.68
N ALA C 229 17.29 -17.15 -15.37
CA ALA C 229 17.05 -17.00 -16.79
C ALA C 229 15.57 -16.68 -16.80
N LEU C 230 15.17 -15.68 -17.59
CA LEU C 230 13.77 -15.33 -17.63
C LEU C 230 13.27 -15.44 -19.05
N GLN C 231 12.09 -16.00 -19.20
CA GLN C 231 11.47 -16.14 -20.50
C GLN C 231 11.07 -14.75 -20.96
N ILE C 232 11.20 -14.48 -22.25
CA ILE C 232 10.86 -13.15 -22.73
C ILE C 232 10.44 -13.11 -24.20
N LEU C 233 9.77 -12.02 -24.56
CA LEU C 233 9.33 -11.79 -25.92
C LEU C 233 10.26 -10.73 -26.48
N LEU C 234 10.75 -10.94 -27.69
CA LEU C 234 11.62 -9.97 -28.33
C LEU C 234 10.84 -9.44 -29.51
N THR C 235 10.56 -8.14 -29.49
CA THR C 235 9.81 -7.50 -30.56
C THR C 235 10.68 -6.55 -31.35
N ASN C 236 10.55 -6.63 -32.68
CA ASN C 236 11.33 -5.79 -33.57
C ASN C 236 10.39 -4.88 -34.35
N THR C 237 10.20 -3.66 -33.85
CA THR C 237 9.32 -2.69 -34.49
C THR C 237 9.57 -2.55 -35.99
N LYS C 238 10.71 -3.03 -36.45
CA LYS C 238 11.08 -2.94 -37.87
C LYS C 238 11.15 -1.47 -38.26
N VAL C 239 11.57 -0.63 -37.32
CA VAL C 239 11.70 0.80 -37.57
C VAL C 239 13.17 1.19 -37.51
N PRO C 240 13.64 1.96 -38.51
CA PRO C 240 15.05 2.40 -38.56
C PRO C 240 15.36 3.54 -37.61
N ARG C 241 16.63 3.69 -37.27
CA ARG C 241 17.06 4.74 -36.35
C ARG C 241 18.50 5.16 -36.62
N ASN C 242 18.93 6.20 -35.92
CA ASN C 242 20.28 6.71 -36.02
C ASN C 242 20.79 6.84 -34.59
N THR C 243 21.12 5.71 -34.00
CA THR C 243 21.59 5.66 -32.62
C THR C 243 22.38 6.89 -32.18
N ARG C 244 23.49 7.17 -32.84
CA ARG C 244 24.32 8.32 -32.50
C ARG C 244 23.49 9.60 -32.40
N ALA C 245 22.40 9.65 -33.14
CA ALA C 245 21.52 10.80 -33.10
C ALA C 245 20.82 10.72 -31.75
N LEU C 246 20.16 9.60 -31.51
CA LEU C 246 19.46 9.42 -30.26
C LEU C 246 20.42 9.80 -29.14
N VAL C 247 21.63 9.23 -29.21
CA VAL C 247 22.66 9.49 -28.20
C VAL C 247 22.93 10.99 -28.02
N ALA C 248 22.75 11.74 -29.11
CA ALA C 248 22.98 13.18 -29.08
C ALA C 248 21.82 13.86 -28.36
N GLY C 249 20.60 13.48 -28.74
CA GLY C 249 19.44 14.06 -28.10
C GLY C 249 19.64 14.05 -26.60
N VAL C 250 19.84 12.86 -26.05
CA VAL C 250 20.05 12.70 -24.62
C VAL C 250 21.17 13.63 -24.18
N ARG C 251 22.21 13.74 -25.01
CA ARG C 251 23.34 14.60 -24.69
C ARG C 251 22.85 16.03 -24.60
N ASN C 252 22.34 16.54 -25.73
CA ASN C 252 21.84 17.90 -25.80
C ASN C 252 20.76 18.19 -24.77
N ARG C 253 19.71 17.36 -24.72
CA ARG C 253 18.66 17.59 -23.74
C ARG C 253 19.19 17.63 -22.31
N LEU C 254 20.31 16.98 -22.06
CA LEU C 254 20.88 16.97 -20.71
C LEU C 254 21.53 18.30 -20.33
N LEU C 255 22.15 18.97 -21.28
CA LEU C 255 22.78 20.25 -20.97
C LEU C 255 21.75 21.34 -21.18
N LYS C 256 20.59 20.94 -21.70
CA LYS C 256 19.49 21.87 -21.96
C LYS C 256 18.64 21.98 -20.70
N PHE C 257 18.42 20.86 -20.01
CA PHE C 257 17.61 20.86 -18.80
C PHE C 257 18.30 20.13 -17.66
N PRO C 258 19.58 20.46 -17.41
CA PRO C 258 20.40 19.84 -16.37
C PRO C 258 19.72 19.43 -15.08
N GLU C 259 19.04 20.35 -14.42
CA GLU C 259 18.39 20.02 -13.14
C GLU C 259 17.28 19.01 -13.35
N ILE C 260 16.70 19.00 -14.54
CA ILE C 260 15.63 18.07 -14.80
C ILE C 260 16.15 16.68 -15.13
N VAL C 261 17.08 16.60 -16.08
CA VAL C 261 17.63 15.31 -16.49
C VAL C 261 18.55 14.61 -15.50
N ALA C 262 19.52 15.32 -14.96
CA ALA C 262 20.43 14.72 -13.99
C ALA C 262 19.70 13.79 -13.02
N PRO C 263 18.73 14.34 -12.24
CA PRO C 263 17.99 13.51 -11.28
C PRO C 263 17.45 12.27 -11.98
N LEU C 264 16.91 12.47 -13.17
CA LEU C 264 16.35 11.40 -13.96
C LEU C 264 17.41 10.34 -14.16
N LEU C 265 18.53 10.74 -14.76
CA LEU C 265 19.64 9.83 -15.01
C LEU C 265 20.09 9.13 -13.75
N THR C 266 19.71 9.68 -12.60
CA THR C 266 20.05 9.07 -11.32
C THR C 266 18.97 8.03 -10.99
N SER C 267 17.78 8.27 -11.50
CA SER C 267 16.69 7.34 -11.25
C SER C 267 16.96 6.08 -12.02
N ILE C 268 17.31 6.20 -13.30
CA ILE C 268 17.59 5.04 -14.13
C ILE C 268 18.72 4.21 -13.52
N ASP C 269 19.84 4.87 -13.21
CA ASP C 269 20.96 4.17 -12.60
C ASP C 269 20.45 3.41 -11.39
N ALA C 270 19.52 4.01 -10.66
CA ALA C 270 18.96 3.38 -9.48
C ALA C 270 18.06 2.17 -9.82
N ILE C 271 17.53 2.15 -11.03
CA ILE C 271 16.67 1.06 -11.45
C ILE C 271 17.52 -0.18 -11.65
N SER C 272 18.74 0.04 -12.16
CA SER C 272 19.65 -1.07 -12.40
C SER C 272 20.15 -1.67 -11.10
N LEU C 273 20.56 -0.83 -10.16
CA LEU C 273 21.05 -1.32 -8.89
C LEU C 273 20.01 -2.21 -8.20
N GLU C 274 18.74 -1.86 -8.34
CA GLU C 274 17.65 -2.61 -7.71
C GLU C 274 17.32 -3.89 -8.45
N CYS C 275 17.43 -3.88 -9.77
CA CYS C 275 17.16 -5.07 -10.56
C CYS C 275 18.19 -6.10 -10.13
N GLU C 276 19.45 -5.71 -10.24
CA GLU C 276 20.59 -6.52 -9.85
C GLU C 276 20.31 -7.16 -8.50
N ARG C 277 20.00 -6.34 -7.50
CA ARG C 277 19.73 -6.84 -6.17
C ARG C 277 18.49 -7.74 -6.08
N VAL C 278 17.49 -7.51 -6.90
CA VAL C 278 16.30 -8.37 -6.84
C VAL C 278 16.60 -9.73 -7.44
N LEU C 279 17.13 -9.71 -8.66
CA LEU C 279 17.49 -10.95 -9.34
C LEU C 279 18.29 -11.87 -8.41
N GLY C 280 19.42 -11.38 -7.92
CA GLY C 280 20.25 -12.18 -7.05
C GLY C 280 19.64 -12.42 -5.67
N GLU C 281 18.36 -12.75 -5.65
CA GLU C 281 17.68 -13.01 -4.40
C GLU C 281 16.45 -13.85 -4.71
N MET C 282 16.24 -14.09 -5.99
CA MET C 282 15.11 -14.87 -6.46
C MET C 282 15.23 -16.36 -6.13
N GLY C 283 16.29 -17.01 -6.62
CA GLY C 283 16.47 -18.43 -6.32
C GLY C 283 15.75 -19.42 -7.21
N GLU C 284 15.61 -20.66 -6.73
CA GLU C 284 14.95 -21.72 -7.49
C GLU C 284 13.43 -21.81 -7.34
N ALA C 285 12.88 -21.23 -6.28
CA ALA C 285 11.45 -21.24 -6.08
C ALA C 285 10.89 -19.82 -6.13
N PRO C 286 11.23 -19.07 -7.20
CA PRO C 286 10.80 -17.68 -7.43
C PRO C 286 9.46 -17.27 -6.80
N ALA C 287 9.36 -15.98 -6.48
CA ALA C 287 8.14 -15.46 -5.88
C ALA C 287 7.55 -14.32 -6.72
N PRO C 288 6.26 -14.44 -7.07
CA PRO C 288 5.56 -13.43 -7.88
C PRO C 288 5.78 -12.01 -7.35
N GLU C 289 5.97 -11.91 -6.04
CA GLU C 289 6.19 -10.62 -5.39
C GLU C 289 7.59 -10.10 -5.71
N GLN C 290 8.19 -10.67 -6.75
CA GLN C 290 9.52 -10.29 -7.21
C GLN C 290 9.43 -10.12 -8.72
N TYR C 291 8.68 -10.98 -9.37
CA TYR C 291 8.52 -10.83 -10.80
C TYR C 291 7.76 -9.52 -10.97
N LEU C 292 7.23 -9.02 -9.85
CA LEU C 292 6.52 -7.76 -9.86
C LEU C 292 7.56 -6.68 -9.97
N VAL C 293 8.44 -6.62 -8.97
CA VAL C 293 9.49 -5.62 -8.96
C VAL C 293 10.03 -5.47 -10.38
N LEU C 294 10.55 -6.55 -10.93
CA LEU C 294 11.08 -6.55 -12.29
C LEU C 294 10.12 -5.93 -13.28
N GLU C 295 8.83 -6.22 -13.14
CA GLU C 295 7.84 -5.67 -14.06
C GLU C 295 7.60 -4.19 -13.82
N GLU C 296 7.84 -3.74 -12.60
CA GLU C 296 7.67 -2.33 -12.28
C GLU C 296 8.89 -1.56 -12.73
N LEU C 297 10.06 -2.17 -12.57
CA LEU C 297 11.29 -1.53 -12.99
C LEU C 297 11.29 -1.34 -14.49
N ILE C 298 10.62 -2.25 -15.19
CA ILE C 298 10.57 -2.16 -16.64
C ILE C 298 9.74 -0.98 -17.12
N ASP C 299 8.63 -0.73 -16.46
CA ASP C 299 7.78 0.39 -16.85
C ASP C 299 8.46 1.69 -16.51
N MET C 300 8.85 1.82 -15.25
CA MET C 300 9.50 3.04 -14.81
C MET C 300 10.67 3.40 -15.72
N ASN C 301 11.45 2.40 -16.08
CA ASN C 301 12.61 2.63 -16.94
C ASN C 301 12.18 3.03 -18.34
N GLN C 302 11.05 2.47 -18.78
CA GLN C 302 10.53 2.77 -20.10
C GLN C 302 10.08 4.21 -20.18
N HIS C 303 9.39 4.66 -19.15
CA HIS C 303 8.91 6.03 -19.12
C HIS C 303 10.12 6.94 -19.02
N HIS C 304 11.03 6.65 -18.10
CA HIS C 304 12.23 7.47 -17.96
C HIS C 304 12.89 7.68 -19.32
N LEU C 305 13.11 6.59 -20.05
CA LEU C 305 13.72 6.69 -21.36
C LEU C 305 12.86 7.54 -22.29
N ASN C 306 11.56 7.32 -22.26
CA ASN C 306 10.65 8.10 -23.09
C ASN C 306 10.84 9.55 -22.76
N ALA C 307 11.12 9.82 -21.49
CA ALA C 307 11.35 11.19 -21.01
C ALA C 307 12.66 11.76 -21.51
N LEU C 308 13.63 10.92 -21.78
CA LEU C 308 14.92 11.39 -22.27
C LEU C 308 14.80 11.75 -23.74
N GLY C 309 13.73 11.27 -24.37
CA GLY C 309 13.50 11.55 -25.78
C GLY C 309 13.76 10.38 -26.72
N VAL C 310 14.35 9.30 -26.20
CA VAL C 310 14.64 8.16 -27.06
C VAL C 310 13.48 7.22 -27.37
N GLY C 311 12.29 7.57 -26.89
CA GLY C 311 11.13 6.72 -27.14
C GLY C 311 10.62 6.85 -28.58
N HIS C 312 9.50 6.18 -28.86
CA HIS C 312 8.96 6.21 -30.21
C HIS C 312 7.53 5.67 -30.32
N ALA C 313 6.80 6.16 -31.31
CA ALA C 313 5.42 5.76 -31.53
C ALA C 313 5.23 4.25 -31.54
N SER C 314 6.13 3.53 -32.20
CA SER C 314 6.04 2.08 -32.28
C SER C 314 6.30 1.42 -30.93
N LEU C 315 7.34 1.87 -30.24
CA LEU C 315 7.65 1.29 -28.94
C LEU C 315 6.46 1.45 -28.00
N ASP C 316 5.76 2.57 -28.12
CA ASP C 316 4.60 2.79 -27.27
C ASP C 316 3.52 1.81 -27.65
N GLN C 317 3.32 1.62 -28.95
CA GLN C 317 2.30 0.70 -29.40
C GLN C 317 2.66 -0.60 -28.75
N LEU C 318 3.92 -1.01 -28.92
CA LEU C 318 4.44 -2.25 -28.35
C LEU C 318 4.03 -2.37 -26.88
N CYS C 319 4.54 -1.46 -26.05
CA CYS C 319 4.24 -1.47 -24.63
C CYS C 319 2.77 -1.48 -24.27
N GLN C 320 1.91 -1.01 -25.18
CA GLN C 320 0.46 -0.98 -24.93
C GLN C 320 -0.15 -2.38 -25.07
N VAL C 321 -0.09 -2.90 -26.29
CA VAL C 321 -0.63 -4.20 -26.60
C VAL C 321 -0.20 -5.23 -25.58
N THR C 322 1.01 -5.07 -25.04
CA THR C 322 1.48 -6.02 -24.04
C THR C 322 1.00 -5.66 -22.64
N ARG C 323 0.73 -4.37 -22.42
CA ARG C 323 0.27 -3.91 -21.11
C ARG C 323 -1.14 -4.44 -20.85
N ALA C 324 -1.95 -4.43 -21.89
CA ALA C 324 -3.33 -4.91 -21.81
C ALA C 324 -3.40 -6.33 -21.28
N ARG C 325 -2.29 -7.06 -21.33
CA ARG C 325 -2.27 -8.43 -20.85
C ARG C 325 -1.37 -8.70 -19.66
N GLY C 326 -1.27 -7.73 -18.75
CA GLY C 326 -0.43 -7.90 -17.57
C GLY C 326 1.02 -8.20 -17.90
N LEU C 327 1.37 -8.07 -19.17
CA LEU C 327 2.74 -8.35 -19.61
C LEU C 327 3.45 -7.03 -19.88
N HIS C 328 4.39 -6.69 -19.02
CA HIS C 328 5.13 -5.43 -19.15
C HIS C 328 6.40 -5.48 -19.99
N SER C 329 6.55 -4.50 -20.88
CA SER C 329 7.72 -4.46 -21.74
C SER C 329 8.41 -3.10 -21.80
N LYS C 330 9.62 -3.09 -22.35
CA LYS C 330 10.39 -1.86 -22.49
C LYS C 330 11.29 -2.01 -23.70
N LEU C 331 11.68 -0.88 -24.29
CA LEU C 331 12.57 -0.93 -25.43
C LEU C 331 13.93 -1.35 -24.87
N THR C 332 14.82 -1.79 -25.76
CA THR C 332 16.17 -2.18 -25.36
C THR C 332 17.16 -1.62 -26.36
N GLY C 333 18.16 -0.89 -25.87
CA GLY C 333 19.12 -0.30 -26.76
C GLY C 333 18.89 1.19 -26.96
N ALA C 334 19.31 1.70 -28.10
CA ALA C 334 19.19 3.12 -28.43
C ALA C 334 17.79 3.71 -28.41
N GLY C 335 16.80 2.91 -28.80
CA GLY C 335 15.44 3.41 -28.84
C GLY C 335 15.20 3.90 -30.25
N GLY C 336 14.32 4.89 -30.40
CA GLY C 336 14.01 5.44 -31.72
C GLY C 336 13.36 4.41 -32.61
N GLY C 337 13.15 3.23 -32.04
CA GLY C 337 12.55 2.13 -32.75
C GLY C 337 13.27 0.88 -32.26
N GLY C 338 13.91 0.18 -33.19
CA GLY C 338 14.63 -1.03 -32.83
C GLY C 338 13.77 -2.10 -32.19
N CYS C 339 14.33 -2.75 -31.18
CA CYS C 339 13.63 -3.83 -30.51
C CYS C 339 13.14 -3.53 -29.11
N GLY C 340 12.15 -4.31 -28.70
CA GLY C 340 11.56 -4.18 -27.39
C GLY C 340 11.75 -5.48 -26.65
N ILE C 341 11.61 -5.41 -25.33
CA ILE C 341 11.78 -6.57 -24.47
C ILE C 341 10.52 -6.70 -23.63
N THR C 342 9.87 -7.86 -23.70
CA THR C 342 8.66 -8.08 -22.91
C THR C 342 8.90 -9.24 -21.98
N LEU C 343 8.83 -9.00 -20.68
CA LEU C 343 9.05 -10.07 -19.71
C LEU C 343 7.82 -10.95 -19.51
N LEU C 344 8.03 -12.25 -19.36
CA LEU C 344 6.94 -13.19 -19.16
C LEU C 344 7.03 -13.80 -17.77
N LYS C 345 5.91 -13.82 -17.05
CA LYS C 345 5.84 -14.38 -15.71
C LYS C 345 5.63 -15.90 -15.76
N PRO C 346 6.29 -16.62 -14.86
CA PRO C 346 6.19 -18.09 -14.81
C PRO C 346 4.75 -18.57 -14.84
N GLY C 347 4.57 -19.82 -15.23
CA GLY C 347 3.25 -20.41 -15.28
C GLY C 347 2.31 -19.81 -16.32
N LEU C 348 2.75 -18.77 -17.02
CA LEU C 348 1.90 -18.16 -18.03
C LEU C 348 1.31 -19.18 -19.01
N GLU C 349 0.05 -18.95 -19.38
CA GLU C 349 -0.68 -19.82 -20.29
C GLU C 349 -0.26 -19.55 -21.74
N GLN C 350 0.30 -20.57 -22.38
CA GLN C 350 0.77 -20.46 -23.76
C GLN C 350 -0.18 -19.73 -24.71
N PRO C 351 -1.49 -19.94 -24.56
CA PRO C 351 -2.42 -19.23 -25.45
C PRO C 351 -2.33 -17.71 -25.32
N GLU C 352 -1.97 -17.24 -24.13
CA GLU C 352 -1.83 -15.80 -23.89
C GLU C 352 -0.57 -15.32 -24.60
N VAL C 353 0.58 -15.83 -24.15
CA VAL C 353 1.85 -15.47 -24.73
C VAL C 353 1.76 -15.55 -26.25
N GLU C 354 0.79 -16.33 -26.74
CA GLU C 354 0.59 -16.47 -28.17
C GLU C 354 -0.29 -15.35 -28.70
N ALA C 355 -1.29 -14.97 -27.91
CA ALA C 355 -2.18 -13.89 -28.33
C ALA C 355 -1.36 -12.62 -28.51
N THR C 356 -0.33 -12.47 -27.67
CA THR C 356 0.52 -11.29 -27.73
C THR C 356 1.34 -11.27 -29.01
N LYS C 357 1.87 -12.43 -29.41
CA LYS C 357 2.66 -12.50 -30.64
C LYS C 357 1.72 -12.21 -31.80
N GLN C 358 0.44 -12.53 -31.58
CA GLN C 358 -0.59 -12.31 -32.57
C GLN C 358 -0.73 -10.80 -32.81
N ALA C 359 -1.23 -10.10 -31.78
CA ALA C 359 -1.42 -8.65 -31.84
C ALA C 359 -0.16 -7.86 -32.16
N LEU C 360 0.99 -8.32 -31.67
CA LEU C 360 2.24 -7.62 -31.94
C LEU C 360 2.63 -7.76 -33.40
N THR C 361 2.37 -8.94 -33.96
CA THR C 361 2.68 -9.17 -35.36
C THR C 361 1.75 -8.32 -36.21
N SER C 362 0.49 -8.22 -35.78
CA SER C 362 -0.51 -7.44 -36.50
C SER C 362 -0.21 -5.95 -36.53
N CYS C 363 0.87 -5.55 -35.86
CA CYS C 363 1.29 -4.16 -35.86
C CYS C 363 2.44 -4.12 -36.85
N GLY C 364 2.67 -5.26 -37.50
CA GLY C 364 3.73 -5.39 -38.48
C GLY C 364 5.10 -5.47 -37.83
N PHE C 365 5.22 -6.29 -36.79
CA PHE C 365 6.49 -6.46 -36.07
C PHE C 365 6.99 -7.90 -36.09
N ASP C 366 8.25 -8.07 -35.71
CA ASP C 366 8.86 -9.40 -35.63
C ASP C 366 8.85 -9.75 -34.17
N CYS C 367 8.08 -10.78 -33.81
CA CYS C 367 7.99 -11.19 -32.42
C CYS C 367 8.42 -12.64 -32.25
N LEU C 368 9.39 -12.86 -31.37
CA LEU C 368 9.91 -14.20 -31.10
C LEU C 368 9.96 -14.49 -29.61
N GLU C 369 9.36 -15.59 -29.19
CA GLU C 369 9.44 -15.93 -27.77
C GLU C 369 10.86 -16.44 -27.60
N THR C 370 11.49 -16.12 -26.48
CA THR C 370 12.86 -16.58 -26.23
C THR C 370 13.18 -16.36 -24.76
N SER C 371 14.46 -16.30 -24.42
CA SER C 371 14.83 -16.09 -23.02
C SER C 371 16.06 -15.20 -22.83
N ILE C 372 16.23 -14.73 -21.60
CA ILE C 372 17.35 -13.87 -21.25
C ILE C 372 18.16 -14.54 -20.17
N GLY C 373 19.46 -14.26 -20.15
CA GLY C 373 20.33 -14.84 -19.15
C GLY C 373 20.84 -16.22 -19.51
N ALA C 374 20.62 -16.62 -20.76
CA ALA C 374 21.06 -17.93 -21.23
C ALA C 374 22.56 -18.13 -20.99
N PRO C 375 23.09 -19.32 -21.34
CA PRO C 375 24.51 -19.63 -21.17
C PRO C 375 25.42 -19.09 -22.28
N GLY C 376 26.70 -18.92 -21.97
CA GLY C 376 27.66 -18.42 -22.93
C GLY C 376 27.98 -19.40 -24.03
N VAL C 377 29.17 -19.28 -24.61
CA VAL C 377 29.61 -20.16 -25.69
C VAL C 377 29.61 -21.63 -25.33
N SER C 378 29.16 -22.47 -26.26
CA SER C 378 29.09 -23.89 -26.01
C SER C 378 29.40 -24.72 -27.24
N ILE C 379 29.46 -26.03 -27.03
CA ILE C 379 29.73 -26.99 -28.09
C ILE C 379 28.61 -28.03 -28.16
N HIS C 380 28.19 -28.35 -29.39
CA HIS C 380 27.10 -29.30 -29.62
C HIS C 380 27.46 -30.62 -30.30
N SER C 381 26.75 -31.69 -29.90
CA SER C 381 26.95 -33.03 -30.44
C SER C 381 26.04 -33.34 -31.62
N ALA C 382 25.53 -32.29 -32.27
CA ALA C 382 24.64 -32.47 -33.42
C ALA C 382 23.36 -33.22 -33.03
N THR C 383 23.27 -33.61 -31.77
CA THR C 383 22.08 -34.29 -31.28
C THR C 383 21.27 -33.11 -30.77
N SER C 384 21.92 -32.30 -29.95
CA SER C 384 21.32 -31.10 -29.38
C SER C 384 21.15 -30.04 -30.46
N LEU C 385 20.51 -30.43 -31.56
CA LEU C 385 20.27 -29.51 -32.67
C LEU C 385 18.86 -29.64 -33.21
N ASP C 386 18.38 -28.56 -33.83
CA ASP C 386 17.05 -28.54 -34.41
C ASP C 386 17.14 -29.13 -35.81
N SER C 387 15.97 -29.32 -36.39
CA SER C 387 15.86 -29.82 -37.75
C SER C 387 15.79 -28.53 -38.54
N ARG C 388 16.27 -27.46 -37.92
CA ARG C 388 16.29 -26.12 -38.50
C ARG C 388 17.74 -25.65 -38.48
N VAL C 389 18.47 -26.10 -37.45
CA VAL C 389 19.87 -25.73 -37.25
C VAL C 389 20.85 -26.32 -38.25
N GLN C 390 21.20 -27.60 -38.04
CA GLN C 390 22.17 -28.24 -38.93
C GLN C 390 21.62 -28.28 -40.34
N GLN C 391 20.30 -28.30 -40.48
CA GLN C 391 19.68 -28.33 -41.79
C GLN C 391 20.09 -27.12 -42.62
N ALA C 392 20.22 -25.97 -41.94
CA ALA C 392 20.64 -24.75 -42.61
C ALA C 392 22.16 -24.76 -42.68
N LEU C 393 22.79 -25.41 -41.71
CA LEU C 393 24.24 -25.51 -41.66
C LEU C 393 24.77 -26.26 -42.89
N ASP C 394 24.13 -27.39 -43.20
CA ASP C 394 24.51 -28.19 -44.35
C ASP C 394 24.19 -27.44 -45.64
N GLY C 395 22.90 -27.31 -45.93
CA GLY C 395 22.47 -26.61 -47.13
C GLY C 395 21.10 -26.00 -46.95
N LEU D 2 -23.70 51.98 -12.41
CA LEU D 2 -24.64 52.48 -13.46
C LEU D 2 -25.58 51.38 -13.93
N SER D 3 -25.79 50.37 -13.09
CA SER D 3 -26.68 49.26 -13.39
C SER D 3 -26.98 48.48 -12.11
N GLU D 4 -28.25 48.13 -11.93
CA GLU D 4 -28.69 47.40 -10.74
C GLU D 4 -28.19 45.97 -10.66
N VAL D 5 -28.74 45.12 -11.52
CA VAL D 5 -28.37 43.72 -11.56
C VAL D 5 -26.85 43.59 -11.65
N LEU D 6 -26.27 42.70 -10.85
CA LEU D 6 -24.82 42.49 -10.87
C LEU D 6 -24.50 41.13 -11.48
N LEU D 7 -23.43 41.10 -12.29
CA LEU D 7 -23.02 39.87 -12.95
C LEU D 7 -21.53 39.64 -12.70
N VAL D 8 -21.21 38.52 -12.04
CA VAL D 8 -19.82 38.18 -11.73
C VAL D 8 -19.43 36.82 -12.30
N SER D 9 -18.16 36.69 -12.66
CA SER D 9 -17.66 35.43 -13.20
C SER D 9 -16.26 35.13 -12.69
N ALA D 10 -15.99 33.84 -12.47
CA ALA D 10 -14.69 33.37 -12.01
C ALA D 10 -14.27 32.19 -12.86
N PRO D 11 -12.98 31.87 -12.89
CA PRO D 11 -12.42 30.77 -13.68
C PRO D 11 -12.18 29.47 -12.93
N GLY D 12 -11.99 28.40 -13.68
CA GLY D 12 -11.71 27.10 -13.10
C GLY D 12 -10.22 26.97 -12.80
N LYS D 13 -9.76 25.80 -12.38
CA LYS D 13 -8.35 25.64 -12.05
C LYS D 13 -7.76 24.29 -12.39
N VAL D 14 -6.65 24.30 -13.12
CA VAL D 14 -5.95 23.07 -13.52
C VAL D 14 -4.48 23.12 -13.08
N ILE D 15 -3.86 21.95 -12.93
CA ILE D 15 -2.46 21.92 -12.54
C ILE D 15 -1.63 21.81 -13.82
N LEU D 16 -0.53 22.54 -13.86
CA LEU D 16 0.35 22.54 -15.03
C LEU D 16 1.55 21.62 -14.81
N HIS D 17 2.10 21.64 -13.60
CA HIS D 17 3.24 20.81 -13.21
C HIS D 17 3.15 20.66 -11.71
N GLY D 18 3.62 19.53 -11.18
CA GLY D 18 3.58 19.30 -9.76
C GLY D 18 2.52 18.30 -9.32
N GLU D 19 1.49 18.12 -10.12
CA GLU D 19 0.39 17.19 -9.81
C GLU D 19 0.55 16.30 -8.59
N HIS D 20 1.54 15.42 -8.59
CA HIS D 20 1.68 14.55 -7.43
C HIS D 20 2.87 14.84 -6.53
N ALA D 21 3.89 15.50 -7.06
CA ALA D 21 5.10 15.82 -6.28
C ALA D 21 4.81 16.68 -5.06
N VAL D 22 3.96 17.68 -5.22
CA VAL D 22 3.59 18.57 -4.13
C VAL D 22 3.45 17.85 -2.80
N VAL D 23 2.59 16.85 -2.78
CA VAL D 23 2.34 16.07 -1.57
C VAL D 23 3.63 15.65 -0.88
N HIS D 24 4.77 15.81 -1.56
CA HIS D 24 6.05 15.42 -1.00
C HIS D 24 7.10 16.54 -0.87
N GLY D 25 6.64 17.78 -0.94
CA GLY D 25 7.54 18.89 -0.77
C GLY D 25 7.96 19.65 -2.01
N LYS D 26 7.38 19.28 -3.15
CA LYS D 26 7.76 19.93 -4.39
C LYS D 26 6.82 21.08 -4.81
N VAL D 27 7.27 21.85 -5.80
CA VAL D 27 6.53 22.99 -6.31
C VAL D 27 5.57 22.62 -7.44
N ALA D 28 4.36 23.14 -7.35
CA ALA D 28 3.36 22.87 -8.38
C ALA D 28 2.78 24.18 -8.92
N LEU D 29 2.52 24.22 -10.23
CA LEU D 29 1.95 25.41 -10.84
C LEU D 29 0.47 25.19 -11.09
N ALA D 30 -0.36 26.02 -10.48
CA ALA D 30 -1.80 25.95 -10.66
C ALA D 30 -2.17 27.17 -11.48
N VAL D 31 -2.85 26.96 -12.59
CA VAL D 31 -3.22 28.06 -13.47
C VAL D 31 -4.73 28.20 -13.67
N SER D 32 -5.18 29.44 -13.79
CA SER D 32 -6.59 29.69 -14.00
C SER D 32 -7.03 29.02 -15.30
N LEU D 33 -8.19 28.41 -15.29
CA LEU D 33 -8.72 27.74 -16.47
C LEU D 33 -9.94 28.56 -16.88
N ASN D 34 -9.89 29.17 -18.07
CA ASN D 34 -10.98 30.01 -18.50
C ASN D 34 -12.27 29.37 -18.99
N LEU D 35 -12.75 28.43 -18.17
CA LEU D 35 -14.02 27.76 -18.39
C LEU D 35 -14.71 28.38 -17.19
N ARG D 36 -14.92 29.68 -17.25
CA ARG D 36 -15.52 30.48 -16.17
C ARG D 36 -16.92 30.17 -15.65
N THR D 37 -17.18 30.70 -14.46
CA THR D 37 -18.45 30.55 -13.78
C THR D 37 -19.07 31.94 -13.57
N PHE D 38 -20.32 32.11 -14.00
CA PHE D 38 -21.00 33.40 -13.82
C PHE D 38 -22.20 33.30 -12.85
N LEU D 39 -22.48 34.42 -12.20
CA LEU D 39 -23.59 34.50 -11.25
C LEU D 39 -24.34 35.81 -11.49
N ARG D 40 -25.67 35.74 -11.47
CA ARG D 40 -26.49 36.92 -11.70
C ARG D 40 -27.40 37.22 -10.51
N LEU D 41 -27.01 38.16 -9.65
CA LEU D 41 -27.84 38.52 -8.50
C LEU D 41 -28.37 39.93 -8.73
N GLN D 42 -29.58 40.20 -8.23
CA GLN D 42 -30.19 41.52 -8.37
C GLN D 42 -31.06 41.94 -7.20
N PRO D 43 -30.66 43.02 -6.51
CA PRO D 43 -31.38 43.55 -5.35
C PRO D 43 -32.87 43.68 -5.61
N HIS D 44 -33.66 43.13 -4.71
CA HIS D 44 -35.11 43.17 -4.82
C HIS D 44 -35.69 43.85 -3.58
N SER D 45 -37.01 43.93 -3.52
CA SER D 45 -37.69 44.57 -2.40
C SER D 45 -38.86 43.75 -1.89
N ASN D 46 -38.82 42.43 -2.13
CA ASN D 46 -39.88 41.52 -1.67
C ASN D 46 -39.27 40.45 -0.78
N GLY D 47 -40.10 39.76 0.00
CA GLY D 47 -39.59 38.74 0.90
C GLY D 47 -39.18 37.41 0.31
N LYS D 48 -38.61 37.43 -0.90
CA LYS D 48 -38.20 36.18 -1.53
C LYS D 48 -36.75 36.19 -2.00
N VAL D 49 -35.91 35.46 -1.26
CA VAL D 49 -34.49 35.31 -1.57
C VAL D 49 -34.31 33.91 -2.12
N ASP D 50 -34.36 33.77 -3.44
CA ASP D 50 -34.20 32.46 -4.06
C ASP D 50 -32.95 32.33 -4.91
N LEU D 51 -32.52 31.08 -5.10
CA LEU D 51 -31.32 30.76 -5.86
C LEU D 51 -31.63 29.74 -6.97
N SER D 52 -30.95 29.84 -8.10
CA SER D 52 -31.17 28.92 -9.22
C SER D 52 -29.87 28.27 -9.71
N LEU D 53 -29.95 26.98 -9.99
CA LEU D 53 -28.81 26.23 -10.45
C LEU D 53 -29.09 25.67 -11.82
N PRO D 54 -29.14 26.54 -12.83
CA PRO D 54 -29.41 26.16 -14.23
C PRO D 54 -28.58 24.93 -14.64
N ASN D 55 -27.38 24.85 -14.11
CA ASN D 55 -26.46 23.76 -14.39
C ASN D 55 -27.13 22.45 -13.99
N ILE D 56 -28.14 22.55 -13.12
CA ILE D 56 -28.86 21.40 -12.61
C ILE D 56 -30.35 21.40 -12.98
N GLY D 57 -30.95 22.58 -12.98
CA GLY D 57 -32.37 22.68 -13.29
C GLY D 57 -33.16 22.65 -11.99
N ILE D 58 -32.66 23.36 -10.98
CA ILE D 58 -33.30 23.41 -9.67
C ILE D 58 -33.26 24.80 -9.02
N LYS D 59 -34.38 25.19 -8.41
CA LYS D 59 -34.47 26.49 -7.75
C LYS D 59 -34.86 26.32 -6.28
N ARG D 60 -34.72 27.40 -5.52
CA ARG D 60 -35.05 27.38 -4.10
C ARG D 60 -35.06 28.78 -3.50
N ALA D 61 -36.13 29.10 -2.77
CA ALA D 61 -36.29 30.41 -2.12
C ALA D 61 -36.50 30.25 -0.62
N TRP D 62 -35.80 31.09 0.14
CA TRP D 62 -35.93 31.05 1.60
C TRP D 62 -36.43 32.39 2.07
N ASP D 63 -37.67 32.40 2.56
CA ASP D 63 -38.32 33.62 3.01
C ASP D 63 -37.41 34.52 3.85
N VAL D 64 -37.26 35.75 3.38
CA VAL D 64 -36.43 36.74 4.04
C VAL D 64 -36.75 36.83 5.53
N ALA D 65 -38.05 36.83 5.83
CA ALA D 65 -38.52 36.91 7.21
C ALA D 65 -38.06 35.69 8.01
N ARG D 66 -38.08 34.52 7.37
CA ARG D 66 -37.64 33.29 8.01
C ARG D 66 -36.15 33.35 8.31
N LEU D 67 -35.45 34.29 7.68
CA LEU D 67 -34.01 34.43 7.89
C LEU D 67 -33.53 35.57 8.77
N GLN D 68 -33.90 36.81 8.43
CA GLN D 68 -33.43 37.91 9.27
C GLN D 68 -33.84 37.57 10.70
N SER D 69 -35.12 37.22 10.85
CA SER D 69 -35.69 36.87 12.15
C SER D 69 -35.13 35.57 12.70
N LEU D 70 -34.21 34.95 11.98
CA LEU D 70 -33.61 33.71 12.43
C LEU D 70 -32.79 33.96 13.70
N ASP D 71 -32.94 35.16 14.26
CA ASP D 71 -32.24 35.53 15.49
C ASP D 71 -30.80 35.03 15.40
N THR D 72 -30.27 35.05 14.19
CA THR D 72 -28.91 34.59 13.91
C THR D 72 -27.79 35.48 14.42
N SER D 73 -27.30 35.14 15.61
CA SER D 73 -26.21 35.88 16.25
C SER D 73 -25.23 34.86 16.81
N PHE D 74 -24.29 34.41 15.97
CA PHE D 74 -23.30 33.42 16.37
C PHE D 74 -22.13 33.37 15.39
N LEU D 75 -22.32 34.01 14.24
CA LEU D 75 -21.30 34.04 13.20
C LEU D 75 -20.20 35.07 13.50
N THR D 81 -11.58 32.60 11.81
CA THR D 81 -12.10 31.47 12.64
C THR D 81 -12.56 30.32 11.75
N THR D 82 -12.93 29.19 12.35
CA THR D 82 -13.38 28.01 11.59
C THR D 82 -14.88 27.76 11.77
N PRO D 83 -15.55 27.17 10.74
CA PRO D 83 -17.00 26.88 10.79
C PRO D 83 -17.31 25.80 11.85
N THR D 84 -18.45 25.92 12.51
CA THR D 84 -18.82 24.98 13.56
C THR D 84 -19.88 23.97 13.20
N SER D 85 -19.93 22.88 13.96
CA SER D 85 -20.92 21.84 13.75
C SER D 85 -22.24 22.39 14.29
N GLU D 86 -22.13 23.42 15.13
CA GLU D 86 -23.31 24.06 15.70
C GLU D 86 -23.89 25.01 14.65
N GLN D 87 -23.01 25.56 13.82
CA GLN D 87 -23.43 26.45 12.76
C GLN D 87 -24.00 25.64 11.59
N VAL D 88 -23.29 24.61 11.16
CA VAL D 88 -23.81 23.79 10.07
C VAL D 88 -25.14 23.26 10.54
N GLU D 89 -25.28 23.16 11.84
CA GLU D 89 -26.52 22.71 12.46
C GLU D 89 -27.55 23.74 11.99
N LYS D 90 -27.45 24.93 12.55
CA LYS D 90 -28.35 26.04 12.22
C LYS D 90 -28.63 26.13 10.73
N LEU D 91 -27.60 26.47 9.96
CA LEU D 91 -27.70 26.59 8.52
C LEU D 91 -28.38 25.41 7.87
N LYS D 92 -28.22 24.22 8.45
CA LYS D 92 -28.86 23.05 7.87
C LYS D 92 -30.34 23.05 8.15
N GLU D 93 -30.70 23.60 9.30
CA GLU D 93 -32.10 23.66 9.71
C GLU D 93 -32.90 24.75 9.01
N VAL D 94 -32.22 25.74 8.46
CA VAL D 94 -32.92 26.80 7.76
C VAL D 94 -32.84 26.52 6.25
N ALA D 95 -32.59 25.25 5.91
CA ALA D 95 -32.50 24.76 4.52
C ALA D 95 -33.74 23.93 4.15
N GLY D 96 -33.64 22.60 4.04
CA GLY D 96 -34.87 21.84 3.82
C GLY D 96 -35.01 21.14 2.49
N LEU D 97 -34.06 20.23 2.37
CA LEU D 97 -33.85 19.38 1.18
C LEU D 97 -34.29 17.86 1.12
N PRO D 98 -34.35 17.27 -0.12
CA PRO D 98 -34.74 15.87 -0.40
C PRO D 98 -33.90 14.99 0.52
N ASP D 99 -34.41 13.80 0.83
CA ASP D 99 -33.69 12.88 1.69
C ASP D 99 -32.24 12.72 1.24
N ASP D 100 -32.06 12.33 -0.02
CA ASP D 100 -30.74 12.14 -0.59
C ASP D 100 -30.20 13.45 -1.16
N CYS D 101 -31.07 14.20 -1.83
CA CYS D 101 -30.69 15.48 -2.40
C CYS D 101 -29.37 15.41 -3.16
N ALA D 102 -29.33 14.58 -4.20
CA ALA D 102 -28.13 14.43 -5.00
C ALA D 102 -26.93 14.52 -4.10
N VAL D 103 -26.02 15.44 -4.39
CA VAL D 103 -24.83 15.61 -3.59
C VAL D 103 -24.31 17.01 -3.74
N THR D 104 -24.38 17.54 -4.95
CA THR D 104 -23.93 18.90 -5.22
C THR D 104 -24.98 19.92 -4.76
N GLU D 105 -26.25 19.56 -4.94
CA GLU D 105 -27.36 20.41 -4.56
C GLU D 105 -27.20 20.81 -3.09
N ARG D 106 -27.05 19.79 -2.25
CA ARG D 106 -26.88 19.99 -0.82
C ARG D 106 -25.63 20.78 -0.46
N LEU D 107 -24.56 20.59 -1.25
CA LEU D 107 -23.30 21.28 -1.03
C LEU D 107 -23.35 22.73 -1.49
N ALA D 108 -24.02 22.96 -2.62
CA ALA D 108 -24.13 24.31 -3.16
C ALA D 108 -25.05 25.18 -2.29
N VAL D 109 -26.00 24.56 -1.60
CA VAL D 109 -26.91 25.30 -0.76
C VAL D 109 -26.30 25.77 0.54
N LEU D 110 -25.74 24.85 1.32
CA LEU D 110 -25.13 25.20 2.58
C LEU D 110 -24.01 26.22 2.36
N ALA D 111 -23.39 26.16 1.18
CA ALA D 111 -22.33 27.09 0.84
C ALA D 111 -22.95 28.48 0.76
N PHE D 112 -23.94 28.63 -0.13
CA PHE D 112 -24.63 29.89 -0.31
C PHE D 112 -25.19 30.37 1.02
N LEU D 113 -26.01 29.53 1.63
CA LEU D 113 -26.62 29.87 2.91
C LEU D 113 -25.62 30.41 3.91
N TYR D 114 -24.45 29.78 3.98
CA TYR D 114 -23.41 30.21 4.90
C TYR D 114 -22.85 31.61 4.60
N LEU D 115 -22.49 31.85 3.34
CA LEU D 115 -21.94 33.14 2.95
C LEU D 115 -23.03 34.19 3.02
N TYR D 116 -24.22 33.85 2.53
CA TYR D 116 -25.33 34.80 2.55
C TYR D 116 -25.46 35.39 3.95
N LEU D 117 -25.85 34.56 4.91
CA LEU D 117 -26.01 35.00 6.28
C LEU D 117 -24.75 35.70 6.78
N SER D 118 -23.65 34.95 6.85
CA SER D 118 -22.39 35.50 7.33
C SER D 118 -22.11 36.93 6.91
N ILE D 119 -22.11 37.18 5.60
CA ILE D 119 -21.81 38.50 5.06
C ILE D 119 -22.91 39.55 5.30
N CYS D 120 -24.11 39.27 4.80
CA CYS D 120 -25.22 40.19 4.97
C CYS D 120 -25.52 40.41 6.44
N ARG D 121 -24.93 39.57 7.28
CA ARG D 121 -25.12 39.63 8.74
C ARG D 121 -24.93 41.07 9.24
N LYS D 122 -23.75 41.62 8.97
CA LYS D 122 -23.39 42.97 9.37
C LYS D 122 -24.33 44.03 8.78
N GLN D 123 -25.15 43.60 7.82
CA GLN D 123 -26.10 44.50 7.13
C GLN D 123 -27.34 44.86 7.94
N ARG D 124 -27.93 45.99 7.60
CA ARG D 124 -29.13 46.53 8.24
C ARG D 124 -30.16 45.41 8.43
N ALA D 125 -30.47 44.75 7.31
CA ALA D 125 -31.43 43.66 7.27
C ALA D 125 -31.01 42.73 6.13
N LEU D 126 -31.37 41.45 6.21
CA LEU D 126 -31.01 40.53 5.15
C LEU D 126 -31.67 41.02 3.86
N PRO D 127 -30.91 41.01 2.75
CA PRO D 127 -31.40 41.45 1.44
C PRO D 127 -32.25 40.47 0.66
N SER D 128 -33.14 41.04 -0.14
CA SER D 128 -34.03 40.30 -1.02
C SER D 128 -33.22 40.27 -2.30
N LEU D 129 -33.21 39.14 -3.00
CA LEU D 129 -32.47 39.05 -4.25
C LEU D 129 -32.59 37.70 -4.94
N ASP D 130 -32.56 37.74 -6.26
CA ASP D 130 -32.65 36.53 -7.09
C ASP D 130 -31.26 36.23 -7.64
N ILE D 131 -30.70 35.09 -7.24
CA ILE D 131 -29.37 34.69 -7.67
C ILE D 131 -29.40 33.46 -8.56
N VAL D 132 -28.69 33.55 -9.68
CA VAL D 132 -28.60 32.45 -10.62
C VAL D 132 -27.13 32.24 -10.98
N VAL D 133 -26.68 30.99 -10.86
CA VAL D 133 -25.29 30.65 -11.15
C VAL D 133 -25.18 29.65 -12.27
N TRP D 134 -24.31 29.95 -13.23
CA TRP D 134 -24.07 29.07 -14.38
C TRP D 134 -22.60 29.13 -14.73
N SER D 135 -22.00 27.96 -14.96
CA SER D 135 -20.59 27.91 -15.29
C SER D 135 -20.23 26.97 -16.44
N GLU D 136 -19.08 27.27 -17.06
CA GLU D 136 -18.55 26.48 -18.16
C GLU D 136 -17.83 25.26 -17.57
N LEU D 137 -17.18 25.47 -16.43
CA LEU D 137 -16.46 24.40 -15.75
C LEU D 137 -17.23 23.11 -15.59
N PRO D 138 -16.75 22.02 -16.21
CA PRO D 138 -17.44 20.73 -16.08
C PRO D 138 -17.31 20.27 -14.63
N PRO D 139 -18.43 19.91 -13.99
CA PRO D 139 -18.46 19.46 -12.60
C PRO D 139 -17.75 18.13 -12.29
N GLY D 140 -17.52 17.90 -11.00
CA GLY D 140 -16.87 16.69 -10.54
C GLY D 140 -15.72 16.18 -11.39
N ALA D 141 -14.87 17.09 -11.85
CA ALA D 141 -13.72 16.71 -12.68
C ALA D 141 -12.40 17.24 -12.12
N GLY D 142 -12.45 17.83 -10.92
CA GLY D 142 -11.25 18.36 -10.29
C GLY D 142 -10.75 19.65 -10.91
N LEU D 143 -11.66 20.36 -11.59
CA LEU D 143 -11.33 21.61 -12.24
C LEU D 143 -11.58 22.82 -11.32
N GLY D 144 -11.74 22.55 -10.03
CA GLY D 144 -11.95 23.59 -9.03
C GLY D 144 -13.18 24.46 -9.20
N SER D 145 -14.35 23.84 -9.31
CA SER D 145 -15.58 24.56 -9.49
C SER D 145 -16.17 25.06 -8.19
N SER D 146 -16.23 24.21 -7.18
CA SER D 146 -16.79 24.61 -5.90
C SER D 146 -16.13 25.89 -5.40
N ALA D 147 -14.90 26.15 -5.84
CA ALA D 147 -14.19 27.34 -5.41
C ALA D 147 -14.63 28.54 -6.22
N ALA D 148 -14.69 28.38 -7.54
CA ALA D 148 -15.11 29.47 -8.43
C ALA D 148 -16.46 29.97 -7.94
N TYR D 149 -17.42 29.05 -7.86
CA TYR D 149 -18.77 29.35 -7.40
C TYR D 149 -18.70 30.07 -6.07
N SER D 150 -18.02 29.47 -5.09
CA SER D 150 -17.91 30.08 -3.78
C SER D 150 -17.38 31.50 -3.90
N VAL D 151 -16.44 31.69 -4.83
CA VAL D 151 -15.84 33.01 -5.05
C VAL D 151 -16.80 33.93 -5.81
N CYS D 152 -17.67 33.36 -6.62
CA CYS D 152 -18.64 34.13 -7.38
C CYS D 152 -19.69 34.69 -6.41
N LEU D 153 -19.98 33.95 -5.34
CA LEU D 153 -20.96 34.39 -4.35
C LEU D 153 -20.36 35.31 -3.31
N ALA D 154 -19.04 35.25 -3.16
CA ALA D 154 -18.34 36.09 -2.19
C ALA D 154 -18.08 37.46 -2.77
N ALA D 155 -18.29 37.59 -4.07
CA ALA D 155 -18.10 38.86 -4.74
C ALA D 155 -19.46 39.54 -4.78
N ALA D 156 -20.39 38.96 -5.53
CA ALA D 156 -21.73 39.51 -5.64
C ALA D 156 -22.23 40.01 -4.27
N LEU D 157 -22.29 39.10 -3.31
CA LEU D 157 -22.77 39.43 -1.97
C LEU D 157 -21.96 40.50 -1.28
N LEU D 158 -20.68 40.22 -1.09
CA LEU D 158 -19.81 41.16 -0.41
C LEU D 158 -19.96 42.55 -1.01
N THR D 159 -20.36 42.59 -2.28
CA THR D 159 -20.55 43.86 -2.97
C THR D 159 -21.93 44.45 -2.73
N VAL D 160 -22.98 43.63 -2.85
CA VAL D 160 -24.33 44.11 -2.65
C VAL D 160 -24.43 44.71 -1.25
N CYS D 161 -23.88 44.02 -0.26
CA CYS D 161 -23.92 44.52 1.11
C CYS D 161 -23.08 45.79 1.23
N GLU D 162 -22.41 46.15 0.15
CA GLU D 162 -21.61 47.36 0.14
C GLU D 162 -20.45 47.33 1.12
N GLU D 163 -20.01 46.12 1.47
CA GLU D 163 -18.89 45.93 2.40
C GLU D 163 -17.59 46.15 1.63
N ILE D 164 -17.69 46.02 0.31
CA ILE D 164 -16.56 46.19 -0.59
C ILE D 164 -17.02 47.05 -1.77
N PRO D 165 -16.16 47.97 -2.25
CA PRO D 165 -16.51 48.85 -3.38
C PRO D 165 -17.03 48.16 -4.63
N ASN D 166 -17.14 48.91 -5.72
CA ASN D 166 -17.65 48.37 -6.98
C ASN D 166 -16.93 49.04 -8.15
N PRO D 167 -15.76 48.49 -8.56
CA PRO D 167 -14.94 49.01 -9.66
C PRO D 167 -15.52 49.02 -11.08
N LEU D 168 -16.80 48.75 -11.26
CA LEU D 168 -17.33 48.80 -12.63
C LEU D 168 -17.87 50.21 -12.92
N LYS D 169 -18.08 50.98 -11.85
CA LYS D 169 -18.57 52.35 -11.91
C LYS D 169 -17.80 53.22 -12.91
N ASP D 170 -18.25 53.22 -14.17
CA ASP D 170 -17.58 54.00 -15.21
C ASP D 170 -18.05 53.71 -16.64
N GLY D 171 -19.16 53.00 -16.76
CA GLY D 171 -19.67 52.68 -18.09
C GLY D 171 -18.65 51.96 -18.97
N ASP D 172 -18.85 50.65 -19.14
CA ASP D 172 -17.94 49.84 -19.95
C ASP D 172 -18.39 48.38 -20.03
N CYS D 173 -17.44 47.47 -20.23
CA CYS D 173 -17.75 46.05 -20.35
C CYS D 173 -17.47 45.16 -19.14
N VAL D 174 -16.20 45.08 -18.72
CA VAL D 174 -15.86 44.27 -17.55
C VAL D 174 -14.86 45.03 -16.68
N ASN D 175 -14.70 44.57 -15.45
CA ASN D 175 -13.77 45.22 -14.52
C ASN D 175 -13.48 44.33 -13.33
N ARG D 176 -12.50 44.69 -12.50
CA ARG D 176 -12.13 43.88 -11.34
C ARG D 176 -11.86 44.66 -10.06
N TRP D 177 -12.12 44.02 -8.92
CA TRP D 177 -11.92 44.62 -7.61
C TRP D 177 -10.47 44.98 -7.37
N THR D 178 -10.20 45.59 -6.22
CA THR D 178 -8.84 46.00 -5.88
C THR D 178 -8.23 45.04 -4.85
N LYS D 179 -6.93 44.80 -4.95
CA LYS D 179 -6.23 43.89 -4.05
C LYS D 179 -6.99 43.53 -2.79
N GLU D 180 -6.91 44.42 -1.79
CA GLU D 180 -7.56 44.23 -0.50
C GLU D 180 -9.00 43.75 -0.61
N ASP D 181 -9.68 44.16 -1.68
CA ASP D 181 -11.06 43.73 -1.89
C ASP D 181 -11.10 42.23 -2.17
N LEU D 182 -10.17 41.78 -3.01
CA LEU D 182 -10.05 40.38 -3.39
C LEU D 182 -9.65 39.56 -2.18
N GLU D 183 -8.76 40.13 -1.36
CA GLU D 183 -8.31 39.46 -0.16
C GLU D 183 -9.53 38.98 0.63
N LEU D 184 -10.45 39.91 0.90
CA LEU D 184 -11.67 39.58 1.63
C LEU D 184 -12.43 38.52 0.85
N ILE D 185 -12.71 38.83 -0.40
CA ILE D 185 -13.42 37.90 -1.25
C ILE D 185 -12.84 36.50 -1.06
N ASN D 186 -11.52 36.42 -1.10
CA ASN D 186 -10.83 35.15 -0.93
C ASN D 186 -11.03 34.64 0.49
N LYS D 187 -10.49 35.39 1.45
CA LYS D 187 -10.60 35.03 2.87
C LYS D 187 -12.03 34.59 3.21
N TRP D 188 -13.00 35.07 2.43
CA TRP D 188 -14.40 34.74 2.61
C TRP D 188 -14.81 33.47 1.86
N ALA D 189 -14.43 33.38 0.59
CA ALA D 189 -14.76 32.21 -0.21
C ALA D 189 -14.04 30.99 0.35
N PHE D 190 -12.85 31.21 0.89
CA PHE D 190 -12.07 30.13 1.46
C PHE D 190 -12.89 29.53 2.59
N GLN D 191 -13.81 30.33 3.10
CA GLN D 191 -14.69 29.88 4.16
C GLN D 191 -15.70 28.95 3.52
N GLY D 192 -16.12 29.28 2.30
CA GLY D 192 -17.08 28.46 1.60
C GLY D 192 -16.55 27.06 1.36
N GLU D 193 -15.34 26.99 0.81
CA GLU D 193 -14.69 25.72 0.55
C GLU D 193 -14.47 24.97 1.86
N ARG D 194 -14.29 25.73 2.93
CA ARG D 194 -14.08 25.17 4.26
C ARG D 194 -15.37 24.50 4.72
N MET D 195 -16.48 24.97 4.16
CA MET D 195 -17.82 24.47 4.47
C MET D 195 -18.15 23.22 3.66
N ILE D 196 -17.61 23.13 2.45
CA ILE D 196 -17.86 21.99 1.56
C ILE D 196 -16.86 20.83 1.61
N HIS D 197 -15.56 21.13 1.61
CA HIS D 197 -14.54 20.08 1.63
C HIS D 197 -13.97 19.79 3.02
N GLY D 198 -14.27 20.65 3.99
CA GLY D 198 -13.79 20.43 5.34
C GLY D 198 -12.40 20.91 5.66
N ASN D 199 -11.44 20.69 4.76
CA ASN D 199 -10.08 21.16 5.02
C ASN D 199 -9.24 21.25 3.76
N PRO D 200 -9.75 21.96 2.74
CA PRO D 200 -9.07 22.15 1.46
C PRO D 200 -7.80 22.97 1.68
N SER D 201 -6.97 23.09 0.65
CA SER D 201 -5.75 23.85 0.79
C SER D 201 -6.04 25.32 0.60
N GLY D 202 -6.91 25.61 -0.35
CA GLY D 202 -7.25 26.99 -0.63
C GLY D 202 -6.69 27.41 -1.98
N VAL D 203 -5.94 26.52 -2.60
CA VAL D 203 -5.37 26.80 -3.92
C VAL D 203 -6.50 27.04 -4.91
N ASP D 204 -7.59 26.28 -4.77
CA ASP D 204 -8.71 26.44 -5.69
C ASP D 204 -9.27 27.86 -5.67
N ASN D 205 -9.71 28.32 -4.50
CA ASN D 205 -10.26 29.65 -4.43
C ASN D 205 -9.26 30.75 -4.74
N ALA D 206 -8.01 30.57 -4.33
CA ALA D 206 -6.99 31.58 -4.59
C ALA D 206 -6.83 31.78 -6.08
N VAL D 207 -6.89 30.68 -6.83
CA VAL D 207 -6.77 30.76 -8.27
C VAL D 207 -7.87 31.62 -8.86
N SER D 208 -9.13 31.28 -8.59
CA SER D 208 -10.27 32.04 -9.14
C SER D 208 -10.29 33.47 -8.63
N THR D 209 -9.85 33.67 -7.40
CA THR D 209 -9.82 35.02 -6.87
C THR D 209 -8.87 35.85 -7.73
N TRP D 210 -7.61 35.45 -7.76
CA TRP D 210 -6.61 36.18 -8.51
C TRP D 210 -6.44 35.84 -9.97
N GLY D 211 -6.64 34.58 -10.32
CA GLY D 211 -6.50 34.16 -11.70
C GLY D 211 -5.05 34.01 -12.10
N GLY D 212 -4.78 34.14 -13.38
CA GLY D 212 -3.41 34.02 -13.85
C GLY D 212 -2.83 32.65 -13.52
N ALA D 213 -1.62 32.65 -12.97
CA ALA D 213 -0.94 31.42 -12.61
C ALA D 213 -0.32 31.54 -11.24
N LEU D 214 -0.61 30.58 -10.37
CA LEU D 214 -0.10 30.55 -9.00
C LEU D 214 0.90 29.41 -8.74
N ARG D 215 1.65 29.54 -7.66
CA ARG D 215 2.65 28.58 -7.29
C ARG D 215 2.37 28.02 -5.90
N TYR D 216 1.92 26.77 -5.83
CA TYR D 216 1.63 26.12 -4.55
C TYR D 216 2.83 25.30 -4.10
N HIS D 217 3.24 25.46 -2.84
CA HIS D 217 4.38 24.73 -2.33
C HIS D 217 4.03 23.93 -1.07
N GLN D 218 4.83 24.11 -0.02
CA GLN D 218 4.62 23.39 1.24
C GLN D 218 3.44 23.86 2.07
N GLY D 219 2.34 24.19 1.42
CA GLY D 219 1.17 24.66 2.12
C GLY D 219 1.08 26.17 2.05
N LYS D 220 2.08 26.77 1.41
CA LYS D 220 2.14 28.22 1.24
C LYS D 220 1.82 28.51 -0.22
N ILE D 221 0.82 29.32 -0.48
CA ILE D 221 0.47 29.64 -1.86
C ILE D 221 1.22 30.91 -2.27
N SER D 222 1.29 31.17 -3.57
CA SER D 222 1.97 32.37 -4.07
C SER D 222 1.57 32.66 -5.51
N SER D 223 1.90 33.86 -5.97
CA SER D 223 1.51 34.24 -7.32
C SER D 223 2.69 34.55 -8.23
N LEU D 224 2.53 34.15 -9.50
CA LEU D 224 3.54 34.37 -10.52
C LEU D 224 3.30 35.75 -11.14
N LYS D 225 4.36 36.50 -11.35
CA LYS D 225 4.25 37.84 -11.92
C LYS D 225 4.10 37.84 -13.44
N ARG D 226 5.22 38.03 -14.13
CA ARG D 226 5.23 38.09 -15.58
C ARG D 226 4.25 37.11 -16.20
N SER D 227 4.09 35.95 -15.56
CA SER D 227 3.20 34.90 -16.02
C SER D 227 2.09 35.42 -16.92
N PRO D 228 2.15 35.11 -18.22
CA PRO D 228 1.17 35.54 -19.22
C PRO D 228 -0.05 34.62 -19.22
N ALA D 229 -0.52 34.27 -20.42
CA ALA D 229 -1.68 33.40 -20.57
C ALA D 229 -1.52 32.56 -21.83
N LEU D 230 -1.75 31.27 -21.71
CA LEU D 230 -1.61 30.37 -22.85
C LEU D 230 -2.93 29.81 -23.34
N GLN D 231 -2.97 29.40 -24.60
CA GLN D 231 -4.16 28.81 -25.21
C GLN D 231 -4.05 27.29 -25.19
N ILE D 232 -4.91 26.60 -24.46
CA ILE D 232 -4.82 25.15 -24.43
C ILE D 232 -5.99 24.45 -25.10
N LEU D 233 -6.17 23.19 -24.71
CA LEU D 233 -7.22 22.33 -25.23
C LEU D 233 -7.53 21.35 -24.13
N LEU D 234 -8.47 21.67 -23.25
CA LEU D 234 -8.81 20.78 -22.15
C LEU D 234 -9.60 19.56 -22.63
N THR D 235 -9.02 18.38 -22.42
CA THR D 235 -9.64 17.14 -22.85
C THR D 235 -10.11 16.28 -21.68
N ASN D 236 -11.39 15.92 -21.72
CA ASN D 236 -11.96 15.09 -20.66
C ASN D 236 -12.07 13.67 -21.17
N THR D 237 -11.28 12.78 -20.57
CA THR D 237 -11.26 11.37 -20.95
C THR D 237 -12.54 10.67 -20.52
N LYS D 238 -13.28 11.33 -19.64
CA LYS D 238 -14.53 10.79 -19.10
C LYS D 238 -14.30 9.44 -18.41
N VAL D 239 -13.09 9.27 -17.89
CA VAL D 239 -12.75 8.05 -17.17
C VAL D 239 -12.80 8.39 -15.67
N PRO D 240 -13.43 7.52 -14.88
CA PRO D 240 -13.54 7.74 -13.42
C PRO D 240 -12.27 7.32 -12.68
N ARG D 241 -11.80 8.16 -11.76
CA ARG D 241 -10.59 7.86 -11.01
C ARG D 241 -10.72 8.18 -9.51
N ASN D 242 -10.09 7.38 -8.67
CA ASN D 242 -10.17 7.59 -7.23
C ASN D 242 -8.97 8.35 -6.69
N THR D 243 -8.99 9.67 -6.86
CA THR D 243 -7.93 10.55 -6.40
C THR D 243 -7.16 10.10 -5.15
N ARG D 244 -7.85 9.69 -4.10
CA ARG D 244 -7.17 9.24 -2.89
C ARG D 244 -6.33 8.00 -3.16
N ALA D 245 -6.87 7.09 -3.95
CA ALA D 245 -6.19 5.84 -4.30
C ALA D 245 -4.92 6.16 -5.11
N LEU D 246 -5.06 7.01 -6.11
CA LEU D 246 -3.93 7.40 -6.94
C LEU D 246 -2.82 7.98 -6.08
N VAL D 247 -3.18 8.88 -5.17
CA VAL D 247 -2.19 9.51 -4.29
C VAL D 247 -1.48 8.49 -3.44
N ALA D 248 -2.14 7.36 -3.20
CA ALA D 248 -1.59 6.29 -2.37
C ALA D 248 -0.53 5.45 -3.10
N GLY D 249 -0.83 5.10 -4.35
CA GLY D 249 0.09 4.32 -5.13
C GLY D 249 1.42 5.02 -5.31
N VAL D 250 1.41 6.34 -5.13
CA VAL D 250 2.61 7.12 -5.25
C VAL D 250 3.30 7.16 -3.89
N ARG D 251 2.50 7.24 -2.84
CA ARG D 251 3.02 7.28 -1.48
C ARG D 251 3.84 6.03 -1.21
N ASN D 252 3.30 4.88 -1.61
CA ASN D 252 3.98 3.61 -1.40
C ASN D 252 5.16 3.43 -2.34
N ARG D 253 4.89 3.50 -3.65
CA ARG D 253 5.94 3.32 -4.63
C ARG D 253 7.19 4.10 -4.21
N LEU D 254 7.00 5.21 -3.52
CA LEU D 254 8.15 5.99 -3.06
C LEU D 254 8.91 5.26 -1.96
N LEU D 255 8.19 4.77 -0.97
CA LEU D 255 8.82 4.04 0.11
C LEU D 255 9.38 2.69 -0.38
N LYS D 256 8.59 1.98 -1.20
CA LYS D 256 9.00 0.70 -1.73
C LYS D 256 10.20 0.86 -2.64
N PHE D 257 10.40 2.07 -3.16
CA PHE D 257 11.50 2.35 -4.07
C PHE D 257 12.22 3.68 -3.81
N PRO D 258 12.75 3.86 -2.59
CA PRO D 258 13.45 5.08 -2.21
C PRO D 258 14.34 5.76 -3.26
N GLU D 259 15.44 5.11 -3.63
CA GLU D 259 16.36 5.72 -4.59
C GLU D 259 15.87 5.91 -6.02
N ILE D 260 14.76 5.27 -6.39
CA ILE D 260 14.26 5.43 -7.75
C ILE D 260 13.30 6.61 -7.87
N VAL D 261 12.27 6.60 -7.02
CA VAL D 261 11.27 7.64 -7.02
C VAL D 261 11.76 8.97 -6.48
N ALA D 262 12.37 8.96 -5.30
CA ALA D 262 12.86 10.21 -4.71
C ALA D 262 13.49 11.12 -5.74
N PRO D 263 14.51 10.63 -6.48
CA PRO D 263 15.11 11.51 -7.48
C PRO D 263 14.06 11.97 -8.47
N LEU D 264 13.22 11.03 -8.92
CA LEU D 264 12.16 11.29 -9.90
C LEU D 264 11.30 12.46 -9.44
N LEU D 265 10.93 12.45 -8.18
CA LEU D 265 10.13 13.52 -7.64
C LEU D 265 10.93 14.82 -7.80
N THR D 266 12.20 14.81 -7.42
CA THR D 266 13.04 15.99 -7.53
C THR D 266 12.97 16.48 -8.96
N SER D 267 13.17 15.55 -9.89
CA SER D 267 13.14 15.87 -11.31
C SER D 267 11.82 16.53 -11.70
N ILE D 268 10.71 16.02 -11.19
CA ILE D 268 9.40 16.60 -11.51
C ILE D 268 9.35 18.03 -10.99
N ASP D 269 9.98 18.25 -9.84
CA ASP D 269 10.04 19.55 -9.19
C ASP D 269 10.72 20.55 -10.11
N ALA D 270 11.94 20.20 -10.55
CA ALA D 270 12.71 21.06 -11.45
C ALA D 270 11.93 21.48 -12.69
N ILE D 271 10.96 20.65 -13.08
CA ILE D 271 10.15 20.99 -14.26
C ILE D 271 9.34 22.22 -13.93
N SER D 272 8.72 22.22 -12.75
CA SER D 272 7.90 23.34 -12.31
C SER D 272 8.76 24.60 -12.22
N LEU D 273 9.94 24.45 -11.60
CA LEU D 273 10.86 25.57 -11.45
C LEU D 273 11.31 26.07 -12.82
N GLU D 274 11.42 25.18 -13.80
CA GLU D 274 11.82 25.59 -15.14
C GLU D 274 10.65 26.23 -15.88
N CYS D 275 9.45 25.66 -15.75
CA CYS D 275 8.32 26.24 -16.44
C CYS D 275 8.13 27.67 -15.99
N GLU D 276 8.07 27.86 -14.69
CA GLU D 276 7.91 29.19 -14.13
C GLU D 276 8.82 30.14 -14.88
N ARG D 277 10.12 29.82 -14.87
CA ARG D 277 11.12 30.64 -15.53
C ARG D 277 10.64 31.09 -16.90
N VAL D 278 10.52 30.13 -17.81
CA VAL D 278 10.07 30.44 -19.16
C VAL D 278 8.89 31.40 -19.17
N LEU D 279 7.88 31.11 -18.35
CA LEU D 279 6.71 31.98 -18.28
C LEU D 279 7.15 33.36 -17.81
N GLY D 280 8.02 33.40 -16.83
CA GLY D 280 8.50 34.67 -16.32
C GLY D 280 9.38 35.37 -17.33
N GLU D 281 9.13 35.12 -18.61
CA GLU D 281 9.89 35.72 -19.69
C GLU D 281 8.95 35.89 -20.89
N MET D 282 7.91 35.09 -20.92
CA MET D 282 6.93 35.14 -21.99
C MET D 282 5.95 36.23 -21.62
N GLY D 283 5.95 36.59 -20.35
CA GLY D 283 5.05 37.63 -19.84
C GLY D 283 5.15 38.89 -20.67
N GLU D 284 6.22 39.00 -21.44
CA GLU D 284 6.45 40.14 -22.30
C GLU D 284 6.17 39.77 -23.77
N ALA D 285 7.13 39.09 -24.40
CA ALA D 285 6.98 38.67 -25.80
C ALA D 285 6.84 37.15 -25.93
N PRO D 286 6.17 36.70 -27.00
CA PRO D 286 5.97 35.27 -27.25
C PRO D 286 7.15 34.64 -28.01
N ALA D 287 8.25 34.39 -27.31
CA ALA D 287 9.42 33.79 -27.95
C ALA D 287 9.12 32.36 -28.35
N PRO D 288 9.00 32.10 -29.67
CA PRO D 288 8.70 30.77 -30.23
C PRO D 288 9.52 29.64 -29.60
N GLU D 289 10.72 29.96 -29.17
CA GLU D 289 11.60 28.99 -28.54
C GLU D 289 11.00 28.61 -27.20
N GLN D 290 10.47 29.61 -26.52
CA GLN D 290 9.87 29.42 -25.21
C GLN D 290 8.72 28.42 -25.26
N TYR D 291 7.93 28.47 -26.33
CA TYR D 291 6.79 27.55 -26.47
C TYR D 291 7.28 26.13 -26.77
N LEU D 292 8.34 26.02 -27.57
CA LEU D 292 8.85 24.69 -27.86
C LEU D 292 9.27 24.10 -26.53
N VAL D 293 9.96 24.91 -25.73
CA VAL D 293 10.43 24.51 -24.41
C VAL D 293 9.30 24.06 -23.47
N LEU D 294 8.17 24.74 -23.55
CA LEU D 294 7.02 24.41 -22.71
C LEU D 294 6.50 23.00 -23.00
N GLU D 295 6.24 22.72 -24.28
CA GLU D 295 5.74 21.42 -24.69
C GLU D 295 6.80 20.34 -24.45
N GLU D 296 8.06 20.72 -24.65
CA GLU D 296 9.19 19.83 -24.41
C GLU D 296 9.13 19.49 -22.93
N LEU D 297 8.62 20.44 -22.13
CA LEU D 297 8.48 20.27 -20.69
C LEU D 297 7.20 19.53 -20.33
N ILE D 298 6.18 19.70 -21.17
CA ILE D 298 4.92 19.02 -20.94
C ILE D 298 5.17 17.52 -21.04
N ASP D 299 5.88 17.13 -22.09
CA ASP D 299 6.22 15.72 -22.33
C ASP D 299 6.84 15.04 -21.12
N MET D 300 8.04 15.46 -20.76
CA MET D 300 8.76 14.89 -19.64
C MET D 300 7.89 14.69 -18.41
N ASN D 301 7.08 15.69 -18.09
CA ASN D 301 6.20 15.63 -16.93
C ASN D 301 5.18 14.51 -17.07
N GLN D 302 4.68 14.28 -18.28
CA GLN D 302 3.74 13.20 -18.47
C GLN D 302 4.47 11.91 -18.18
N HIS D 303 5.46 11.61 -19.01
CA HIS D 303 6.23 10.40 -18.83
C HIS D 303 6.58 10.22 -17.36
N HIS D 304 7.08 11.28 -16.71
CA HIS D 304 7.40 11.20 -15.29
C HIS D 304 6.19 10.73 -14.48
N LEU D 305 5.03 11.30 -14.78
CA LEU D 305 3.81 10.89 -14.09
C LEU D 305 3.54 9.41 -14.35
N ASN D 306 3.80 8.99 -15.57
CA ASN D 306 3.62 7.59 -15.93
C ASN D 306 4.59 6.78 -15.11
N ALA D 307 5.75 7.34 -14.82
CA ALA D 307 6.74 6.65 -14.02
C ALA D 307 6.21 6.41 -12.61
N LEU D 308 5.35 7.32 -12.15
CA LEU D 308 4.74 7.20 -10.82
C LEU D 308 3.52 6.30 -10.88
N GLY D 309 3.17 5.87 -12.08
CA GLY D 309 2.04 4.98 -12.26
C GLY D 309 0.71 5.60 -11.90
N VAL D 310 0.46 6.79 -12.43
CA VAL D 310 -0.80 7.47 -12.16
C VAL D 310 -1.35 7.83 -13.52
N GLY D 311 -0.86 7.13 -14.53
CA GLY D 311 -1.32 7.34 -15.90
C GLY D 311 -2.48 6.42 -16.27
N HIS D 312 -2.83 6.38 -17.55
CA HIS D 312 -3.92 5.54 -18.00
C HIS D 312 -4.03 5.46 -19.51
N ALA D 313 -4.64 4.38 -19.99
CA ALA D 313 -4.82 4.12 -21.41
C ALA D 313 -5.35 5.34 -22.14
N SER D 314 -6.42 5.91 -21.60
CA SER D 314 -7.06 7.09 -22.18
C SER D 314 -6.09 8.24 -22.37
N LEU D 315 -5.38 8.58 -21.30
CA LEU D 315 -4.40 9.67 -21.30
C LEU D 315 -3.31 9.38 -22.34
N ASP D 316 -2.91 8.12 -22.42
CA ASP D 316 -1.90 7.70 -23.39
C ASP D 316 -2.45 7.95 -24.77
N GLN D 317 -3.71 7.59 -24.96
CA GLN D 317 -4.36 7.79 -26.24
C GLN D 317 -4.48 9.29 -26.48
N LEU D 318 -4.80 10.03 -25.42
CA LEU D 318 -4.92 11.46 -25.54
C LEU D 318 -3.60 11.93 -26.12
N CYS D 319 -2.54 11.78 -25.33
CA CYS D 319 -1.20 12.21 -25.73
C CYS D 319 -0.75 11.74 -27.10
N GLN D 320 -1.32 10.65 -27.60
CA GLN D 320 -0.94 10.14 -28.91
C GLN D 320 -1.65 10.85 -30.04
N VAL D 321 -2.97 10.90 -29.94
CA VAL D 321 -3.80 11.54 -30.95
C VAL D 321 -3.31 12.94 -31.21
N THR D 322 -2.92 13.61 -30.13
CA THR D 322 -2.45 14.98 -30.22
C THR D 322 -0.99 15.13 -30.65
N ARG D 323 -0.17 14.12 -30.38
CA ARG D 323 1.25 14.16 -30.76
C ARG D 323 1.38 13.94 -32.27
N ALA D 324 0.39 13.24 -32.83
CA ALA D 324 0.36 12.95 -34.25
C ALA D 324 0.18 14.23 -35.06
N ARG D 325 -0.48 15.22 -34.48
CA ARG D 325 -0.70 16.50 -35.15
C ARG D 325 0.36 17.49 -34.67
N GLY D 326 1.28 17.02 -33.84
CA GLY D 326 2.31 17.90 -33.35
C GLY D 326 1.78 18.81 -32.26
N LEU D 327 0.91 18.26 -31.41
CA LEU D 327 0.32 19.00 -30.31
C LEU D 327 0.57 18.26 -29.00
N HIS D 328 1.44 18.81 -28.16
CA HIS D 328 1.78 18.16 -26.89
C HIS D 328 0.72 18.21 -25.80
N SER D 329 0.54 17.08 -25.12
CA SER D 329 -0.44 16.97 -24.04
C SER D 329 0.16 16.37 -22.78
N LYS D 330 -0.61 16.45 -21.70
CA LYS D 330 -0.20 15.89 -20.42
C LYS D 330 -1.42 15.83 -19.51
N LEU D 331 -1.53 14.77 -18.73
CA LEU D 331 -2.66 14.64 -17.82
C LEU D 331 -2.48 15.76 -16.81
N THR D 332 -3.57 16.13 -16.14
CA THR D 332 -3.56 17.20 -15.13
C THR D 332 -4.41 16.75 -13.96
N GLY D 333 -3.82 16.78 -12.77
CA GLY D 333 -4.56 16.37 -11.59
C GLY D 333 -4.15 15.02 -11.03
N ALA D 334 -5.14 14.23 -10.62
CA ALA D 334 -4.91 12.92 -10.02
C ALA D 334 -4.38 11.93 -11.04
N GLY D 335 -4.80 12.09 -12.29
CA GLY D 335 -4.39 11.19 -13.34
C GLY D 335 -5.32 10.00 -13.34
N GLY D 336 -4.82 8.84 -13.76
CA GLY D 336 -5.65 7.65 -13.79
C GLY D 336 -6.96 7.88 -14.49
N GLY D 337 -7.01 8.96 -15.27
CA GLY D 337 -8.21 9.31 -15.98
C GLY D 337 -8.37 10.82 -15.92
N GLY D 338 -9.57 11.29 -15.62
CA GLY D 338 -9.79 12.71 -15.53
C GLY D 338 -9.52 13.49 -16.80
N CYS D 339 -9.02 14.71 -16.65
CA CYS D 339 -8.75 15.54 -17.81
C CYS D 339 -7.28 15.68 -18.15
N GLY D 340 -7.03 16.24 -19.33
CA GLY D 340 -5.68 16.44 -19.78
C GLY D 340 -5.46 17.88 -20.21
N ILE D 341 -4.31 18.15 -20.79
CA ILE D 341 -3.97 19.50 -21.23
C ILE D 341 -3.22 19.37 -22.55
N THR D 342 -3.51 20.27 -23.49
CA THR D 342 -2.81 20.29 -24.77
C THR D 342 -2.43 21.73 -25.04
N LEU D 343 -1.15 21.98 -25.26
CA LEU D 343 -0.67 23.33 -25.51
C LEU D 343 -0.82 23.69 -26.98
N LEU D 344 -1.42 24.85 -27.23
CA LEU D 344 -1.60 25.31 -28.60
C LEU D 344 -0.76 26.56 -28.77
N LYS D 345 0.16 26.52 -29.73
CA LYS D 345 1.04 27.65 -29.97
C LYS D 345 0.49 28.63 -31.02
N PRO D 346 1.00 29.87 -31.01
CA PRO D 346 0.61 30.96 -31.91
C PRO D 346 0.93 30.82 -33.41
N GLY D 347 0.49 29.74 -34.04
CA GLY D 347 0.77 29.60 -35.46
C GLY D 347 0.15 28.41 -36.18
N LEU D 348 -0.79 27.74 -35.51
CA LEU D 348 -1.45 26.59 -36.09
C LEU D 348 -2.70 26.95 -36.87
N GLU D 349 -3.11 26.07 -37.77
CA GLU D 349 -4.30 26.29 -38.60
C GLU D 349 -5.59 25.79 -37.97
N GLN D 350 -6.62 26.63 -38.01
CA GLN D 350 -7.93 26.32 -37.43
C GLN D 350 -8.45 24.91 -37.73
N PRO D 351 -8.61 24.56 -39.02
CA PRO D 351 -9.10 23.21 -39.33
C PRO D 351 -8.18 22.11 -38.80
N GLU D 352 -6.89 22.43 -38.69
CA GLU D 352 -5.90 21.47 -38.19
C GLU D 352 -6.10 21.27 -36.69
N VAL D 353 -6.07 22.37 -35.94
CA VAL D 353 -6.25 22.31 -34.50
C VAL D 353 -7.70 21.95 -34.20
N GLU D 354 -8.55 22.01 -35.23
CA GLU D 354 -9.95 21.65 -35.11
C GLU D 354 -10.04 20.17 -35.43
N ALA D 355 -9.15 19.73 -36.31
CA ALA D 355 -9.10 18.33 -36.70
C ALA D 355 -8.75 17.50 -35.46
N THR D 356 -7.87 18.02 -34.63
CA THR D 356 -7.46 17.33 -33.42
C THR D 356 -8.63 17.22 -32.45
N LYS D 357 -9.20 18.36 -32.09
CA LYS D 357 -10.35 18.41 -31.18
C LYS D 357 -11.37 17.38 -31.62
N GLN D 358 -11.54 17.31 -32.93
CA GLN D 358 -12.49 16.40 -33.55
C GLN D 358 -12.24 14.95 -33.15
N ALA D 359 -11.16 14.38 -33.67
CA ALA D 359 -10.81 13.00 -33.39
C ALA D 359 -10.80 12.66 -31.91
N LEU D 360 -10.32 13.58 -31.08
CA LEU D 360 -10.29 13.33 -29.66
C LEU D 360 -11.69 12.96 -29.23
N THR D 361 -12.66 13.61 -29.85
CA THR D 361 -14.06 13.34 -29.53
C THR D 361 -14.41 11.89 -29.85
N SER D 362 -14.04 11.44 -31.04
CA SER D 362 -14.29 10.06 -31.46
C SER D 362 -13.78 9.06 -30.42
N CYS D 363 -12.75 9.44 -29.68
CA CYS D 363 -12.23 8.56 -28.65
C CYS D 363 -13.20 8.63 -27.47
N GLY D 364 -14.35 9.25 -27.71
CA GLY D 364 -15.38 9.37 -26.68
C GLY D 364 -14.97 10.37 -25.62
N PHE D 365 -14.22 11.39 -26.04
CA PHE D 365 -13.75 12.40 -25.10
C PHE D 365 -14.49 13.72 -25.20
N ASP D 366 -14.26 14.56 -24.19
CA ASP D 366 -14.85 15.88 -24.16
C ASP D 366 -13.70 16.84 -24.33
N CYS D 367 -13.63 17.43 -25.51
CA CYS D 367 -12.57 18.36 -25.84
C CYS D 367 -13.15 19.75 -26.07
N LEU D 368 -12.67 20.70 -25.29
CA LEU D 368 -13.11 22.08 -25.41
C LEU D 368 -11.86 22.90 -25.60
N GLU D 369 -11.90 23.87 -26.51
CA GLU D 369 -10.74 24.73 -26.72
C GLU D 369 -10.89 25.95 -25.83
N THR D 370 -10.23 25.96 -24.68
CA THR D 370 -10.30 27.08 -23.77
C THR D 370 -8.95 27.79 -23.77
N SER D 371 -8.59 28.37 -22.63
CA SER D 371 -7.30 29.04 -22.46
C SER D 371 -6.88 28.90 -21.01
N ILE D 372 -5.63 29.22 -20.73
CA ILE D 372 -5.11 29.08 -19.37
C ILE D 372 -4.38 30.35 -18.90
N GLY D 373 -4.53 30.67 -17.62
CA GLY D 373 -3.90 31.85 -17.07
C GLY D 373 -4.80 33.07 -17.13
N ALA D 374 -6.08 32.82 -17.39
CA ALA D 374 -7.11 33.86 -17.49
C ALA D 374 -7.05 34.89 -16.36
N PRO D 375 -7.85 35.97 -16.48
CA PRO D 375 -7.94 37.06 -15.50
C PRO D 375 -8.18 36.66 -14.06
N GLY D 376 -9.45 36.44 -13.71
CA GLY D 376 -9.79 36.09 -12.34
C GLY D 376 -11.17 36.62 -11.98
N VAL D 377 -11.47 36.71 -10.68
CA VAL D 377 -12.77 37.20 -10.24
C VAL D 377 -13.08 38.55 -10.90
N SER D 378 -14.28 38.69 -11.46
CA SER D 378 -14.65 39.95 -12.12
C SER D 378 -16.16 40.13 -12.27
N ILE D 379 -16.57 41.38 -12.50
CA ILE D 379 -17.97 41.71 -12.71
C ILE D 379 -18.09 42.27 -14.12
N HIS D 380 -19.21 41.98 -14.79
CA HIS D 380 -19.39 42.40 -16.16
C HIS D 380 -20.42 43.49 -16.40
N SER D 381 -20.88 43.59 -17.64
CA SER D 381 -21.84 44.64 -17.99
C SER D 381 -23.07 44.25 -18.80
N ALA D 382 -23.43 42.98 -18.84
CA ALA D 382 -24.60 42.56 -19.61
C ALA D 382 -24.55 43.10 -21.04
N THR D 383 -23.36 43.54 -21.44
CA THR D 383 -23.12 44.08 -22.78
C THR D 383 -21.84 43.42 -23.28
N SER D 384 -20.98 43.08 -22.31
CA SER D 384 -19.70 42.43 -22.56
C SER D 384 -19.92 40.92 -22.58
N LEU D 385 -21.06 40.50 -22.04
CA LEU D 385 -21.43 39.10 -21.99
C LEU D 385 -21.15 38.39 -23.31
N ASP D 386 -20.86 37.10 -23.21
CA ASP D 386 -20.59 36.30 -24.39
C ASP D 386 -21.92 36.17 -25.13
N SER D 387 -22.95 36.78 -24.56
CA SER D 387 -24.30 36.79 -25.12
C SER D 387 -24.78 35.44 -25.64
N ARG D 388 -25.82 35.51 -26.48
CA ARG D 388 -26.42 34.32 -27.07
C ARG D 388 -26.58 33.31 -25.94
N VAL D 389 -26.11 32.09 -26.19
CA VAL D 389 -26.17 31.01 -25.22
C VAL D 389 -25.65 31.41 -23.84
N GLN D 390 -24.98 32.56 -23.76
CA GLN D 390 -24.42 33.05 -22.50
C GLN D 390 -25.47 33.56 -21.50
N GLN D 391 -25.77 34.86 -21.56
CA GLN D 391 -26.74 35.47 -20.66
C GLN D 391 -28.06 34.71 -20.64
N ALA D 392 -28.37 34.00 -21.72
CA ALA D 392 -29.61 33.24 -21.82
C ALA D 392 -29.80 32.34 -20.62
N LEU D 393 -28.70 31.98 -19.95
CA LEU D 393 -28.76 31.10 -18.80
C LEU D 393 -28.94 31.83 -17.49
N ASP D 394 -28.66 33.13 -17.48
CA ASP D 394 -28.81 33.90 -16.25
C ASP D 394 -30.23 34.49 -16.12
N GLY D 395 -31.03 34.35 -17.17
CA GLY D 395 -32.39 34.87 -17.13
C GLY D 395 -33.34 34.07 -17.99
#